data_6CHG
#
_entry.id   6CHG
#
_cell.length_a   163.839
_cell.length_b   138.319
_cell.length_c   136.133
_cell.angle_alpha   90.00
_cell.angle_beta   112.41
_cell.angle_gamma   90.00
#
_symmetry.space_group_name_H-M   'C 1 2 1'
#
loop_
_entity.id
_entity.type
_entity.pdbx_description
1 polymer KLLA0E24487p
2 polymer KLLA0C10945p
3 polymer 'Histone-lysine N-methyltransferase, H3 lysine-4 specific'
4 polymer KLLA0A08800p
5 polymer KLLA0E03521p
6 polymer H3
7 non-polymer S-ADENOSYLMETHIONINE
8 non-polymer 'ZINC ION'
9 water water
#
loop_
_entity_poly.entity_id
_entity_poly.type
_entity_poly.pdbx_seq_one_letter_code
_entity_poly.pdbx_strand_id
1 'polypeptide(L)'
;MLQFDKQVLPASGKISTSCQISPDGELIAICQNTDMLVYEISSSKMMKLTTTHKECINCLCWSPDSKCIASGSEDFTVEI
THIIYGRIRRLMGHTAPVISICYNNKGNILCSSSMDESIKEWHVLSGTALKTMSAHSDAVVSIDIPKFDSSILSSGSYDG
LIRIFDTESGHCLKTLTYDKDWIAEDGVVPISTVKFSRNGKFLLVKSLDNVVKLWEYTRGTVVRTFLWPHQETKAKLKYN
CGLELIYPQGKDPLVISGNDSGSMCVWNVYSKNLVQKIDEKHRNSPLISISASYDKVATLSLNGECNLFRVH
;
A
2 'polypeptide(L)'
;MSVPVIPYLDYDIVDLGSDIKKPDFPQLSESHRINEQQYYITEDTPLNKRNFMYQPCAANLMLDKLKYCGTDYFDKSSIN
LMDRSDKLAFSLDDHSVSVSENCGWRSVRSDVCMKEGKIYWEVEVKNVSDTSHIRCGISRREASTETPVGCDFYGYSIRD
KGLQVIHEGRLHTVLKPHEMQAGDRIGFLLTLPSLQSQSEQAMDYSLKRIQELNNDDSRTNKRNKKFNKEFYKFLLRSCE
PTNVVRDQIAIRYKNQLFYESTDYVKTTKPEYYDNRDDMQKFYELENSSFEVFVNGVSHGIAFEGLTPFLPPFSELQYNE
KFYLHHWNKRNVTKGIEIRNKYVNNNRLGYYATLSSFQGGTASIITEAMELKFLPKDVDIKTLNDIYNEQIASDIVWDLI
DEIDT
;
B
3 'polypeptide(L)'
;LSLNQLTKRKKPVTFARSAIHNWGLYALEPIAAKEMIIEYVGESIRQPVAEMREKRYIKSGIGSSYLFRIDENTVIDATK
RGGIARFINHCCEPSCTAKIIKVDGRKRIVIYALRDIGTNEELTYDYKFERETDEGERLPCLCGAPSCKGFLN
;
C
4 'polypeptide(L)'
;MANLLLQDPFGVLKEYPEKLTHTLEVPVAAVCVKFSPRGDYLAVGCSNGAIIIYDMDSLKPIAMLGTHSGAHTRSVQSVC
WSNDGRYLWSSGRDWYAKLWDMTQPTKCFQQYKFDGPLWSCHVVRWNVCIVTVVEEPTAYVLTLTDRQNAFHCFPLLEQD
QDISGHGYTLVACPHPTIESIIITGTSKGWINAFQLDLESGFEDKIRCCYEEKIANANIKQIIISPSGTRIAINGSDRTI
RQYQLIVEDNESEGGSSHSVSIELEHKYQDIINRLQWNTIFFSNHSGEYLVASAHGSSAHDLYLWETSSGSLVRVLEGAD
EELLDIDWNFYSMRIASNGFESGWVYMWSIVIPPKWSALAPDFEEVEENIDYQEKENEFDIMDDDNNLQAMTEAEEIAID
LCTPEKYDVRGNDISMPSFVIPIDYEGVIIQQHWAHQEQ
;
D
5 'polypeptide(L)' DRVDPVAMIGGSTTRRYLNEHVTKHLLEGMKLIAREKPEDPLRVLGQFLIDASEMNQKPSS E,F
6 'polypeptide(L)' RTMQ J
#
loop_
_chem_comp.id
_chem_comp.type
_chem_comp.name
_chem_comp.formula
SAM non-polymer S-ADENOSYLMETHIONINE 'C15 H22 N6 O5 S'
ZN non-polymer 'ZINC ION' 'Zn 2'
#
# COMPACT_ATOMS: atom_id res chain seq x y z
N MET A 1 27.63 21.24 28.90
CA MET A 1 27.50 22.70 28.85
C MET A 1 28.56 23.29 27.92
N LEU A 2 28.38 24.57 27.58
CA LEU A 2 29.31 25.27 26.70
C LEU A 2 29.64 26.63 27.30
N GLN A 3 30.93 26.91 27.44
CA GLN A 3 31.36 28.26 27.75
C GLN A 3 31.39 29.08 26.46
N PHE A 4 31.79 30.34 26.58
CA PHE A 4 31.94 31.23 25.44
C PHE A 4 33.43 31.54 25.25
N ASP A 5 33.92 31.32 24.03
CA ASP A 5 35.33 31.51 23.74
C ASP A 5 35.57 32.84 23.02
N LYS A 6 35.17 32.93 21.76
CA LYS A 6 35.46 34.11 20.94
C LYS A 6 34.29 34.44 20.03
N GLN A 7 33.88 35.70 20.04
CA GLN A 7 33.09 36.23 18.93
C GLN A 7 33.96 36.23 17.67
N VAL A 8 33.30 36.20 16.51
CA VAL A 8 34.03 36.11 15.26
C VAL A 8 33.65 37.19 14.24
N LEU A 9 32.48 37.83 14.34
CA LEU A 9 32.14 38.86 13.37
C LEU A 9 31.12 39.81 13.98
N PRO A 10 31.07 41.06 13.50
CA PRO A 10 30.01 41.97 13.92
C PRO A 10 28.71 41.71 13.17
N ALA A 11 27.64 42.37 13.62
CA ALA A 11 26.31 42.12 13.08
C ALA A 11 26.10 42.79 11.72
N SER A 12 26.57 44.02 11.57
CA SER A 12 26.25 44.79 10.37
C SER A 12 26.68 44.05 9.12
N GLY A 13 26.08 44.44 7.99
CA GLY A 13 26.48 43.94 6.70
C GLY A 13 25.39 43.22 5.94
N LYS A 14 25.79 42.37 4.99
CA LYS A 14 24.84 41.65 4.17
C LYS A 14 24.24 40.47 4.92
N ILE A 15 23.63 39.54 4.20
CA ILE A 15 23.06 38.34 4.81
C ILE A 15 24.17 37.39 5.19
N SER A 16 23.94 36.58 6.21
CA SER A 16 24.84 35.49 6.61
C SER A 16 23.97 34.26 6.80
N THR A 17 23.79 33.49 5.73
CA THR A 17 22.81 32.41 5.73
C THR A 17 23.34 31.12 6.35
N SER A 18 24.65 30.86 6.24
CA SER A 18 25.18 29.54 6.59
C SER A 18 26.53 29.69 7.28
N CYS A 19 26.93 28.61 7.96
CA CYS A 19 28.21 28.57 8.66
C CYS A 19 28.53 27.14 9.08
N GLN A 20 29.71 26.65 8.72
CA GLN A 20 30.09 25.29 9.04
C GLN A 20 31.59 25.21 9.28
N ILE A 21 31.97 24.47 10.32
CA ILE A 21 33.37 24.16 10.56
C ILE A 21 33.82 23.07 9.61
N SER A 22 35.08 23.11 9.22
CA SER A 22 35.62 22.09 8.34
C SER A 22 35.74 20.76 9.08
N PRO A 23 35.67 19.64 8.35
CA PRO A 23 35.76 18.33 9.04
C PRO A 23 36.99 18.18 9.92
N ASP A 24 38.11 18.83 9.59
CA ASP A 24 39.29 18.75 10.43
C ASP A 24 39.22 19.68 11.63
N GLY A 25 38.31 20.64 11.65
CA GLY A 25 38.06 21.43 12.84
C GLY A 25 39.10 22.48 13.16
N GLU A 26 39.60 23.19 12.14
CA GLU A 26 40.55 24.29 12.34
C GLU A 26 40.08 25.56 11.67
N LEU A 27 39.26 25.44 10.62
CA LEU A 27 38.82 26.59 9.84
C LEU A 27 37.30 26.67 9.89
N ILE A 28 36.77 27.89 9.97
CA ILE A 28 35.34 28.13 10.02
C ILE A 28 34.98 28.94 8.78
N ALA A 29 34.04 28.44 7.99
CA ALA A 29 33.59 29.12 6.77
C ALA A 29 32.26 29.81 7.07
N ILE A 30 32.22 31.12 6.83
CA ILE A 30 31.00 31.92 6.91
C ILE A 30 30.75 32.53 5.53
N CYS A 31 29.49 32.77 5.22
CA CYS A 31 29.09 33.33 3.94
C CYS A 31 28.47 34.71 4.15
N GLN A 32 28.63 35.56 3.13
CA GLN A 32 27.98 36.85 3.06
C GLN A 32 27.32 36.91 1.68
N ASN A 33 26.82 38.08 1.32
CA ASN A 33 26.30 38.26 -0.03
C ASN A 33 27.41 37.99 -1.03
N THR A 34 27.33 36.84 -1.71
CA THR A 34 28.28 36.45 -2.77
C THR A 34 29.74 36.62 -2.34
N ASP A 35 30.01 36.47 -1.05
CA ASP A 35 31.38 36.41 -0.54
C ASP A 35 31.45 35.30 0.50
N MET A 36 32.68 34.87 0.79
CA MET A 36 32.90 33.72 1.66
C MET A 36 34.15 33.95 2.50
N LEU A 37 34.04 33.70 3.80
CA LEU A 37 35.07 34.02 4.77
C LEU A 37 35.46 32.76 5.53
N VAL A 38 36.70 32.33 5.38
CA VAL A 38 37.26 31.24 6.18
C VAL A 38 38.12 31.84 7.29
N TYR A 39 38.06 31.24 8.47
CA TYR A 39 38.65 31.82 9.69
C TYR A 39 39.41 30.71 10.42
N GLU A 40 40.73 30.75 10.33
CA GLU A 40 41.55 29.81 11.11
C GLU A 40 41.42 30.14 12.59
N ILE A 41 41.07 29.15 13.39
CA ILE A 41 40.81 29.38 14.80
C ILE A 41 42.10 29.37 15.63
N SER A 42 43.09 28.56 15.24
CA SER A 42 44.36 28.53 15.95
C SER A 42 44.98 29.91 16.02
N SER A 43 44.93 30.66 14.92
CA SER A 43 45.56 31.97 14.81
C SER A 43 44.56 33.12 14.83
N SER A 44 43.28 32.85 14.62
CA SER A 44 42.24 33.88 14.56
C SER A 44 42.42 34.81 13.37
N LYS A 45 43.15 34.36 12.34
CA LYS A 45 43.18 35.11 11.10
C LYS A 45 41.92 34.84 10.28
N MET A 46 41.60 35.78 9.39
CA MET A 46 40.45 35.64 8.51
C MET A 46 40.88 35.86 7.07
N MET A 47 40.41 34.98 6.19
CA MET A 47 40.73 35.03 4.77
C MET A 47 39.44 35.27 3.99
N LYS A 48 39.54 36.06 2.92
CA LYS A 48 38.40 36.40 2.08
C LYS A 48 38.52 35.66 0.76
N LEU A 49 37.52 34.86 0.43
CA LEU A 49 37.40 34.20 -0.86
C LEU A 49 36.17 34.72 -1.57
N THR A 50 36.34 35.16 -2.82
CA THR A 50 35.23 35.69 -3.61
C THR A 50 34.78 34.65 -4.62
N THR A 51 33.47 34.50 -4.75
CA THR A 51 32.86 33.57 -5.69
C THR A 51 32.19 34.36 -6.82
N THR A 52 31.87 33.65 -7.90
CA THR A 52 31.22 34.26 -9.04
C THR A 52 29.69 34.15 -8.97
N HIS A 53 29.13 33.82 -7.81
CA HIS A 53 27.70 33.90 -7.62
C HIS A 53 27.22 35.32 -7.93
N LYS A 54 26.12 35.43 -8.66
CA LYS A 54 25.58 36.73 -9.03
C LYS A 54 24.39 37.13 -8.16
N GLU A 55 24.09 36.38 -7.11
CA GLU A 55 23.06 36.77 -6.16
C GLU A 55 23.35 36.08 -4.83
N CYS A 56 22.68 36.56 -3.78
CA CYS A 56 22.93 36.09 -2.43
C CYS A 56 22.95 34.56 -2.38
N ILE A 57 23.72 34.02 -1.44
CA ILE A 57 23.89 32.59 -1.31
C ILE A 57 23.30 32.12 0.01
N ASN A 58 22.83 30.86 0.02
CA ASN A 58 22.00 30.37 1.11
C ASN A 58 22.58 29.19 1.87
N CYS A 59 23.61 28.51 1.36
CA CYS A 59 24.08 27.29 2.01
C CYS A 59 25.55 27.04 1.70
N LEU A 60 26.20 26.30 2.60
CA LEU A 60 27.61 25.97 2.48
C LEU A 60 27.81 24.49 2.82
N CYS A 61 28.98 23.98 2.43
CA CYS A 61 29.37 22.64 2.84
C CYS A 61 30.85 22.40 2.52
N TRP A 62 31.61 21.95 3.51
CA TRP A 62 33.00 21.59 3.29
C TRP A 62 33.11 20.23 2.62
N SER A 63 34.09 20.09 1.74
CA SER A 63 34.46 18.77 1.25
C SER A 63 35.16 18.00 2.37
N PRO A 64 35.00 16.69 2.43
CA PRO A 64 35.59 15.92 3.55
C PRO A 64 37.08 16.16 3.74
N ASP A 65 37.83 16.40 2.66
CA ASP A 65 39.26 16.65 2.81
C ASP A 65 39.57 18.08 3.25
N SER A 66 38.55 18.91 3.47
CA SER A 66 38.71 20.22 4.09
C SER A 66 39.50 21.20 3.20
N LYS A 67 39.41 21.04 1.88
CA LYS A 67 40.10 21.93 0.96
C LYS A 67 39.16 22.67 0.00
N CYS A 68 37.90 22.27 -0.09
CA CYS A 68 36.92 22.94 -0.93
C CYS A 68 35.78 23.46 -0.07
N ILE A 69 34.97 24.32 -0.67
CA ILE A 69 33.73 24.80 -0.06
C ILE A 69 32.70 24.94 -1.18
N ALA A 70 31.62 24.16 -1.08
CA ALA A 70 30.52 24.25 -2.03
C ALA A 70 29.51 25.28 -1.54
N SER A 71 29.01 26.09 -2.47
CA SER A 71 28.10 27.18 -2.15
C SER A 71 26.94 27.18 -3.14
N GLY A 72 25.73 27.30 -2.62
CA GLY A 72 24.53 27.39 -3.45
C GLY A 72 23.88 28.74 -3.25
N SER A 73 23.34 29.29 -4.33
CA SER A 73 22.90 30.68 -4.33
C SER A 73 21.53 30.84 -4.97
N GLU A 74 21.01 32.07 -4.88
CA GLU A 74 19.68 32.38 -5.36
C GLU A 74 19.59 32.35 -6.88
N ASP A 75 20.71 32.56 -7.58
CA ASP A 75 20.73 32.55 -9.04
C ASP A 75 20.74 31.13 -9.61
N PHE A 76 20.38 30.13 -8.82
CA PHE A 76 20.10 28.77 -9.25
C PHE A 76 21.35 27.93 -9.44
N THR A 77 22.52 28.38 -8.99
CA THR A 77 23.77 27.67 -9.29
C THR A 77 24.46 27.21 -8.01
N VAL A 78 25.32 26.21 -8.17
CA VAL A 78 26.19 25.70 -7.12
C VAL A 78 27.63 25.79 -7.62
N GLU A 79 28.56 26.06 -6.71
CA GLU A 79 29.96 26.20 -7.07
C GLU A 79 30.84 25.57 -6.00
N ILE A 80 31.72 24.67 -6.41
CA ILE A 80 32.79 24.18 -5.56
C ILE A 80 33.95 25.14 -5.69
N THR A 81 34.51 25.57 -4.55
CA THR A 81 35.60 26.54 -4.52
C THR A 81 36.73 25.98 -3.67
N HIS A 82 37.91 25.84 -4.28
CA HIS A 82 39.10 25.45 -3.55
C HIS A 82 39.61 26.66 -2.77
N ILE A 83 39.79 26.50 -1.45
CA ILE A 83 40.19 27.61 -0.60
C ILE A 83 41.44 28.28 -1.14
N ILE A 84 42.31 27.52 -1.79
CA ILE A 84 43.57 28.06 -2.30
C ILE A 84 43.40 28.45 -3.76
N TYR A 85 43.21 27.46 -4.63
CA TYR A 85 43.23 27.66 -6.08
C TYR A 85 41.93 28.26 -6.62
N GLY A 86 41.05 28.76 -5.77
CA GLY A 86 39.85 29.44 -6.24
C GLY A 86 38.77 28.47 -6.70
N ARG A 87 37.85 29.01 -7.49
CA ARG A 87 36.72 28.23 -7.98
C ARG A 87 37.19 27.21 -9.00
N ILE A 88 36.68 25.98 -8.88
CA ILE A 88 37.11 24.89 -9.75
C ILE A 88 35.96 24.37 -10.61
N ARG A 89 34.73 24.44 -10.10
CA ARG A 89 33.58 23.93 -10.84
C ARG A 89 32.35 24.81 -10.60
N ARG A 90 31.46 24.80 -11.59
CA ARG A 90 30.19 25.54 -11.56
C ARG A 90 29.15 24.67 -12.25
N LEU A 91 28.08 24.34 -11.53
CA LEU A 91 27.28 23.16 -11.89
C LEU A 91 26.10 23.49 -12.80
N MET A 92 25.32 24.51 -12.47
CA MET A 92 24.29 25.03 -13.38
C MET A 92 23.07 24.27 -13.89
N GLY A 93 22.60 23.33 -13.08
CA GLY A 93 21.34 22.68 -13.36
C GLY A 93 19.99 23.11 -12.84
N HIS A 94 19.98 23.55 -11.57
CA HIS A 94 18.73 23.93 -10.94
C HIS A 94 18.06 25.07 -11.70
N THR A 95 16.73 25.12 -11.59
CA THR A 95 15.93 26.19 -12.18
C THR A 95 15.35 27.10 -11.10
N ALA A 96 15.88 27.04 -9.89
CA ALA A 96 15.37 27.81 -8.77
C ALA A 96 16.45 27.89 -7.70
N PRO A 97 16.30 28.77 -6.72
CA PRO A 97 17.38 28.96 -5.73
C PRO A 97 17.82 27.65 -5.09
N VAL A 98 19.11 27.57 -4.79
CA VAL A 98 19.69 26.43 -4.08
C VAL A 98 19.71 26.74 -2.59
N ILE A 99 19.11 25.85 -1.79
CA ILE A 99 18.86 26.15 -0.39
C ILE A 99 19.69 25.25 0.52
N SER A 100 19.96 24.02 0.07
CA SER A 100 20.72 23.08 0.88
C SER A 100 21.60 22.22 -0.01
N ILE A 101 22.81 21.93 0.46
CA ILE A 101 23.74 21.05 -0.25
C ILE A 101 24.46 20.19 0.78
N CYS A 102 24.94 19.04 0.33
CA CYS A 102 25.68 18.13 1.19
C CYS A 102 26.64 17.31 0.34
N TYR A 103 27.88 17.21 0.82
CA TYR A 103 28.89 16.45 0.11
C TYR A 103 28.69 14.95 0.32
N ASN A 104 29.54 14.16 -0.32
CA ASN A 104 29.56 12.71 -0.12
C ASN A 104 30.56 12.39 0.99
N ASN A 105 30.67 11.10 1.31
CA ASN A 105 31.70 10.68 2.26
C ASN A 105 33.08 10.72 1.64
N LYS A 106 33.19 10.36 0.36
CA LYS A 106 34.46 10.35 -0.33
C LYS A 106 34.77 11.67 -1.03
N GLY A 107 33.81 12.59 -1.07
CA GLY A 107 34.04 13.90 -1.67
C GLY A 107 34.01 13.92 -3.18
N ASN A 108 33.56 12.84 -3.81
CA ASN A 108 33.45 12.77 -5.27
C ASN A 108 32.07 13.19 -5.77
N ILE A 109 31.05 13.16 -4.91
CA ILE A 109 29.70 13.51 -5.30
C ILE A 109 29.15 14.56 -4.35
N LEU A 110 28.29 15.42 -4.87
CA LEU A 110 27.73 16.53 -4.12
C LEU A 110 26.26 16.64 -4.46
N CYS A 111 25.39 16.47 -3.47
CA CYS A 111 23.95 16.60 -3.64
C CYS A 111 23.52 18.00 -3.23
N SER A 112 22.56 18.57 -3.97
CA SER A 112 22.12 19.94 -3.74
C SER A 112 20.62 20.02 -3.99
N SER A 113 19.86 20.25 -2.93
CA SER A 113 18.43 20.44 -3.04
C SER A 113 18.12 21.91 -3.33
N SER A 114 16.93 22.16 -3.86
CA SER A 114 16.56 23.48 -4.34
C SER A 114 15.09 23.75 -4.05
N MET A 115 14.62 24.91 -4.53
CA MET A 115 13.22 25.27 -4.41
C MET A 115 12.41 24.84 -5.63
N ASP A 116 13.05 24.35 -6.68
CA ASP A 116 12.31 23.71 -7.76
C ASP A 116 11.80 22.33 -7.38
N GLU A 117 11.89 21.98 -6.10
CA GLU A 117 11.32 20.76 -5.53
C GLU A 117 12.12 19.52 -5.93
N SER A 118 13.30 19.69 -6.51
CA SER A 118 14.13 18.58 -6.95
C SER A 118 15.32 18.41 -6.03
N ILE A 119 16.00 17.27 -6.18
CA ILE A 119 17.24 16.97 -5.49
C ILE A 119 18.19 16.37 -6.50
N LYS A 120 19.29 17.06 -6.78
CA LYS A 120 20.15 16.73 -7.92
C LYS A 120 21.50 16.25 -7.43
N GLU A 121 21.99 15.16 -8.02
CA GLU A 121 23.28 14.59 -7.70
C GLU A 121 24.32 15.08 -8.70
N TRP A 122 25.48 15.48 -8.18
CA TRP A 122 26.55 16.03 -9.00
C TRP A 122 27.84 15.24 -8.77
N HIS A 123 28.47 14.81 -9.86
CA HIS A 123 29.81 14.22 -9.78
C HIS A 123 30.83 15.36 -9.80
N VAL A 124 31.57 15.50 -8.70
CA VAL A 124 32.50 16.61 -8.55
C VAL A 124 33.56 16.57 -9.63
N LEU A 125 34.28 15.44 -9.71
CA LEU A 125 35.50 15.39 -10.54
C LEU A 125 35.20 15.65 -12.01
N SER A 126 33.99 15.35 -12.48
CA SER A 126 33.61 15.66 -13.86
C SER A 126 32.54 16.74 -13.95
N GLY A 127 32.08 17.29 -12.83
CA GLY A 127 31.18 18.42 -12.83
C GLY A 127 29.92 18.23 -13.68
N THR A 128 29.42 17.00 -13.76
CA THR A 128 28.22 16.70 -14.52
C THR A 128 27.17 16.12 -13.59
N ALA A 129 25.90 16.31 -13.96
CA ALA A 129 24.79 15.83 -13.15
C ALA A 129 24.56 14.34 -13.36
N LEU A 130 24.19 13.64 -12.29
CA LEU A 130 23.93 12.21 -12.34
C LEU A 130 22.46 11.87 -12.19
N LYS A 131 21.79 12.42 -11.19
CA LYS A 131 20.40 12.09 -10.90
C LYS A 131 19.60 13.35 -10.63
N THR A 132 18.27 13.20 -10.70
CA THR A 132 17.33 14.25 -10.34
C THR A 132 16.13 13.57 -9.70
N MET A 133 16.01 13.69 -8.38
CA MET A 133 14.94 13.03 -7.62
C MET A 133 13.88 14.09 -7.32
N SER A 134 12.88 14.17 -8.19
CA SER A 134 11.79 15.14 -8.05
C SER A 134 10.62 14.45 -7.36
N ALA A 135 10.75 14.28 -6.05
CA ALA A 135 9.74 13.59 -5.26
C ALA A 135 9.18 14.48 -4.15
N HIS A 136 9.03 15.78 -4.41
CA HIS A 136 8.45 16.70 -3.45
C HIS A 136 7.50 17.65 -4.15
N SER A 137 6.54 18.17 -3.39
CA SER A 137 5.55 19.10 -3.89
C SER A 137 5.77 20.53 -3.41
N ASP A 138 6.86 20.78 -2.67
CA ASP A 138 7.23 22.13 -2.28
C ASP A 138 8.75 22.17 -2.10
N ALA A 139 9.26 23.34 -1.72
CA ALA A 139 10.70 23.55 -1.64
C ALA A 139 11.37 22.48 -0.80
N VAL A 140 12.41 21.85 -1.35
CA VAL A 140 13.23 20.89 -0.61
C VAL A 140 14.28 21.69 0.14
N VAL A 141 14.14 21.75 1.46
CA VAL A 141 14.87 22.72 2.27
C VAL A 141 16.13 22.16 2.91
N SER A 142 16.27 20.84 3.00
CA SER A 142 17.39 20.27 3.74
C SER A 142 17.61 18.84 3.28
N ILE A 143 18.89 18.46 3.18
CA ILE A 143 19.29 17.10 2.84
C ILE A 143 20.55 16.77 3.62
N ASP A 144 20.73 15.49 3.92
CA ASP A 144 21.94 15.04 4.61
C ASP A 144 22.22 13.58 4.30
N ILE A 145 23.47 13.29 4.03
CA ILE A 145 23.96 11.92 3.85
C ILE A 145 24.66 11.51 5.14
N PRO A 146 24.30 10.37 5.74
CA PRO A 146 24.90 10.02 7.04
C PRO A 146 26.41 9.86 6.93
N LYS A 147 27.09 10.03 8.06
CA LYS A 147 28.53 10.29 8.02
C LYS A 147 29.34 9.06 7.63
N PHE A 148 28.86 7.85 7.92
CA PHE A 148 29.62 6.64 7.65
C PHE A 148 28.86 5.63 6.79
N ASP A 149 27.74 6.04 6.18
CA ASP A 149 27.02 5.20 5.24
C ASP A 149 26.54 6.20 4.18
N SER A 150 27.13 6.12 2.98
CA SER A 150 26.77 7.02 1.89
C SER A 150 25.63 6.44 1.07
N SER A 151 24.79 5.59 1.66
CA SER A 151 23.80 4.83 0.91
C SER A 151 22.43 5.49 0.91
N ILE A 152 22.06 6.15 2.02
CA ILE A 152 20.77 6.83 2.12
C ILE A 152 20.97 8.33 2.04
N LEU A 153 19.86 9.05 1.85
CA LEU A 153 19.88 10.51 1.82
C LEU A 153 18.54 11.02 2.33
N SER A 154 18.58 11.90 3.33
CA SER A 154 17.37 12.50 3.87
C SER A 154 16.93 13.69 3.03
N SER A 155 15.67 14.08 3.22
CA SER A 155 15.14 15.25 2.56
C SER A 155 14.00 15.82 3.40
N GLY A 156 14.07 17.10 3.70
CA GLY A 156 12.99 17.83 4.35
C GLY A 156 12.44 18.86 3.38
N SER A 157 11.12 18.97 3.33
CA SER A 157 10.45 19.88 2.42
C SER A 157 9.36 20.65 3.15
N TYR A 158 8.96 21.78 2.56
CA TYR A 158 7.83 22.53 3.08
C TYR A 158 6.50 21.85 2.81
N ASP A 159 6.48 20.80 1.99
CA ASP A 159 5.27 20.00 1.84
C ASP A 159 4.99 19.13 3.06
N GLY A 160 5.84 19.20 4.08
CA GLY A 160 5.66 18.45 5.29
C GLY A 160 6.31 17.08 5.30
N LEU A 161 6.92 16.67 4.19
CA LEU A 161 7.40 15.30 4.03
C LEU A 161 8.85 15.17 4.43
N ILE A 162 9.18 14.05 5.06
CA ILE A 162 10.55 13.66 5.35
C ILE A 162 10.77 12.33 4.63
N ARG A 163 11.34 12.38 3.44
CA ARG A 163 11.63 11.17 2.68
C ARG A 163 13.08 10.75 2.89
N ILE A 164 13.37 9.51 2.52
CA ILE A 164 14.70 8.93 2.61
C ILE A 164 14.95 8.21 1.29
N PHE A 165 15.90 8.71 0.50
CA PHE A 165 16.15 8.21 -0.84
C PHE A 165 17.35 7.26 -0.87
N ASP A 166 17.37 6.42 -1.90
CA ASP A 166 18.51 5.54 -2.16
C ASP A 166 19.44 6.23 -3.16
N THR A 167 20.71 6.39 -2.78
CA THR A 167 21.64 7.16 -3.59
C THR A 167 21.86 6.52 -4.95
N GLU A 168 21.99 5.19 -5.00
CA GLU A 168 22.35 4.52 -6.25
C GLU A 168 21.19 4.48 -7.24
N SER A 169 19.98 4.25 -6.76
CA SER A 169 18.81 4.15 -7.64
C SER A 169 18.02 5.45 -7.73
N GLY A 170 18.09 6.30 -6.72
CA GLY A 170 17.32 7.52 -6.70
C GLY A 170 15.87 7.35 -6.30
N HIS A 171 15.44 6.13 -6.01
CA HIS A 171 14.05 5.88 -5.65
C HIS A 171 13.82 6.18 -4.17
N CYS A 172 12.61 6.64 -3.87
CA CYS A 172 12.23 6.84 -2.48
C CYS A 172 12.12 5.51 -1.76
N LEU A 173 12.61 5.47 -0.52
CA LEU A 173 12.65 4.23 0.27
C LEU A 173 11.78 4.26 1.52
N LYS A 174 11.45 5.43 2.04
CA LYS A 174 10.66 5.51 3.27
C LYS A 174 10.32 6.97 3.52
N THR A 175 9.05 7.21 3.88
CA THR A 175 8.62 8.53 4.32
C THR A 175 7.97 8.40 5.69
N LEU A 176 8.08 9.47 6.46
CA LEU A 176 7.70 9.45 7.87
C LEU A 176 6.53 10.38 8.18
N THR A 177 6.05 11.15 7.21
CA THR A 177 5.04 12.17 7.46
C THR A 177 4.13 12.27 6.24
N TYR A 178 3.05 13.05 6.39
CA TYR A 178 2.05 13.21 5.35
C TYR A 178 2.06 14.64 4.82
N ASP A 179 1.45 14.83 3.66
CA ASP A 179 1.45 16.11 2.97
C ASP A 179 0.01 16.56 2.73
N LYS A 180 -0.14 17.61 1.93
CA LYS A 180 -1.43 18.26 1.69
C LYS A 180 -2.45 17.36 0.98
N ASP A 181 -2.14 16.09 0.71
CA ASP A 181 -3.05 15.21 -0.01
C ASP A 181 -3.58 14.07 0.84
N TRP A 182 -3.11 13.91 2.08
CA TRP A 182 -3.45 12.73 2.87
C TRP A 182 -3.78 13.01 4.33
N ILE A 183 -3.66 14.25 4.80
CA ILE A 183 -4.14 14.64 6.11
C ILE A 183 -4.92 15.95 5.96
N ALA A 184 -5.41 16.47 7.08
CA ALA A 184 -6.06 17.78 7.08
C ALA A 184 -5.15 18.80 6.40
N GLU A 185 -5.65 19.38 5.31
CA GLU A 185 -4.80 20.18 4.44
C GLU A 185 -4.19 21.37 5.17
N ASP A 186 -4.74 21.76 6.32
CA ASP A 186 -4.18 22.82 7.15
C ASP A 186 -3.42 22.28 8.34
N GLY A 187 -3.19 20.97 8.41
CA GLY A 187 -2.48 20.36 9.51
C GLY A 187 -1.06 19.93 9.23
N VAL A 188 -0.50 20.32 8.09
CA VAL A 188 0.87 19.97 7.75
C VAL A 188 1.81 20.97 8.44
N VAL A 189 2.85 20.45 9.09
CA VAL A 189 3.91 21.28 9.65
C VAL A 189 5.10 21.21 8.69
N PRO A 190 5.50 22.32 8.09
CA PRO A 190 6.67 22.28 7.20
C PRO A 190 7.94 21.89 7.95
N ILE A 191 8.79 21.13 7.28
CA ILE A 191 10.09 20.73 7.82
C ILE A 191 11.13 21.76 7.39
N SER A 192 12.11 22.01 8.25
CA SER A 192 13.12 23.03 8.00
C SER A 192 14.54 22.48 7.98
N THR A 193 14.84 21.40 8.69
CA THR A 193 16.20 20.89 8.75
C THR A 193 16.18 19.41 9.12
N VAL A 194 16.86 18.60 8.31
CA VAL A 194 17.07 17.18 8.60
C VAL A 194 18.54 16.99 8.94
N LYS A 195 18.81 16.01 9.80
CA LYS A 195 20.19 15.62 10.09
C LYS A 195 20.19 14.27 10.78
N PHE A 196 20.99 13.34 10.24
CA PHE A 196 21.13 12.01 10.81
C PHE A 196 21.85 12.06 12.16
N SER A 197 22.02 10.88 12.74
CA SER A 197 22.91 10.71 13.89
C SER A 197 24.35 10.61 13.38
N ARG A 198 25.28 10.27 14.27
CA ARG A 198 26.63 9.98 13.84
C ARG A 198 26.78 8.55 13.36
N ASN A 199 25.92 7.64 13.85
CA ASN A 199 25.91 6.25 13.42
C ASN A 199 24.89 5.96 12.32
N GLY A 200 24.03 6.93 11.99
CA GLY A 200 23.07 6.74 10.93
C GLY A 200 21.93 5.81 11.28
N LYS A 201 21.59 5.68 12.56
CA LYS A 201 20.47 4.87 12.99
C LYS A 201 19.25 5.68 13.39
N PHE A 202 19.40 6.99 13.58
CA PHE A 202 18.29 7.85 13.97
C PHE A 202 18.36 9.14 13.15
N LEU A 203 17.18 9.63 12.74
CA LEU A 203 17.07 10.83 11.93
C LEU A 203 16.38 11.92 12.75
N LEU A 204 16.91 13.14 12.67
CA LEU A 204 16.45 14.25 13.49
C LEU A 204 15.98 15.38 12.60
N VAL A 205 14.75 15.85 12.84
CA VAL A 205 14.14 16.89 12.01
C VAL A 205 13.71 18.06 12.88
N LYS A 206 13.57 19.21 12.23
CA LYS A 206 13.05 20.42 12.87
C LYS A 206 11.89 20.94 12.03
N SER A 207 10.72 21.05 12.64
CA SER A 207 9.55 21.60 11.98
C SER A 207 9.52 23.11 12.13
N LEU A 208 8.72 23.77 11.29
CA LEU A 208 8.58 25.22 11.35
C LEU A 208 7.65 25.67 12.48
N ASP A 209 7.33 24.81 13.43
CA ASP A 209 6.74 25.22 14.70
C ASP A 209 7.72 25.05 15.84
N ASN A 210 9.02 24.98 15.53
CA ASN A 210 10.08 24.84 16.52
C ASN A 210 9.91 23.57 17.35
N VAL A 211 9.57 22.46 16.69
CA VAL A 211 9.54 21.15 17.32
C VAL A 211 10.67 20.33 16.72
N VAL A 212 11.49 19.74 17.58
CA VAL A 212 12.63 18.94 17.16
C VAL A 212 12.43 17.52 17.66
N LYS A 213 12.29 16.58 16.73
CA LYS A 213 12.07 15.18 17.07
C LYS A 213 13.22 14.32 16.55
N LEU A 214 13.41 13.18 17.20
CA LEU A 214 14.40 12.19 16.81
C LEU A 214 13.67 10.93 16.36
N TRP A 215 13.88 10.54 15.11
CA TRP A 215 13.17 9.41 14.51
C TRP A 215 14.07 8.18 14.45
N GLU A 216 13.44 7.01 14.46
CA GLU A 216 14.09 5.75 14.11
C GLU A 216 13.44 5.29 12.81
N TYR A 217 13.98 5.80 11.69
CA TYR A 217 13.25 5.78 10.42
C TYR A 217 13.01 4.36 9.89
N THR A 218 13.79 3.36 10.33
CA THR A 218 13.54 2.01 9.87
C THR A 218 12.13 1.56 10.24
N ARG A 219 11.79 1.65 11.53
CA ARG A 219 10.42 1.38 11.96
C ARG A 219 9.48 2.52 11.60
N GLY A 220 9.97 3.76 11.66
CA GLY A 220 9.15 4.92 11.34
C GLY A 220 8.51 5.53 12.58
N THR A 221 9.24 5.56 13.68
CA THR A 221 8.73 6.04 14.96
C THR A 221 9.63 7.14 15.51
N VAL A 222 9.04 8.02 16.32
CA VAL A 222 9.77 9.07 17.01
C VAL A 222 10.11 8.57 18.41
N VAL A 223 11.37 8.72 18.81
CA VAL A 223 11.84 8.22 20.09
C VAL A 223 12.21 9.33 21.05
N ARG A 224 12.40 10.57 20.58
CA ARG A 224 12.60 11.71 21.46
C ARG A 224 12.04 12.95 20.78
N THR A 225 11.35 13.78 21.57
CA THR A 225 10.83 15.05 21.10
C THR A 225 11.31 16.16 22.03
N PHE A 226 11.76 17.27 21.43
CA PHE A 226 12.30 18.39 22.17
C PHE A 226 11.48 19.63 21.82
N LEU A 227 10.80 20.18 22.82
CA LEU A 227 9.92 21.33 22.63
C LEU A 227 10.51 22.57 23.30
N TRP A 228 10.08 23.72 22.81
CA TRP A 228 10.62 25.01 23.26
C TRP A 228 9.89 25.45 24.53
N PRO A 229 10.60 25.77 25.62
CA PRO A 229 9.92 26.24 26.83
C PRO A 229 9.57 27.72 26.77
N LYS A 236 5.12 29.36 15.37
CA LYS A 236 5.58 29.19 14.00
C LYS A 236 6.82 30.02 13.83
N LEU A 237 7.54 29.77 12.76
CA LEU A 237 8.77 30.51 12.46
C LEU A 237 8.66 31.15 11.09
N LYS A 238 9.70 31.93 10.76
CA LYS A 238 9.84 32.51 9.43
C LYS A 238 11.18 32.18 8.78
N TYR A 239 12.11 31.56 9.49
CA TYR A 239 13.44 31.28 8.97
C TYR A 239 13.83 29.85 9.35
N ASN A 240 14.56 29.19 8.44
CA ASN A 240 15.03 27.83 8.68
C ASN A 240 16.13 27.88 9.73
N CYS A 241 15.69 27.96 10.99
CA CYS A 241 16.62 28.15 12.09
C CYS A 241 17.56 26.95 12.22
N GLY A 242 18.80 27.24 12.59
CA GLY A 242 19.82 26.20 12.63
C GLY A 242 19.81 25.27 13.81
N LEU A 243 20.35 24.08 13.56
CA LEU A 243 20.30 22.98 14.52
C LEU A 243 21.47 22.03 14.33
N GLU A 244 21.96 21.42 15.39
CA GLU A 244 23.12 20.53 15.29
C GLU A 244 23.15 19.62 16.51
N LEU A 245 23.77 18.45 16.33
CA LEU A 245 23.96 17.49 17.41
C LEU A 245 25.40 17.54 17.88
N ILE A 246 25.61 17.90 19.14
CA ILE A 246 26.94 17.98 19.72
C ILE A 246 27.27 16.65 20.37
N TYR A 247 28.51 16.19 20.17
CA TYR A 247 29.00 14.94 20.75
C TYR A 247 30.23 15.24 21.59
N PRO A 248 30.06 15.70 22.83
CA PRO A 248 31.21 15.82 23.73
C PRO A 248 31.80 14.45 24.01
N GLN A 249 33.06 14.43 24.45
CA GLN A 249 33.68 13.15 24.78
C GLN A 249 32.92 12.44 25.88
N GLY A 250 32.28 13.21 26.77
CA GLY A 250 31.29 12.64 27.67
C GLY A 250 30.19 11.99 26.86
N LYS A 251 29.88 10.72 27.13
CA LYS A 251 29.10 9.94 26.19
C LYS A 251 27.72 10.52 25.95
N ASP A 252 27.12 11.16 26.94
CA ASP A 252 25.80 11.73 26.74
C ASP A 252 25.88 12.86 25.70
N PRO A 253 25.20 12.75 24.54
CA PRO A 253 25.27 13.84 23.55
C PRO A 253 24.21 14.91 23.74
N LEU A 254 24.23 15.96 22.94
CA LEU A 254 23.35 17.09 23.13
C LEU A 254 22.75 17.53 21.80
N VAL A 255 21.54 18.07 21.87
CA VAL A 255 20.93 18.76 20.75
C VAL A 255 21.16 20.26 20.97
N ILE A 256 20.92 21.05 19.92
CA ILE A 256 20.84 22.50 20.07
C ILE A 256 20.02 23.03 18.92
N SER A 257 19.23 24.07 19.20
CA SER A 257 18.34 24.66 18.21
C SER A 257 18.49 26.17 18.29
N GLY A 258 17.61 26.88 17.60
CA GLY A 258 17.69 28.33 17.52
C GLY A 258 16.34 28.94 17.27
N ASN A 259 16.13 30.13 17.83
CA ASN A 259 14.90 30.89 17.66
C ASN A 259 15.13 32.01 16.67
N ASP A 260 14.03 32.65 16.24
CA ASP A 260 14.17 33.86 15.44
C ASP A 260 14.79 34.99 16.26
N SER A 261 14.77 34.87 17.58
CA SER A 261 15.67 35.62 18.45
C SER A 261 16.89 34.71 18.54
N GLY A 262 18.04 35.29 18.87
CA GLY A 262 19.29 34.55 18.82
C GLY A 262 19.35 33.93 20.21
N SER A 263 18.49 32.95 20.48
CA SER A 263 18.53 32.15 21.70
C SER A 263 18.69 30.68 21.35
N MET A 264 19.44 29.96 22.18
CA MET A 264 19.72 28.55 21.94
C MET A 264 19.49 27.75 23.20
N CYS A 265 18.83 26.61 23.05
CA CYS A 265 18.72 25.60 24.08
C CYS A 265 19.57 24.40 23.69
N VAL A 266 20.03 23.65 24.68
CA VAL A 266 20.68 22.37 24.43
C VAL A 266 20.10 21.34 25.38
N TRP A 267 19.59 20.24 24.82
CA TRP A 267 19.04 19.14 25.58
C TRP A 267 20.01 17.97 25.61
N ASN A 268 19.85 17.13 26.63
CA ASN A 268 20.43 15.79 26.61
C ASN A 268 19.46 14.87 25.89
N VAL A 269 19.97 14.09 24.93
CA VAL A 269 19.07 13.32 24.07
C VAL A 269 18.59 12.05 24.79
N TYR A 270 19.46 11.40 25.57
CA TYR A 270 19.03 10.20 26.28
C TYR A 270 17.90 10.52 27.25
N SER A 271 18.11 11.55 28.07
CA SER A 271 17.00 12.18 28.77
C SER A 271 16.27 13.09 27.79
N LYS A 272 15.34 13.90 28.30
CA LYS A 272 14.72 14.94 27.50
C LYS A 272 14.78 16.28 28.22
N ASN A 273 15.51 16.37 29.32
CA ASN A 273 15.60 17.58 30.11
C ASN A 273 16.56 18.57 29.45
N LEU A 274 16.21 19.85 29.52
CA LEU A 274 17.13 20.90 29.10
C LEU A 274 18.27 21.02 30.12
N VAL A 275 19.48 21.27 29.62
CA VAL A 275 20.65 21.36 30.48
C VAL A 275 21.37 22.70 30.34
N GLN A 276 20.93 23.58 29.45
CA GLN A 276 21.56 24.87 29.26
C GLN A 276 20.78 25.70 28.25
N LYS A 277 20.86 27.03 28.38
CA LYS A 277 20.20 27.93 27.45
C LYS A 277 21.01 29.21 27.33
N ILE A 278 21.06 29.76 26.12
CA ILE A 278 21.90 30.90 25.81
C ILE A 278 21.08 31.98 25.10
N ASP A 279 20.26 32.71 25.86
CA ASP A 279 19.53 33.85 25.32
C ASP A 279 20.37 35.13 25.31
N GLU A 280 21.66 35.03 25.64
CA GLU A 280 22.50 36.21 25.78
C GLU A 280 22.91 36.79 24.42
N LYS A 281 23.44 35.95 23.54
CA LYS A 281 24.05 36.43 22.31
C LYS A 281 23.07 36.41 21.15
N HIS A 282 23.48 37.02 20.04
CA HIS A 282 22.68 37.07 18.80
C HIS A 282 21.32 37.69 19.05
N ARG A 283 21.25 38.62 20.01
CA ARG A 283 19.96 39.11 20.48
C ARG A 283 19.12 39.70 19.36
N ASN A 284 19.76 40.36 18.39
CA ASN A 284 19.00 41.11 17.38
C ASN A 284 18.39 40.21 16.33
N SER A 285 19.15 39.25 15.82
CA SER A 285 18.79 38.54 14.60
C SER A 285 18.41 37.09 14.84
N PRO A 286 17.80 36.44 13.85
CA PRO A 286 17.49 35.02 13.96
C PRO A 286 18.70 34.14 13.69
N LEU A 287 18.74 33.00 14.37
CA LEU A 287 19.79 32.02 14.16
C LEU A 287 19.46 31.15 12.95
N ILE A 288 20.43 30.98 12.06
CA ILE A 288 20.22 30.19 10.85
C ILE A 288 21.16 29.01 10.81
N SER A 289 22.33 29.14 11.45
CA SER A 289 23.37 28.12 11.33
C SER A 289 23.98 27.82 12.69
N ILE A 290 24.14 26.53 12.99
CA ILE A 290 24.89 26.05 14.13
C ILE A 290 25.72 24.86 13.67
N SER A 291 27.04 24.99 13.75
CA SER A 291 27.96 23.94 13.38
C SER A 291 28.85 23.58 14.57
N ALA A 292 29.34 22.34 14.57
CA ALA A 292 30.14 21.83 15.66
C ALA A 292 31.38 21.12 15.13
N SER A 293 32.18 20.62 16.04
CA SER A 293 33.39 19.90 15.70
C SER A 293 33.88 19.23 16.99
N TYR A 294 34.97 18.47 16.87
CA TYR A 294 35.37 17.52 17.91
C TYR A 294 34.93 18.09 19.25
N ASP A 295 35.28 19.35 19.54
CA ASP A 295 35.06 19.92 20.86
C ASP A 295 34.54 21.36 20.79
N LYS A 296 34.01 21.78 19.65
CA LYS A 296 33.65 23.18 19.45
C LYS A 296 32.25 23.30 18.85
N VAL A 297 31.63 24.44 19.10
CA VAL A 297 30.33 24.79 18.54
C VAL A 297 30.43 26.21 17.99
N ALA A 298 29.86 26.42 16.81
CA ALA A 298 29.85 27.73 16.18
C ALA A 298 28.42 28.09 15.80
N THR A 299 28.02 29.29 16.17
CA THR A 299 26.66 29.78 15.92
C THR A 299 26.74 31.05 15.09
N LEU A 300 25.65 31.34 14.39
CA LEU A 300 25.68 32.40 13.37
C LEU A 300 24.26 32.90 13.15
N SER A 301 23.99 34.15 13.52
CA SER A 301 22.70 34.76 13.26
C SER A 301 22.60 35.14 11.78
N LEU A 302 21.41 35.57 11.38
CA LEU A 302 21.25 36.07 10.01
C LEU A 302 22.21 37.22 9.76
N ASN A 303 22.29 38.16 10.70
CA ASN A 303 23.32 39.18 10.64
C ASN A 303 24.69 38.56 10.93
N GLY A 304 25.72 39.18 10.38
CA GLY A 304 27.05 38.59 10.34
C GLY A 304 27.61 38.08 11.65
N GLU A 305 26.93 38.34 12.78
CA GLU A 305 27.46 37.90 14.06
C GLU A 305 27.63 36.39 14.07
N CYS A 306 28.84 35.95 14.41
CA CYS A 306 29.17 34.53 14.49
C CYS A 306 29.99 34.30 15.77
N ASN A 307 29.48 33.45 16.65
CA ASN A 307 30.10 33.19 17.94
C ASN A 307 30.60 31.76 18.02
N LEU A 308 31.74 31.58 18.70
CA LEU A 308 32.34 30.28 18.92
C LEU A 308 32.19 29.89 20.39
N PHE A 309 32.04 28.59 20.64
CA PHE A 309 31.92 28.05 21.98
C PHE A 309 32.79 26.81 22.07
N ARG A 310 32.79 26.18 23.25
CA ARG A 310 33.65 25.03 23.48
C ARG A 310 33.02 24.16 24.57
N VAL A 311 32.94 22.86 24.31
CA VAL A 311 32.34 21.93 25.25
C VAL A 311 33.21 21.81 26.50
N SER B 2 -52.11 -3.32 -22.38
CA SER B 2 -50.78 -3.06 -22.91
C SER B 2 -49.90 -4.30 -22.80
N VAL B 3 -49.81 -4.85 -21.59
CA VAL B 3 -49.01 -6.05 -21.35
C VAL B 3 -49.93 -7.14 -20.84
N PRO B 4 -49.79 -8.39 -21.30
CA PRO B 4 -50.64 -9.46 -20.78
C PRO B 4 -49.98 -10.23 -19.65
N VAL B 5 -50.82 -10.90 -18.86
CA VAL B 5 -50.31 -11.76 -17.79
C VAL B 5 -49.61 -12.97 -18.40
N ILE B 6 -48.54 -13.42 -17.75
CA ILE B 6 -47.79 -14.59 -18.18
C ILE B 6 -48.72 -15.81 -18.16
N PRO B 7 -48.50 -16.80 -19.02
CA PRO B 7 -49.44 -17.93 -19.09
C PRO B 7 -49.39 -18.78 -17.83
N TYR B 8 -50.46 -19.57 -17.67
CA TYR B 8 -50.44 -20.67 -16.71
C TYR B 8 -49.56 -21.79 -17.24
N LEU B 9 -49.18 -22.71 -16.35
CA LEU B 9 -48.38 -23.85 -16.74
C LEU B 9 -48.78 -25.05 -15.91
N ASP B 10 -48.34 -26.23 -16.35
CA ASP B 10 -48.87 -27.48 -15.83
C ASP B 10 -48.57 -27.65 -14.34
N TYR B 11 -47.37 -27.26 -13.91
CA TYR B 11 -47.04 -27.44 -12.50
C TYR B 11 -47.78 -26.45 -11.61
N ASP B 12 -48.48 -25.48 -12.18
CA ASP B 12 -49.34 -24.61 -11.37
C ASP B 12 -50.64 -25.30 -11.02
N ILE B 13 -51.19 -26.11 -11.92
CA ILE B 13 -52.47 -26.74 -11.69
C ILE B 13 -52.34 -27.78 -10.57
N VAL B 14 -53.28 -27.75 -9.63
CA VAL B 14 -53.33 -28.70 -8.52
C VAL B 14 -54.80 -28.99 -8.24
N ASP B 15 -55.18 -30.27 -8.28
CA ASP B 15 -56.56 -30.67 -8.08
C ASP B 15 -56.76 -31.22 -6.66
N LEU B 16 -58.00 -31.60 -6.37
CA LEU B 16 -58.38 -31.88 -4.98
C LEU B 16 -57.62 -33.07 -4.41
N GLY B 17 -57.57 -34.18 -5.17
CA GLY B 17 -56.91 -35.37 -4.67
C GLY B 17 -55.50 -35.12 -4.21
N SER B 18 -54.82 -34.15 -4.83
CA SER B 18 -53.41 -33.91 -4.56
C SER B 18 -53.21 -33.40 -3.13
N ASP B 19 -51.96 -33.48 -2.67
CA ASP B 19 -51.57 -32.98 -1.36
C ASP B 19 -50.32 -32.11 -1.39
N ILE B 20 -49.77 -31.82 -2.57
CA ILE B 20 -48.60 -30.96 -2.65
C ILE B 20 -48.99 -29.53 -2.32
N LYS B 21 -48.08 -28.81 -1.66
CA LYS B 21 -48.31 -27.45 -1.22
C LYS B 21 -47.77 -26.49 -2.26
N LYS B 22 -48.65 -25.69 -2.84
CA LYS B 22 -48.28 -24.92 -4.03
C LYS B 22 -47.48 -23.66 -3.70
N PRO B 23 -47.31 -23.26 -2.42
CA PRO B 23 -46.21 -22.33 -2.13
C PRO B 23 -45.03 -23.28 -2.21
N ASP B 24 -44.36 -23.27 -3.37
CA ASP B 24 -43.33 -24.26 -3.69
C ASP B 24 -42.13 -23.76 -2.90
N PHE B 25 -41.78 -24.48 -1.83
CA PHE B 25 -40.72 -24.00 -0.96
C PHE B 25 -39.40 -23.89 -1.73
N PRO B 26 -38.52 -22.97 -1.32
CA PRO B 26 -37.26 -22.80 -2.07
C PRO B 26 -36.29 -23.95 -1.80
N GLN B 27 -35.36 -24.10 -2.73
CA GLN B 27 -34.24 -25.01 -2.54
C GLN B 27 -33.18 -24.33 -1.68
N LEU B 28 -32.72 -25.03 -0.65
CA LEU B 28 -31.77 -24.46 0.29
C LEU B 28 -30.37 -24.99 0.02
N SER B 29 -29.40 -24.35 0.67
CA SER B 29 -28.00 -24.76 0.62
C SER B 29 -27.43 -24.71 2.02
N GLU B 30 -26.70 -25.76 2.40
CA GLU B 30 -26.08 -25.78 3.72
C GLU B 30 -25.02 -24.69 3.80
N SER B 31 -25.22 -23.75 4.72
CA SER B 31 -24.35 -22.57 4.84
C SER B 31 -23.29 -22.63 5.95
N HIS B 32 -23.70 -22.95 7.16
CA HIS B 32 -22.78 -23.13 8.28
C HIS B 32 -23.56 -23.75 9.44
N ARG B 33 -22.90 -23.87 10.60
CA ARG B 33 -23.51 -24.45 11.79
C ARG B 33 -23.19 -23.60 13.01
N ILE B 34 -24.19 -23.43 13.88
CA ILE B 34 -24.00 -22.85 15.20
C ILE B 34 -24.62 -23.80 16.22
N ASN B 35 -23.88 -24.05 17.30
CA ASN B 35 -24.39 -24.82 18.43
C ASN B 35 -25.05 -26.13 17.96
N GLU B 36 -24.39 -26.78 17.01
CA GLU B 36 -24.86 -28.07 16.48
C GLU B 36 -26.28 -27.95 15.92
N GLN B 37 -26.47 -26.95 15.06
CA GLN B 37 -27.72 -26.78 14.32
C GLN B 37 -27.39 -26.26 12.93
N GLN B 38 -27.99 -26.86 11.91
CA GLN B 38 -27.69 -26.50 10.53
C GLN B 38 -28.47 -25.25 10.14
N TYR B 39 -27.77 -24.31 9.50
CA TYR B 39 -28.37 -23.10 8.98
C TYR B 39 -28.24 -23.08 7.46
N TYR B 40 -29.35 -22.82 6.78
CA TYR B 40 -29.41 -22.90 5.33
C TYR B 40 -29.66 -21.53 4.73
N ILE B 41 -29.13 -21.34 3.52
CA ILE B 41 -29.44 -20.17 2.71
C ILE B 41 -30.25 -20.64 1.51
N THR B 42 -31.04 -19.73 0.95
CA THR B 42 -31.76 -20.02 -0.28
C THR B 42 -30.82 -19.85 -1.47
N GLU B 43 -30.99 -20.69 -2.48
CA GLU B 43 -30.00 -20.81 -3.54
C GLU B 43 -30.46 -20.26 -4.89
N ASP B 44 -31.75 -20.40 -5.23
CA ASP B 44 -32.22 -19.96 -6.55
C ASP B 44 -33.53 -19.19 -6.47
N THR B 45 -33.79 -18.47 -5.35
CA THR B 45 -34.92 -17.56 -5.33
C THR B 45 -34.44 -16.12 -5.43
N PRO B 46 -35.18 -15.25 -6.12
CA PRO B 46 -34.74 -13.87 -6.31
C PRO B 46 -34.96 -13.09 -5.01
N LEU B 47 -33.86 -12.58 -4.45
CA LEU B 47 -33.92 -11.83 -3.21
C LEU B 47 -34.04 -10.33 -3.51
N ASN B 48 -34.58 -9.60 -2.55
CA ASN B 48 -34.85 -8.18 -2.75
C ASN B 48 -33.55 -7.42 -2.95
N LYS B 49 -33.48 -6.65 -4.04
CA LYS B 49 -32.25 -5.97 -4.43
C LYS B 49 -32.59 -4.97 -5.54
N ARG B 50 -31.66 -4.06 -5.79
CA ARG B 50 -31.83 -3.05 -6.84
C ARG B 50 -33.20 -2.38 -6.77
N ASN B 51 -33.68 -2.17 -5.54
CA ASN B 51 -34.94 -1.45 -5.30
C ASN B 51 -36.16 -2.24 -5.75
N PHE B 52 -36.07 -3.57 -5.80
CA PHE B 52 -37.19 -4.43 -6.13
C PHE B 52 -37.42 -5.43 -5.00
N MET B 53 -38.69 -5.65 -4.68
CA MET B 53 -39.10 -6.62 -3.68
C MET B 53 -39.86 -7.75 -4.35
N TYR B 54 -39.79 -8.93 -3.74
CA TYR B 54 -40.39 -10.13 -4.30
C TYR B 54 -41.21 -10.84 -3.24
N GLN B 55 -42.16 -11.64 -3.72
CA GLN B 55 -43.10 -12.36 -2.88
C GLN B 55 -43.63 -13.55 -3.69
N PRO B 56 -43.60 -14.77 -3.14
CA PRO B 56 -44.08 -15.91 -3.91
C PRO B 56 -45.57 -15.79 -4.18
N CYS B 57 -45.95 -16.00 -5.44
CA CYS B 57 -47.35 -15.93 -5.87
C CYS B 57 -47.77 -17.27 -6.45
N ALA B 58 -49.06 -17.56 -6.32
CA ALA B 58 -49.64 -18.80 -6.82
C ALA B 58 -50.75 -18.48 -7.81
N ALA B 59 -51.19 -19.52 -8.51
CA ALA B 59 -52.21 -19.37 -9.55
C ALA B 59 -53.59 -19.33 -8.93
N ASN B 60 -54.29 -18.20 -9.10
CA ASN B 60 -55.62 -18.00 -8.55
C ASN B 60 -56.60 -17.89 -9.72
N LEU B 61 -57.24 -19.02 -10.06
CA LEU B 61 -58.17 -19.04 -11.18
C LEU B 61 -59.39 -18.18 -10.92
N MET B 62 -59.63 -17.78 -9.67
CA MET B 62 -60.78 -16.94 -9.36
C MET B 62 -60.63 -15.56 -9.98
N LEU B 63 -59.40 -15.08 -10.13
CA LEU B 63 -59.12 -13.82 -10.80
C LEU B 63 -58.90 -14.09 -12.28
N ASP B 64 -59.71 -13.47 -13.13
CA ASP B 64 -59.53 -13.59 -14.58
C ASP B 64 -58.66 -12.46 -15.12
N LYS B 65 -58.91 -11.22 -14.71
CA LYS B 65 -58.06 -10.11 -15.12
C LYS B 65 -56.63 -10.34 -14.66
N LEU B 66 -56.41 -10.32 -13.35
CA LEU B 66 -55.19 -10.87 -12.79
C LEU B 66 -55.31 -12.38 -12.71
N LYS B 67 -54.19 -13.07 -12.87
CA LYS B 67 -54.18 -14.53 -12.79
C LYS B 67 -53.48 -15.07 -11.56
N TYR B 68 -52.68 -14.26 -10.87
CA TYR B 68 -51.90 -14.73 -9.74
C TYR B 68 -52.09 -13.77 -8.57
N CYS B 69 -52.06 -14.33 -7.37
CA CYS B 69 -52.18 -13.57 -6.14
C CYS B 69 -51.05 -13.94 -5.21
N GLY B 70 -50.69 -13.01 -4.33
CA GLY B 70 -49.62 -13.27 -3.40
C GLY B 70 -49.99 -14.38 -2.44
N THR B 71 -49.01 -15.24 -2.14
CA THR B 71 -49.11 -16.25 -1.11
C THR B 71 -47.85 -16.20 -0.27
N ASP B 72 -47.90 -16.83 0.91
CA ASP B 72 -46.77 -16.83 1.83
C ASP B 72 -46.29 -18.26 2.07
N TYR B 73 -44.98 -18.39 2.31
CA TYR B 73 -44.36 -19.71 2.41
C TYR B 73 -44.85 -20.45 3.65
N PHE B 74 -44.65 -19.87 4.83
CA PHE B 74 -44.91 -20.59 6.06
C PHE B 74 -46.38 -20.50 6.46
N ASP B 75 -46.76 -21.36 7.41
CA ASP B 75 -48.13 -21.35 7.93
C ASP B 75 -48.39 -20.08 8.75
N LYS B 76 -47.58 -19.87 9.78
CA LYS B 76 -47.71 -18.69 10.63
C LYS B 76 -46.84 -17.56 10.06
N SER B 77 -46.72 -16.47 10.82
CA SER B 77 -45.79 -15.41 10.46
C SER B 77 -44.36 -15.85 10.76
N SER B 78 -43.42 -15.33 9.99
CA SER B 78 -42.01 -15.62 10.21
C SER B 78 -41.21 -14.71 9.28
N ILE B 79 -39.90 -14.93 9.25
CA ILE B 79 -39.01 -14.09 8.44
C ILE B 79 -39.44 -14.15 6.98
N ASN B 80 -39.27 -13.04 6.28
CA ASN B 80 -39.53 -12.99 4.84
C ASN B 80 -38.24 -13.41 4.13
N LEU B 81 -38.21 -14.64 3.63
CA LEU B 81 -37.02 -15.15 2.96
C LEU B 81 -36.66 -14.37 1.70
N MET B 82 -37.45 -13.37 1.32
CA MET B 82 -37.19 -12.59 0.12
C MET B 82 -36.24 -11.43 0.38
N ASP B 83 -36.35 -10.75 1.53
CA ASP B 83 -35.46 -9.64 1.87
C ASP B 83 -34.50 -10.11 2.96
N ARG B 84 -33.47 -10.82 2.52
CA ARG B 84 -32.28 -11.09 3.32
C ARG B 84 -31.07 -10.79 2.46
N SER B 85 -29.90 -10.86 3.07
CA SER B 85 -28.68 -10.99 2.29
C SER B 85 -28.46 -12.45 1.95
N ASP B 86 -27.97 -12.70 0.73
CA ASP B 86 -27.78 -14.08 0.29
C ASP B 86 -26.92 -14.88 1.26
N LYS B 87 -26.19 -14.21 2.16
CA LYS B 87 -25.33 -14.89 3.13
C LYS B 87 -25.91 -14.91 4.54
N LEU B 88 -27.18 -14.56 4.70
CA LEU B 88 -27.85 -14.65 6.00
C LEU B 88 -28.64 -15.95 6.04
N ALA B 89 -28.12 -16.93 6.76
CA ALA B 89 -28.75 -18.24 6.80
C ALA B 89 -29.81 -18.30 7.89
N PHE B 90 -30.51 -19.42 7.94
CA PHE B 90 -31.61 -19.61 8.87
C PHE B 90 -31.81 -21.10 9.09
N SER B 91 -32.45 -21.43 10.21
CA SER B 91 -32.73 -22.81 10.58
C SER B 91 -34.24 -23.01 10.63
N LEU B 92 -34.73 -24.02 9.91
CA LEU B 92 -36.15 -24.32 9.90
C LEU B 92 -36.62 -24.98 11.18
N ASP B 93 -35.69 -25.41 12.04
CA ASP B 93 -36.08 -26.03 13.31
C ASP B 93 -36.73 -25.03 14.25
N ASP B 94 -36.08 -23.89 14.47
CA ASP B 94 -36.59 -22.88 15.38
C ASP B 94 -36.64 -21.50 14.75
N HIS B 95 -36.40 -21.39 13.44
CA HIS B 95 -36.46 -20.14 12.71
C HIS B 95 -35.40 -19.14 13.15
N SER B 96 -34.41 -19.57 13.92
CA SER B 96 -33.27 -18.71 14.19
C SER B 96 -32.55 -18.37 12.89
N VAL B 97 -31.83 -17.26 12.89
CA VAL B 97 -31.10 -16.79 11.71
C VAL B 97 -29.73 -16.30 12.15
N SER B 98 -28.78 -16.33 11.22
CA SER B 98 -27.42 -15.90 11.50
C SER B 98 -26.62 -15.88 10.20
N VAL B 99 -25.37 -15.42 10.33
CA VAL B 99 -24.39 -15.46 9.26
C VAL B 99 -23.22 -16.32 9.73
N SER B 100 -22.46 -16.86 8.77
CA SER B 100 -21.29 -17.63 9.12
C SER B 100 -20.36 -16.80 10.01
N GLU B 101 -19.48 -17.50 10.72
CA GLU B 101 -18.56 -16.83 11.65
C GLU B 101 -17.46 -16.06 10.94
N ASN B 102 -17.48 -16.01 9.60
CA ASN B 102 -16.52 -15.22 8.83
C ASN B 102 -17.19 -14.06 8.09
N CYS B 103 -18.45 -13.76 8.41
CA CYS B 103 -19.24 -12.82 7.63
C CYS B 103 -19.49 -11.54 8.42
N GLY B 104 -19.65 -10.44 7.69
CA GLY B 104 -19.97 -9.15 8.28
C GLY B 104 -21.43 -9.06 8.66
N TRP B 105 -21.88 -7.83 8.89
CA TRP B 105 -23.26 -7.59 9.29
C TRP B 105 -24.21 -7.89 8.13
N ARG B 106 -25.28 -8.63 8.42
CA ARG B 106 -26.36 -8.86 7.47
C ARG B 106 -27.67 -8.85 8.24
N SER B 107 -28.78 -8.63 7.52
CA SER B 107 -30.06 -8.39 8.17
C SER B 107 -31.17 -9.16 7.49
N VAL B 108 -32.29 -9.28 8.21
CA VAL B 108 -33.53 -9.87 7.70
C VAL B 108 -34.68 -9.11 8.32
N ARG B 109 -35.81 -9.08 7.61
CA ARG B 109 -37.01 -8.43 8.11
C ARG B 109 -38.15 -9.44 8.25
N SER B 110 -38.97 -9.23 9.26
CA SER B 110 -40.20 -9.99 9.39
C SER B 110 -41.07 -9.78 8.16
N ASP B 111 -41.95 -10.76 7.88
CA ASP B 111 -42.82 -10.66 6.73
C ASP B 111 -44.06 -9.82 6.99
N VAL B 112 -44.26 -9.35 8.22
CA VAL B 112 -45.43 -8.56 8.59
C VAL B 112 -45.01 -7.10 8.71
N CYS B 113 -45.82 -6.21 8.16
CA CYS B 113 -45.54 -4.79 8.14
C CYS B 113 -46.38 -4.09 9.21
N MET B 114 -45.72 -3.45 10.16
CA MET B 114 -46.37 -2.82 11.31
C MET B 114 -46.75 -1.40 10.92
N LYS B 115 -48.05 -1.15 10.74
CA LYS B 115 -48.54 0.12 10.25
C LYS B 115 -49.03 1.05 11.35
N GLU B 116 -49.70 0.52 12.37
CA GLU B 116 -50.22 1.36 13.44
C GLU B 116 -50.59 0.48 14.62
N GLY B 117 -50.96 1.13 15.72
CA GLY B 117 -51.36 0.43 16.93
C GLY B 117 -50.21 0.19 17.86
N LYS B 118 -50.32 -0.86 18.67
CA LYS B 118 -49.25 -1.28 19.56
C LYS B 118 -49.00 -2.75 19.31
N ILE B 119 -47.74 -3.11 19.02
CA ILE B 119 -47.39 -4.45 18.61
C ILE B 119 -46.27 -4.95 19.52
N TYR B 120 -46.40 -6.19 20.00
CA TYR B 120 -45.42 -6.80 20.87
C TYR B 120 -44.90 -8.10 20.27
N TRP B 121 -43.64 -8.38 20.55
CA TRP B 121 -42.98 -9.63 20.21
C TRP B 121 -41.68 -9.68 20.99
N GLU B 122 -40.96 -10.79 20.85
CA GLU B 122 -39.73 -10.97 21.59
C GLU B 122 -38.67 -11.58 20.69
N VAL B 123 -37.41 -11.23 20.97
CA VAL B 123 -36.24 -11.82 20.33
C VAL B 123 -35.63 -12.83 21.29
N GLU B 124 -35.47 -14.06 20.84
CA GLU B 124 -34.77 -15.10 21.58
C GLU B 124 -33.37 -15.23 21.01
N VAL B 125 -32.36 -14.97 21.83
CA VAL B 125 -30.98 -15.09 21.40
C VAL B 125 -30.50 -16.51 21.68
N LYS B 126 -29.81 -17.10 20.71
CA LYS B 126 -29.35 -18.48 20.80
C LYS B 126 -27.83 -18.57 20.99
N ASN B 127 -27.06 -17.83 20.20
CA ASN B 127 -25.61 -17.81 20.32
C ASN B 127 -25.00 -16.43 20.15
N VAL B 128 -24.66 -15.78 21.26
CA VAL B 128 -23.98 -14.49 21.24
C VAL B 128 -22.71 -14.48 22.07
N SER B 129 -21.61 -14.94 21.48
CA SER B 129 -20.30 -14.89 22.11
C SER B 129 -19.74 -13.47 21.97
N ASP B 130 -18.48 -13.28 22.34
CA ASP B 130 -17.85 -11.98 22.16
C ASP B 130 -17.33 -11.76 20.74
N THR B 131 -17.27 -12.82 19.92
CA THR B 131 -17.03 -12.68 18.50
C THR B 131 -18.31 -12.67 17.68
N SER B 132 -19.42 -13.16 18.24
CA SER B 132 -20.68 -13.28 17.55
C SER B 132 -21.67 -12.26 18.13
N HIS B 133 -21.85 -11.16 17.41
CA HIS B 133 -22.74 -10.09 17.83
C HIS B 133 -24.06 -10.17 17.06
N ILE B 134 -25.09 -9.55 17.64
CA ILE B 134 -26.38 -9.40 16.99
C ILE B 134 -26.96 -8.04 17.35
N ARG B 135 -27.91 -7.58 16.55
CA ARG B 135 -28.62 -6.34 16.81
C ARG B 135 -30.09 -6.53 16.48
N CYS B 136 -30.94 -6.41 17.49
CA CYS B 136 -32.38 -6.48 17.33
C CYS B 136 -32.92 -5.06 17.16
N GLY B 137 -33.83 -4.89 16.21
CA GLY B 137 -34.33 -3.56 15.96
C GLY B 137 -35.47 -3.54 14.97
N ILE B 138 -35.70 -2.34 14.43
CA ILE B 138 -36.86 -2.03 13.61
C ILE B 138 -36.38 -1.20 12.42
N SER B 139 -37.00 -1.41 11.27
CA SER B 139 -36.56 -0.70 10.08
C SER B 139 -37.71 -0.60 9.09
N ARG B 140 -37.62 0.42 8.24
CA ARG B 140 -38.53 0.59 7.12
C ARG B 140 -37.93 -0.07 5.89
N ARG B 141 -38.73 -0.08 4.82
CA ARG B 141 -38.35 -0.82 3.61
C ARG B 141 -37.10 -0.24 2.94
N GLU B 142 -36.76 1.03 3.20
CA GLU B 142 -35.63 1.64 2.52
C GLU B 142 -34.30 1.07 3.03
N ALA B 143 -34.24 0.67 4.30
CA ALA B 143 -33.02 0.10 4.83
C ALA B 143 -32.59 -1.11 4.01
N SER B 144 -31.29 -1.25 3.81
CA SER B 144 -30.74 -2.36 3.02
C SER B 144 -30.44 -3.53 3.94
N THR B 145 -30.90 -4.72 3.55
CA THR B 145 -30.58 -5.93 4.31
C THR B 145 -29.10 -6.23 4.33
N GLU B 146 -28.30 -5.53 3.52
CA GLU B 146 -26.85 -5.71 3.54
C GLU B 146 -26.21 -5.11 4.79
N THR B 147 -26.78 -4.03 5.31
CA THR B 147 -26.20 -3.32 6.44
C THR B 147 -26.92 -3.67 7.73
N PRO B 148 -26.27 -3.51 8.87
CA PRO B 148 -26.96 -3.76 10.15
C PRO B 148 -28.03 -2.71 10.40
N VAL B 149 -29.17 -3.17 10.92
CA VAL B 149 -30.29 -2.27 11.17
C VAL B 149 -29.85 -1.15 12.09
N GLY B 150 -30.04 0.09 11.66
CA GLY B 150 -29.78 1.26 12.47
C GLY B 150 -28.73 2.20 11.92
N CYS B 151 -27.87 1.73 11.01
CA CYS B 151 -26.80 2.57 10.48
C CYS B 151 -27.33 3.74 9.66
N ASP B 152 -28.61 3.72 9.28
CA ASP B 152 -29.25 4.82 8.57
C ASP B 152 -30.45 5.29 9.37
N PHE B 153 -31.00 6.45 8.97
CA PHE B 153 -32.16 6.98 9.67
C PHE B 153 -33.44 6.22 9.35
N TYR B 154 -33.36 5.16 8.56
CA TYR B 154 -34.51 4.32 8.27
C TYR B 154 -34.64 3.15 9.25
N GLY B 155 -33.82 3.10 10.29
CA GLY B 155 -33.83 1.97 11.20
C GLY B 155 -33.57 2.42 12.64
N TYR B 156 -34.12 1.64 13.56
CA TYR B 156 -33.91 1.82 14.99
C TYR B 156 -33.59 0.44 15.57
N SER B 157 -32.50 0.36 16.34
CA SER B 157 -32.07 -0.94 16.87
C SER B 157 -31.39 -0.74 18.21
N ILE B 158 -31.04 -1.87 18.84
CA ILE B 158 -30.34 -1.87 20.12
C ILE B 158 -29.25 -2.94 20.06
N ARG B 159 -28.11 -2.65 20.68
CA ARG B 159 -26.94 -3.51 20.59
C ARG B 159 -27.01 -4.65 21.60
N ASP B 160 -26.20 -5.69 21.36
CA ASP B 160 -26.24 -6.88 22.20
C ASP B 160 -25.40 -6.73 23.46
N LYS B 161 -24.35 -5.93 23.43
CA LYS B 161 -23.42 -5.80 24.56
C LYS B 161 -23.57 -4.39 25.14
N GLY B 162 -24.29 -4.30 26.25
CA GLY B 162 -24.59 -3.04 26.89
C GLY B 162 -26.00 -2.54 26.64
N LEU B 163 -26.72 -3.13 25.68
CA LEU B 163 -28.06 -2.67 25.31
C LEU B 163 -28.06 -1.18 25.03
N GLN B 164 -27.05 -0.71 24.31
CA GLN B 164 -27.06 0.65 23.82
C GLN B 164 -28.06 0.77 22.66
N VAL B 165 -28.33 2.01 22.27
CA VAL B 165 -29.33 2.32 21.27
C VAL B 165 -28.61 2.82 20.02
N ILE B 166 -29.15 2.47 18.85
CA ILE B 166 -28.48 2.73 17.58
C ILE B 166 -29.48 3.37 16.62
N HIS B 167 -29.11 4.53 16.07
CA HIS B 167 -29.91 5.22 15.07
C HIS B 167 -29.00 6.18 14.32
N GLU B 168 -29.18 6.26 13.00
CA GLU B 168 -28.32 7.06 12.14
C GLU B 168 -26.85 6.72 12.34
N GLY B 169 -26.56 5.50 12.82
CA GLY B 169 -25.20 5.04 13.00
C GLY B 169 -24.57 5.43 14.32
N ARG B 170 -25.22 6.26 15.12
CA ARG B 170 -24.65 6.72 16.39
C ARG B 170 -25.22 5.92 17.54
N LEU B 171 -24.40 5.73 18.58
CA LEU B 171 -24.80 5.00 19.77
C LEU B 171 -25.29 5.96 20.86
N HIS B 172 -26.16 5.44 21.73
CA HIS B 172 -26.65 6.18 22.88
C HIS B 172 -26.91 5.19 24.01
N THR B 173 -26.61 5.60 25.23
CA THR B 173 -26.89 4.78 26.41
C THR B 173 -28.07 5.39 27.17
N VAL B 174 -29.26 5.24 26.60
CA VAL B 174 -30.47 5.81 27.17
C VAL B 174 -31.24 4.72 27.92
N LEU B 175 -31.08 3.48 27.48
CA LEU B 175 -31.76 2.36 28.11
C LEU B 175 -30.91 1.79 29.24
N LYS B 176 -31.59 1.14 30.18
CA LYS B 176 -30.92 0.54 31.33
C LYS B 176 -29.90 -0.49 30.85
N PRO B 177 -28.60 -0.31 31.14
CA PRO B 177 -27.60 -1.23 30.58
C PRO B 177 -27.88 -2.67 30.93
N HIS B 178 -27.64 -3.55 29.95
CA HIS B 178 -27.78 -4.99 30.13
C HIS B 178 -27.10 -5.67 28.95
N GLU B 179 -26.36 -6.74 29.23
CA GLU B 179 -25.61 -7.45 28.20
C GLU B 179 -26.24 -8.83 28.00
N MET B 180 -26.67 -9.09 26.76
CA MET B 180 -27.48 -10.27 26.48
C MET B 180 -26.66 -11.55 26.65
N GLN B 181 -27.29 -12.55 27.26
CA GLN B 181 -26.72 -13.89 27.39
C GLN B 181 -27.52 -14.86 26.50
N ALA B 182 -26.95 -16.06 26.33
CA ALA B 182 -27.40 -17.00 25.31
C ALA B 182 -28.77 -17.61 25.53
N GLY B 183 -29.54 -17.02 26.43
CA GLY B 183 -30.87 -17.53 26.68
C GLY B 183 -31.93 -16.50 27.00
N ASP B 184 -31.57 -15.22 27.00
CA ASP B 184 -32.53 -14.18 27.32
C ASP B 184 -33.67 -14.15 26.31
N ARG B 185 -34.71 -13.38 26.64
CA ARG B 185 -35.82 -13.12 25.74
C ARG B 185 -36.18 -11.65 25.84
N ILE B 186 -35.84 -10.90 24.80
CA ILE B 186 -35.96 -9.45 24.81
C ILE B 186 -37.29 -9.05 24.18
N GLY B 187 -38.02 -8.19 24.87
CA GLY B 187 -39.32 -7.73 24.40
C GLY B 187 -39.22 -6.41 23.66
N PHE B 188 -40.18 -6.19 22.76
CA PHE B 188 -40.24 -4.96 21.98
C PHE B 188 -41.72 -4.56 21.85
N LEU B 189 -42.10 -3.49 22.54
CA LEU B 189 -43.43 -2.92 22.42
C LEU B 189 -43.31 -1.64 21.59
N LEU B 190 -43.86 -1.67 20.38
CA LEU B 190 -43.75 -0.57 19.43
C LEU B 190 -45.12 0.08 19.28
N THR B 191 -45.26 1.29 19.83
CA THR B 191 -46.50 2.05 19.75
C THR B 191 -46.42 3.05 18.62
N LEU B 192 -47.44 3.06 17.76
CA LEU B 192 -47.53 4.04 16.69
C LEU B 192 -48.93 4.64 16.65
N PRO B 193 -49.06 5.90 16.26
CA PRO B 193 -50.39 6.49 16.10
C PRO B 193 -51.21 5.73 15.05
N SER B 194 -52.50 6.02 15.02
CA SER B 194 -53.38 5.35 14.08
C SER B 194 -53.27 6.00 12.70
N LEU B 195 -53.66 5.24 11.68
CA LEU B 195 -53.40 5.64 10.30
C LEU B 195 -54.04 6.99 9.97
N GLN B 196 -55.22 7.26 10.53
CA GLN B 196 -55.87 8.54 10.25
C GLN B 196 -55.02 9.71 10.75
N SER B 197 -54.46 9.60 11.96
CA SER B 197 -53.58 10.65 12.46
C SER B 197 -52.27 10.70 11.70
N GLN B 198 -51.77 9.53 11.24
CA GLN B 198 -50.59 9.53 10.40
C GLN B 198 -50.87 10.03 8.99
N SER B 199 -52.13 10.02 8.57
CA SER B 199 -52.47 10.41 7.20
C SER B 199 -52.43 11.92 7.01
N GLU B 200 -52.95 12.68 7.99
CA GLU B 200 -52.91 14.14 7.88
C GLU B 200 -51.51 14.67 8.10
N GLN B 201 -50.78 14.08 9.06
CA GLN B 201 -49.37 14.42 9.24
C GLN B 201 -48.60 14.33 7.94
N ALA B 202 -49.08 13.51 7.00
CA ALA B 202 -48.47 13.34 5.69
C ALA B 202 -49.09 14.23 4.62
N MET B 203 -50.43 14.31 4.59
CA MET B 203 -51.06 15.27 3.69
C MET B 203 -50.58 16.69 3.96
N ASP B 204 -50.47 17.06 5.24
CA ASP B 204 -49.88 18.34 5.58
C ASP B 204 -48.47 18.46 5.05
N TYR B 205 -47.65 17.41 5.23
CA TYR B 205 -46.28 17.43 4.72
C TYR B 205 -46.28 17.60 3.20
N SER B 206 -47.15 16.85 2.51
CA SER B 206 -47.36 17.08 1.08
C SER B 206 -47.63 18.55 0.79
N LEU B 207 -48.63 19.11 1.46
CA LEU B 207 -49.11 20.45 1.13
C LEU B 207 -48.06 21.52 1.43
N LYS B 208 -47.35 21.39 2.56
CA LYS B 208 -46.23 22.30 2.79
C LYS B 208 -45.25 22.25 1.63
N ARG B 209 -44.95 21.06 1.13
CA ARG B 209 -43.90 20.88 0.14
C ARG B 209 -44.33 21.20 -1.28
N ILE B 210 -45.64 21.28 -1.57
CA ILE B 210 -46.05 21.43 -2.97
C ILE B 210 -45.59 22.78 -3.53
N GLN B 211 -45.83 23.86 -2.79
CA GLN B 211 -45.53 25.21 -3.28
C GLN B 211 -44.57 26.01 -2.40
N GLU B 212 -44.59 25.81 -1.07
CA GLU B 212 -43.72 26.60 -0.22
C GLU B 212 -42.25 26.46 -0.65
N LEU B 213 -41.82 25.22 -0.91
CA LEU B 213 -40.49 25.00 -1.45
C LEU B 213 -40.44 25.11 -2.97
N ASN B 214 -41.59 25.12 -3.64
CA ASN B 214 -41.69 25.45 -5.06
C ASN B 214 -42.17 26.88 -5.28
N ASN B 215 -41.93 27.77 -4.31
CA ASN B 215 -42.29 29.18 -4.45
C ASN B 215 -43.74 29.37 -4.87
N LYS B 226 -33.13 20.74 -9.99
CA LYS B 226 -34.55 20.60 -10.29
C LYS B 226 -35.02 21.73 -11.19
N PHE B 227 -35.62 21.37 -12.33
CA PHE B 227 -36.09 22.36 -13.31
C PHE B 227 -37.60 22.39 -13.46
N ASN B 228 -38.29 21.27 -13.22
CA ASN B 228 -39.71 21.13 -13.57
C ASN B 228 -40.54 21.09 -12.29
N LYS B 229 -41.01 22.27 -11.86
CA LYS B 229 -41.88 22.35 -10.70
C LYS B 229 -43.28 21.82 -11.00
N GLU B 230 -43.82 22.17 -12.17
CA GLU B 230 -45.21 21.82 -12.51
C GLU B 230 -45.46 20.33 -12.35
N PHE B 231 -44.68 19.50 -13.04
CA PHE B 231 -44.93 18.06 -13.02
C PHE B 231 -44.84 17.50 -11.60
N TYR B 232 -43.78 17.82 -10.87
CA TYR B 232 -43.64 17.32 -9.51
C TYR B 232 -44.82 17.76 -8.65
N LYS B 233 -45.25 19.02 -8.78
CA LYS B 233 -46.40 19.49 -8.00
C LYS B 233 -47.63 18.65 -8.30
N PHE B 234 -47.87 18.36 -9.58
CA PHE B 234 -48.96 17.46 -9.95
C PHE B 234 -48.86 16.15 -9.16
N LEU B 235 -47.67 15.57 -9.10
CA LEU B 235 -47.50 14.31 -8.39
C LEU B 235 -47.86 14.46 -6.91
N LEU B 236 -47.43 15.54 -6.27
CA LEU B 236 -47.63 15.67 -4.83
C LEU B 236 -49.10 15.97 -4.50
N ARG B 237 -49.82 16.66 -5.39
CA ARG B 237 -51.26 16.77 -5.21
C ARG B 237 -51.94 15.41 -5.36
N SER B 238 -51.53 14.65 -6.38
CA SER B 238 -52.13 13.34 -6.66
C SER B 238 -51.41 12.27 -5.85
N CYS B 239 -51.67 12.29 -4.54
CA CYS B 239 -50.98 11.41 -3.60
C CYS B 239 -51.98 11.00 -2.52
N GLU B 240 -52.51 9.79 -2.64
CA GLU B 240 -53.41 9.25 -1.63
C GLU B 240 -52.65 8.30 -0.73
N PRO B 241 -52.32 8.67 0.51
CA PRO B 241 -51.51 7.77 1.34
C PRO B 241 -52.26 6.55 1.82
N THR B 242 -53.49 6.72 2.31
CA THR B 242 -54.24 5.57 2.84
C THR B 242 -54.55 4.56 1.75
N ASN B 243 -55.10 5.02 0.62
CA ASN B 243 -55.46 4.12 -0.45
C ASN B 243 -54.21 3.51 -1.08
N VAL B 244 -54.32 2.23 -1.45
CA VAL B 244 -53.19 1.45 -1.93
C VAL B 244 -53.29 1.30 -3.44
N VAL B 245 -52.23 1.70 -4.14
CA VAL B 245 -52.03 1.36 -5.54
C VAL B 245 -50.74 0.57 -5.61
N ARG B 246 -50.83 -0.70 -6.00
CA ARG B 246 -49.68 -1.59 -5.99
C ARG B 246 -49.18 -1.84 -7.40
N ASP B 247 -47.87 -2.11 -7.50
CA ASP B 247 -47.21 -2.39 -8.76
C ASP B 247 -46.63 -3.80 -8.67
N GLN B 248 -47.19 -4.72 -9.46
CA GLN B 248 -46.75 -6.11 -9.43
C GLN B 248 -46.88 -6.70 -10.82
N ILE B 249 -45.89 -7.53 -11.19
CA ILE B 249 -45.93 -8.30 -12.43
C ILE B 249 -45.46 -9.71 -12.10
N ALA B 250 -46.24 -10.70 -12.54
CA ALA B 250 -45.85 -12.09 -12.31
C ALA B 250 -44.71 -12.47 -13.25
N ILE B 251 -43.66 -13.06 -12.69
CA ILE B 251 -42.54 -13.56 -13.47
C ILE B 251 -42.19 -14.96 -12.96
N ARG B 252 -41.50 -15.71 -13.80
CA ARG B 252 -41.04 -17.05 -13.45
C ARG B 252 -39.51 -17.03 -13.40
N TYR B 253 -38.97 -17.30 -12.22
CA TYR B 253 -37.53 -17.35 -12.01
C TYR B 253 -37.16 -18.79 -11.69
N LYS B 254 -36.53 -19.47 -12.66
CA LYS B 254 -36.12 -20.86 -12.51
C LYS B 254 -37.29 -21.74 -12.07
N ASN B 255 -38.35 -21.69 -12.88
CA ASN B 255 -39.53 -22.55 -12.74
C ASN B 255 -40.29 -22.29 -11.45
N GLN B 256 -39.97 -21.23 -10.72
CA GLN B 256 -40.75 -20.82 -9.56
C GLN B 256 -41.51 -19.54 -9.90
N LEU B 257 -42.48 -19.21 -9.06
CA LEU B 257 -43.45 -18.17 -9.35
C LEU B 257 -43.36 -17.08 -8.29
N PHE B 258 -43.07 -15.85 -8.70
CA PHE B 258 -42.92 -14.74 -7.78
C PHE B 258 -43.60 -13.50 -8.36
N TYR B 259 -43.95 -12.58 -7.45
CA TYR B 259 -44.43 -11.26 -7.82
C TYR B 259 -43.28 -10.27 -7.67
N GLU B 260 -43.03 -9.50 -8.72
CA GLU B 260 -41.97 -8.49 -8.73
C GLU B 260 -42.60 -7.11 -8.59
N SER B 261 -42.30 -6.43 -7.49
CA SER B 261 -42.84 -5.11 -7.20
C SER B 261 -41.70 -4.11 -7.02
N THR B 262 -42.01 -2.84 -7.32
CA THR B 262 -41.05 -1.78 -7.08
C THR B 262 -40.95 -1.48 -5.60
N ASP B 263 -39.82 -0.89 -5.21
CA ASP B 263 -39.52 -0.66 -3.81
C ASP B 263 -39.03 0.77 -3.62
N TYR B 264 -38.77 1.14 -2.37
CA TYR B 264 -38.42 2.51 -2.02
C TYR B 264 -36.91 2.70 -1.98
N VAL B 265 -36.50 3.96 -2.06
CA VAL B 265 -35.10 4.33 -2.15
C VAL B 265 -34.79 5.31 -1.04
N LYS B 266 -33.52 5.35 -0.65
CA LYS B 266 -33.06 6.31 0.35
C LYS B 266 -33.19 7.73 -0.19
N THR B 267 -33.57 8.66 0.68
CA THR B 267 -33.68 10.06 0.32
C THR B 267 -33.17 10.91 1.48
N THR B 268 -33.16 12.22 1.26
CA THR B 268 -32.85 13.15 2.34
C THR B 268 -33.76 12.88 3.53
N LYS B 269 -33.28 13.22 4.71
CA LYS B 269 -34.12 13.12 5.90
C LYS B 269 -35.09 14.29 5.93
N PRO B 270 -36.40 14.04 6.03
CA PRO B 270 -37.37 15.12 5.87
C PRO B 270 -37.21 16.20 6.95
N GLU B 271 -37.19 17.44 6.50
CA GLU B 271 -37.07 18.60 7.38
C GLU B 271 -38.19 19.59 7.09
N TYR B 272 -38.41 20.50 8.03
CA TYR B 272 -39.32 21.61 7.80
C TYR B 272 -38.97 22.74 8.78
N TYR B 273 -39.04 23.97 8.28
CA TYR B 273 -38.74 25.14 9.10
C TYR B 273 -40.03 25.66 9.74
N ASP B 274 -39.99 25.84 11.06
CA ASP B 274 -41.15 26.29 11.82
C ASP B 274 -40.93 27.77 12.15
N ASN B 275 -41.71 28.63 11.50
CA ASN B 275 -41.57 30.07 11.73
C ASN B 275 -41.94 30.45 13.16
N ARG B 276 -42.83 29.67 13.80
CA ARG B 276 -43.28 30.03 15.14
C ARG B 276 -42.15 29.91 16.15
N ASP B 277 -41.43 28.78 16.15
CA ASP B 277 -40.25 28.63 16.99
C ASP B 277 -38.99 29.13 16.31
N ASP B 278 -39.02 29.37 15.00
CA ASP B 278 -37.87 29.84 14.25
C ASP B 278 -36.71 28.84 14.35
N MET B 279 -36.96 27.64 13.83
CA MET B 279 -35.91 26.62 13.82
C MET B 279 -36.37 25.44 12.97
N GLN B 280 -35.41 24.74 12.39
CA GLN B 280 -35.68 23.52 11.67
C GLN B 280 -36.10 22.41 12.63
N LYS B 281 -37.21 21.76 12.34
CA LYS B 281 -37.71 20.65 13.12
C LYS B 281 -37.70 19.39 12.27
N PHE B 282 -37.38 18.26 12.89
CA PHE B 282 -37.57 16.97 12.23
C PHE B 282 -39.01 16.51 12.36
N TYR B 283 -39.38 15.55 11.53
CA TYR B 283 -40.73 14.99 11.56
C TYR B 283 -40.76 13.78 12.48
N GLU B 284 -41.76 13.75 13.37
CA GLU B 284 -41.91 12.68 14.34
C GLU B 284 -43.35 12.19 14.33
N LEU B 285 -43.53 10.88 14.44
CA LEU B 285 -44.86 10.31 14.56
C LEU B 285 -45.45 10.65 15.94
N GLU B 286 -46.69 11.10 15.94
CA GLU B 286 -47.32 11.55 17.18
C GLU B 286 -47.46 10.37 18.15
N ASN B 287 -46.88 10.53 19.35
CA ASN B 287 -47.02 9.56 20.43
C ASN B 287 -46.37 8.22 20.10
N SER B 288 -45.51 8.15 19.09
CA SER B 288 -44.81 6.92 18.78
C SER B 288 -43.78 6.61 19.85
N SER B 289 -43.62 5.33 20.16
CA SER B 289 -42.70 4.91 21.22
C SER B 289 -42.16 3.53 20.88
N PHE B 290 -40.93 3.27 21.31
CA PHE B 290 -40.27 1.99 21.09
C PHE B 290 -39.68 1.53 22.42
N GLU B 291 -40.40 0.68 23.13
CA GLU B 291 -40.01 0.22 24.46
C GLU B 291 -39.43 -1.18 24.36
N VAL B 292 -38.27 -1.38 24.98
CA VAL B 292 -37.59 -2.67 24.98
C VAL B 292 -37.70 -3.26 26.39
N PHE B 293 -38.00 -4.55 26.46
CA PHE B 293 -38.05 -5.29 27.70
C PHE B 293 -36.96 -6.36 27.71
N VAL B 294 -36.59 -6.77 28.92
CA VAL B 294 -35.63 -7.85 29.13
C VAL B 294 -36.29 -8.83 30.09
N ASN B 295 -36.85 -9.91 29.55
CA ASN B 295 -37.50 -10.93 30.37
C ASN B 295 -38.70 -10.36 31.11
N GLY B 296 -39.44 -9.46 30.45
CA GLY B 296 -40.62 -8.87 31.03
C GLY B 296 -40.39 -7.52 31.67
N VAL B 297 -39.26 -7.35 32.34
CA VAL B 297 -38.96 -6.10 33.04
C VAL B 297 -38.45 -5.09 32.03
N SER B 298 -39.16 -3.97 31.90
CA SER B 298 -38.78 -2.92 30.97
C SER B 298 -37.44 -2.32 31.35
N HIS B 299 -36.67 -1.93 30.33
CA HIS B 299 -35.43 -1.18 30.52
C HIS B 299 -35.55 0.25 30.02
N GLY B 300 -36.73 0.68 29.61
CA GLY B 300 -36.99 2.06 29.24
C GLY B 300 -37.53 2.18 27.84
N ILE B 301 -37.76 3.43 27.44
CA ILE B 301 -38.15 3.76 26.07
C ILE B 301 -36.89 3.95 25.24
N ALA B 302 -36.82 3.28 24.10
CA ALA B 302 -35.68 3.45 23.21
C ALA B 302 -35.78 4.75 22.42
N PHE B 303 -36.89 4.94 21.70
CA PHE B 303 -37.11 6.14 20.92
C PHE B 303 -38.55 6.60 21.11
N GLU B 304 -38.77 7.88 20.85
CA GLU B 304 -40.11 8.46 20.79
C GLU B 304 -40.43 9.09 19.45
N GLY B 305 -39.50 9.85 18.88
CA GLY B 305 -39.78 10.57 17.66
C GLY B 305 -39.48 9.78 16.41
N LEU B 306 -40.25 8.73 16.17
CA LEU B 306 -40.01 7.88 15.00
C LEU B 306 -40.42 8.61 13.73
N THR B 307 -39.58 8.52 12.71
CA THR B 307 -39.87 9.20 11.46
C THR B 307 -41.12 8.60 10.81
N PRO B 308 -41.96 9.42 10.18
CA PRO B 308 -43.12 8.87 9.47
C PRO B 308 -42.81 8.46 8.03
N PHE B 309 -43.64 7.54 7.51
CA PHE B 309 -43.27 6.84 6.29
C PHE B 309 -44.32 6.80 5.19
N LEU B 310 -45.42 7.55 5.29
CA LEU B 310 -46.60 7.12 4.56
C LEU B 310 -46.57 7.45 3.06
N PRO B 311 -46.27 8.67 2.62
CA PRO B 311 -46.30 8.92 1.18
C PRO B 311 -45.04 9.63 0.68
N PRO B 312 -44.94 10.98 0.66
CA PRO B 312 -43.62 11.53 0.29
C PRO B 312 -42.52 11.22 1.29
N PHE B 313 -42.87 10.77 2.50
CA PHE B 313 -41.85 10.30 3.43
C PHE B 313 -41.11 9.10 2.88
N SER B 314 -41.76 8.31 2.02
CA SER B 314 -41.15 7.15 1.38
C SER B 314 -41.45 7.23 -0.11
N GLU B 315 -40.40 7.36 -0.92
CA GLU B 315 -40.52 7.51 -2.37
C GLU B 315 -40.25 6.19 -3.05
N LEU B 316 -41.15 5.78 -3.93
CA LEU B 316 -40.93 4.58 -4.74
C LEU B 316 -39.73 4.78 -5.67
N GLN B 317 -39.27 3.67 -6.23
CA GLN B 317 -38.39 3.74 -7.38
C GLN B 317 -39.18 4.28 -8.57
N TYR B 318 -38.57 5.21 -9.31
CA TYR B 318 -39.32 5.97 -10.30
C TYR B 318 -38.45 6.28 -11.50
N ASN B 319 -38.94 5.94 -12.68
CA ASN B 319 -38.33 6.36 -13.94
C ASN B 319 -39.02 7.66 -14.36
N GLU B 320 -38.66 8.75 -13.69
CA GLU B 320 -39.27 10.04 -14.00
C GLU B 320 -38.92 10.49 -15.41
N LYS B 321 -37.81 10.00 -15.97
CA LYS B 321 -37.48 10.29 -17.36
C LYS B 321 -38.58 9.82 -18.30
N PHE B 322 -39.27 8.74 -17.95
CA PHE B 322 -40.33 8.19 -18.78
C PHE B 322 -41.66 8.92 -18.56
N TYR B 323 -42.10 9.03 -17.31
CA TYR B 323 -43.40 9.64 -17.03
C TYR B 323 -43.38 11.14 -17.29
N LEU B 324 -42.26 11.80 -16.98
CA LEU B 324 -42.13 13.22 -17.29
C LEU B 324 -42.30 13.47 -18.79
N HIS B 325 -41.71 12.60 -19.62
CA HIS B 325 -41.88 12.72 -21.06
C HIS B 325 -43.35 12.77 -21.46
N HIS B 326 -44.16 11.90 -20.86
CA HIS B 326 -45.60 11.88 -21.13
C HIS B 326 -46.31 13.02 -20.41
N GLU B 337 -52.85 6.61 -16.99
CA GLU B 337 -51.76 6.84 -17.92
C GLU B 337 -50.44 7.07 -17.19
N ILE B 338 -50.52 7.55 -15.95
CA ILE B 338 -49.35 7.97 -15.19
C ILE B 338 -49.37 7.28 -13.83
N ARG B 339 -48.17 7.00 -13.32
CA ARG B 339 -47.98 6.44 -11.99
C ARG B 339 -47.36 7.49 -11.08
N ASN B 340 -47.31 7.18 -9.78
CA ASN B 340 -46.84 8.10 -8.76
C ASN B 340 -45.60 7.56 -8.06
N LYS B 341 -44.70 8.48 -7.71
CA LYS B 341 -43.64 8.15 -6.75
C LYS B 341 -44.23 7.85 -5.39
N TYR B 342 -45.06 8.78 -4.89
CA TYR B 342 -45.49 8.79 -3.50
C TYR B 342 -46.80 8.01 -3.41
N VAL B 343 -46.65 6.69 -3.34
CA VAL B 343 -47.79 5.77 -3.32
C VAL B 343 -47.49 4.65 -2.33
N ASN B 344 -48.55 4.12 -1.74
CA ASN B 344 -48.45 3.00 -0.80
C ASN B 344 -48.83 1.72 -1.52
N ASN B 345 -47.99 0.69 -1.36
CA ASN B 345 -48.27 -0.64 -1.91
C ASN B 345 -48.62 -1.63 -0.80
N ASN B 346 -49.21 -1.14 0.29
CA ASN B 346 -49.62 -1.96 1.43
C ASN B 346 -48.44 -2.60 2.16
N ARG B 347 -47.23 -2.06 1.99
CA ARG B 347 -46.04 -2.56 2.65
C ARG B 347 -45.27 -1.41 3.30
N LEU B 348 -45.99 -0.44 3.86
CA LEU B 348 -45.37 0.71 4.52
C LEU B 348 -45.54 0.61 6.02
N GLY B 349 -44.43 0.73 6.72
CA GLY B 349 -44.41 0.59 8.16
C GLY B 349 -43.04 0.11 8.61
N TYR B 350 -43.01 -0.40 9.84
CA TYR B 350 -41.77 -0.81 10.48
C TYR B 350 -41.75 -2.32 10.61
N TYR B 351 -40.72 -2.95 10.06
CA TYR B 351 -40.55 -4.40 10.13
C TYR B 351 -39.58 -4.75 11.26
N ALA B 352 -39.96 -5.74 12.07
CA ALA B 352 -39.05 -6.24 13.09
C ALA B 352 -37.82 -6.83 12.41
N THR B 353 -36.69 -6.13 12.51
CA THR B 353 -35.48 -6.49 11.79
C THR B 353 -34.47 -7.11 12.74
N LEU B 354 -33.70 -8.06 12.21
CA LEU B 354 -32.68 -8.76 12.98
C LEU B 354 -31.38 -8.77 12.18
N SER B 355 -30.27 -8.56 12.88
CA SER B 355 -28.96 -8.47 12.25
C SER B 355 -27.98 -9.40 12.95
N SER B 356 -27.13 -10.05 12.16
CA SER B 356 -26.17 -11.02 12.67
C SER B 356 -24.76 -10.66 12.22
N PHE B 357 -23.80 -10.95 13.09
CA PHE B 357 -22.39 -10.67 12.80
C PHE B 357 -21.55 -11.81 13.34
N GLN B 358 -20.81 -12.46 12.44
CA GLN B 358 -19.87 -13.52 12.81
C GLN B 358 -20.50 -14.53 13.77
N GLY B 359 -21.56 -15.17 13.28
CA GLY B 359 -22.17 -16.27 13.99
C GLY B 359 -23.19 -15.88 15.04
N GLY B 360 -23.49 -14.59 15.21
CA GLY B 360 -24.52 -14.18 16.13
C GLY B 360 -25.89 -14.62 15.62
N THR B 361 -26.54 -15.51 16.36
CA THR B 361 -27.82 -16.06 15.93
C THR B 361 -28.91 -15.68 16.93
N ALA B 362 -30.10 -15.43 16.40
CA ALA B 362 -31.24 -15.05 17.23
C ALA B 362 -32.52 -15.40 16.48
N SER B 363 -33.60 -15.57 17.24
CA SER B 363 -34.89 -15.95 16.70
C SER B 363 -35.93 -14.88 17.04
N ILE B 364 -36.98 -14.84 16.24
CA ILE B 364 -38.05 -13.86 16.38
C ILE B 364 -39.37 -14.62 16.59
N ILE B 365 -40.13 -14.23 17.61
CA ILE B 365 -41.36 -14.91 17.99
C ILE B 365 -42.55 -14.12 17.48
N THR B 366 -43.63 -14.82 17.13
CA THR B 366 -44.75 -14.18 16.44
C THR B 366 -46.11 -14.50 17.06
N GLU B 367 -46.25 -15.65 17.73
CA GLU B 367 -47.54 -16.12 18.20
C GLU B 367 -47.61 -16.08 19.72
N ALA B 368 -48.77 -15.64 20.22
CA ALA B 368 -48.97 -15.46 21.67
C ALA B 368 -48.57 -16.70 22.46
N MET B 369 -48.92 -17.89 21.96
CA MET B 369 -48.72 -19.11 22.75
C MET B 369 -47.27 -19.33 23.15
N GLU B 370 -46.32 -18.68 22.49
CA GLU B 370 -44.90 -18.89 22.75
C GLU B 370 -44.19 -17.59 23.13
N LEU B 371 -44.93 -16.64 23.70
CA LEU B 371 -44.35 -15.48 24.36
C LEU B 371 -44.32 -15.74 25.86
N LYS B 372 -43.13 -15.60 26.46
CA LYS B 372 -42.99 -15.85 27.89
C LYS B 372 -43.43 -14.66 28.72
N PHE B 373 -43.13 -13.44 28.27
CA PHE B 373 -43.42 -12.21 29.03
C PHE B 373 -44.12 -11.23 28.09
N LEU B 374 -45.44 -11.42 27.93
CA LEU B 374 -46.24 -10.55 27.08
C LEU B 374 -47.04 -9.59 27.95
N PRO B 375 -47.00 -8.28 27.69
CA PRO B 375 -47.71 -7.35 28.56
C PRO B 375 -49.22 -7.45 28.40
N LYS B 376 -49.93 -7.27 29.50
CA LYS B 376 -51.39 -7.44 29.52
C LYS B 376 -52.06 -6.13 29.14
N ASP B 377 -52.41 -6.01 27.86
CA ASP B 377 -53.21 -4.91 27.34
C ASP B 377 -54.00 -5.48 26.16
N VAL B 378 -55.25 -5.06 26.03
CA VAL B 378 -56.13 -5.70 25.07
C VAL B 378 -56.02 -5.11 23.66
N ASP B 379 -55.47 -3.91 23.53
CA ASP B 379 -55.30 -3.30 22.21
C ASP B 379 -54.04 -3.77 21.51
N ILE B 380 -53.10 -4.37 22.24
CA ILE B 380 -51.85 -4.80 21.62
C ILE B 380 -52.06 -6.14 20.91
N LYS B 381 -51.20 -6.40 19.92
CA LYS B 381 -51.37 -7.53 19.04
C LYS B 381 -50.01 -8.20 18.79
N THR B 382 -50.00 -9.53 18.84
CA THR B 382 -48.80 -10.28 18.49
C THR B 382 -48.52 -10.14 17.00
N LEU B 383 -47.24 -10.25 16.63
CA LEU B 383 -46.86 -10.14 15.23
C LEU B 383 -47.70 -11.06 14.34
N ASN B 384 -48.03 -12.24 14.85
CA ASN B 384 -48.90 -13.15 14.10
C ASN B 384 -50.27 -12.53 13.85
N ASP B 385 -50.77 -11.76 14.81
CA ASP B 385 -52.06 -11.10 14.61
C ASP B 385 -51.98 -10.11 13.45
N ILE B 386 -51.01 -9.20 13.49
CA ILE B 386 -50.87 -8.24 12.39
C ILE B 386 -50.51 -8.94 11.10
N TYR B 387 -49.80 -10.07 11.17
CA TYR B 387 -49.63 -10.92 10.01
C TYR B 387 -51.03 -11.23 9.46
N ASN B 388 -51.80 -12.02 10.22
CA ASN B 388 -53.18 -12.33 9.85
C ASN B 388 -53.94 -11.09 9.38
N GLU B 389 -53.85 -9.99 10.12
CA GLU B 389 -54.47 -8.75 9.66
C GLU B 389 -53.91 -8.34 8.30
N GLN B 390 -52.66 -8.70 8.02
CA GLN B 390 -52.05 -8.30 6.75
C GLN B 390 -52.51 -9.16 5.58
N ILE B 391 -52.55 -10.50 5.76
CA ILE B 391 -53.01 -11.36 4.68
C ILE B 391 -54.41 -10.94 4.24
N ALA B 392 -55.30 -10.75 5.22
CA ALA B 392 -56.65 -10.27 4.90
C ALA B 392 -56.58 -8.97 4.11
N SER B 393 -55.75 -8.02 4.56
CA SER B 393 -55.59 -6.78 3.83
C SER B 393 -54.98 -7.02 2.46
N ASP B 394 -54.23 -8.11 2.29
CA ASP B 394 -53.64 -8.41 0.99
C ASP B 394 -54.69 -8.91 0.01
N ILE B 395 -55.46 -9.94 0.39
CA ILE B 395 -56.38 -10.54 -0.55
C ILE B 395 -57.50 -9.57 -0.91
N VAL B 396 -57.93 -8.72 0.03
CA VAL B 396 -58.89 -7.68 -0.32
C VAL B 396 -58.30 -6.76 -1.38
N TRP B 397 -57.08 -6.27 -1.14
CA TRP B 397 -56.45 -5.39 -2.12
C TRP B 397 -56.17 -6.12 -3.43
N ASP B 398 -55.87 -7.42 -3.36
CA ASP B 398 -55.85 -8.22 -4.58
C ASP B 398 -57.22 -8.22 -5.26
N LEU B 399 -58.29 -8.11 -4.47
CA LEU B 399 -59.63 -8.15 -5.02
C LEU B 399 -59.94 -6.90 -5.83
N ILE B 400 -59.73 -5.71 -5.24
CA ILE B 400 -60.11 -4.47 -5.90
C ILE B 400 -59.34 -4.29 -7.21
N ASP B 401 -58.04 -4.57 -7.20
CA ASP B 401 -57.22 -4.34 -8.38
C ASP B 401 -57.78 -5.06 -9.61
N GLU B 402 -58.37 -6.24 -9.42
CA GLU B 402 -59.02 -6.94 -10.52
C GLU B 402 -60.03 -6.03 -11.21
N ILE B 403 -60.81 -5.28 -10.43
CA ILE B 403 -61.84 -4.41 -10.96
C ILE B 403 -61.28 -3.00 -11.11
N LEU C 1 -4.24 -12.65 -23.25
CA LEU C 1 -3.99 -14.05 -23.61
C LEU C 1 -2.95 -14.65 -22.66
N SER C 2 -3.10 -14.34 -21.37
CA SER C 2 -2.16 -14.82 -20.36
C SER C 2 -2.92 -15.20 -19.11
N LEU C 3 -2.45 -16.25 -18.44
CA LEU C 3 -3.01 -16.59 -17.14
C LEU C 3 -2.78 -15.45 -16.16
N ASN C 4 -3.81 -15.15 -15.36
CA ASN C 4 -3.67 -14.10 -14.35
C ASN C 4 -2.47 -14.33 -13.45
N GLN C 5 -2.02 -15.58 -13.32
CA GLN C 5 -0.75 -15.84 -12.62
C GLN C 5 0.42 -15.18 -13.36
N LEU C 6 0.49 -15.39 -14.67
CA LEU C 6 1.61 -14.84 -15.44
C LEU C 6 1.64 -13.32 -15.36
N THR C 7 0.47 -12.68 -15.32
CA THR C 7 0.43 -11.22 -15.22
C THR C 7 1.04 -10.72 -13.92
N LYS C 8 1.04 -11.56 -12.87
CA LYS C 8 1.54 -11.14 -11.57
C LYS C 8 3.06 -11.01 -11.55
N ARG C 9 3.77 -11.65 -12.49
CA ARG C 9 5.22 -11.70 -12.46
C ARG C 9 5.84 -10.69 -13.43
N LYS C 10 5.53 -10.80 -14.72
CA LYS C 10 5.96 -9.78 -15.66
C LYS C 10 5.45 -8.42 -15.20
N LYS C 11 6.30 -7.41 -15.28
CA LYS C 11 5.92 -6.05 -14.92
C LYS C 11 6.39 -5.09 -16.00
N PRO C 12 5.51 -4.57 -16.85
CA PRO C 12 5.93 -3.64 -17.91
C PRO C 12 5.79 -2.17 -17.57
N VAL C 13 5.54 -1.81 -16.31
CA VAL C 13 5.20 -0.43 -15.96
C VAL C 13 5.74 -0.09 -14.59
N THR C 14 5.86 1.21 -14.31
CA THR C 14 6.20 1.71 -12.99
C THR C 14 5.53 3.07 -12.81
N PHE C 15 5.71 3.66 -11.63
CA PHE C 15 5.16 4.97 -11.33
C PHE C 15 6.24 6.04 -11.40
N ALA C 16 5.81 7.26 -11.69
CA ALA C 16 6.71 8.40 -11.78
C ALA C 16 5.87 9.67 -11.87
N ARG C 17 6.52 10.81 -11.60
CA ARG C 17 5.81 12.08 -11.63
C ARG C 17 5.15 12.29 -12.99
N SER C 18 3.98 12.93 -12.97
CA SER C 18 3.17 13.10 -14.16
C SER C 18 2.70 14.55 -14.29
N ALA C 19 2.55 14.99 -15.54
CA ALA C 19 2.01 16.31 -15.82
C ALA C 19 0.52 16.38 -15.52
N ILE C 20 -0.19 15.26 -15.72
CA ILE C 20 -1.63 15.23 -15.46
C ILE C 20 -1.91 15.43 -13.98
N HIS C 21 -1.29 14.61 -13.14
CA HIS C 21 -1.50 14.67 -11.70
C HIS C 21 -0.20 14.23 -11.03
N ASN C 22 -0.16 14.38 -9.71
CA ASN C 22 1.06 14.11 -8.93
C ASN C 22 1.81 12.87 -9.41
N TRP C 23 1.21 11.69 -9.28
CA TRP C 23 1.83 10.44 -9.68
C TRP C 23 1.03 9.80 -10.81
N GLY C 24 1.74 9.17 -11.74
CA GLY C 24 1.10 8.49 -12.85
C GLY C 24 1.82 7.19 -13.16
N LEU C 25 1.18 6.39 -14.01
CA LEU C 25 1.70 5.09 -14.41
C LEU C 25 2.28 5.18 -15.81
N TYR C 26 3.54 4.77 -15.95
CA TYR C 26 4.26 4.86 -17.22
C TYR C 26 4.69 3.48 -17.68
N ALA C 27 4.88 3.35 -18.99
CA ALA C 27 5.36 2.12 -19.60
C ALA C 27 6.89 2.14 -19.70
N LEU C 28 7.50 0.98 -19.47
CA LEU C 28 8.95 0.85 -19.56
C LEU C 28 9.38 0.14 -20.84
N GLU C 29 8.44 -0.31 -21.65
CA GLU C 29 8.75 -1.02 -22.89
C GLU C 29 7.54 -0.95 -23.79
N PRO C 30 7.72 -0.97 -25.11
CA PRO C 30 6.56 -0.85 -26.01
C PRO C 30 5.56 -1.98 -25.86
N ILE C 31 4.61 -1.83 -24.95
CA ILE C 31 3.43 -2.69 -24.94
C ILE C 31 2.47 -2.18 -26.01
N ALA C 32 1.84 -3.10 -26.73
CA ALA C 32 1.06 -2.73 -27.90
C ALA C 32 -0.25 -3.51 -27.94
N ALA C 33 -1.08 -3.13 -28.91
CA ALA C 33 -2.32 -3.85 -29.22
C ALA C 33 -3.17 -3.97 -27.95
N LYS C 34 -3.72 -5.14 -27.64
CA LYS C 34 -4.69 -5.31 -26.56
C LYS C 34 -4.23 -6.45 -25.66
N GLU C 35 -3.13 -6.24 -24.94
CA GLU C 35 -2.55 -7.27 -24.09
C GLU C 35 -2.63 -6.85 -22.63
N MET C 36 -2.47 -7.84 -21.75
CA MET C 36 -2.64 -7.63 -20.31
C MET C 36 -1.46 -6.85 -19.76
N ILE C 37 -1.70 -5.60 -19.38
CA ILE C 37 -0.68 -4.78 -18.73
C ILE C 37 -0.51 -5.27 -17.29
N ILE C 38 -1.55 -5.03 -16.47
CA ILE C 38 -1.47 -5.33 -15.05
C ILE C 38 -2.89 -5.45 -14.52
N GLU C 39 -3.04 -6.16 -13.41
CA GLU C 39 -4.32 -6.25 -12.72
C GLU C 39 -4.43 -5.11 -11.71
N TYR C 40 -5.63 -4.54 -11.60
CA TYR C 40 -5.90 -3.54 -10.56
C TYR C 40 -6.22 -4.29 -9.27
N VAL C 41 -5.29 -4.28 -8.33
CA VAL C 41 -5.42 -5.06 -7.11
C VAL C 41 -5.62 -4.10 -5.93
N GLY C 42 -6.23 -4.63 -4.88
CA GLY C 42 -6.46 -3.83 -3.69
C GLY C 42 -7.26 -4.59 -2.66
N GLU C 43 -7.88 -3.84 -1.75
CA GLU C 43 -8.76 -4.44 -0.74
C GLU C 43 -10.13 -4.67 -1.35
N SER C 44 -10.59 -5.92 -1.34
CA SER C 44 -11.93 -6.23 -1.81
C SER C 44 -12.92 -5.95 -0.67
N ILE C 45 -13.81 -5.00 -0.89
CA ILE C 45 -14.79 -4.59 0.12
C ILE C 45 -16.17 -4.60 -0.51
N ARG C 46 -17.18 -4.71 0.36
CA ARG C 46 -18.57 -4.69 -0.09
C ARG C 46 -18.95 -3.27 -0.53
N GLN C 47 -20.11 -3.20 -1.21
CA GLN C 47 -20.65 -1.89 -1.58
C GLN C 47 -20.86 -0.99 -0.39
N PRO C 48 -21.61 -1.38 0.65
CA PRO C 48 -21.83 -0.46 1.78
C PRO C 48 -20.54 -0.04 2.47
N VAL C 49 -19.59 -0.95 2.65
CA VAL C 49 -18.33 -0.58 3.29
C VAL C 49 -17.57 0.42 2.42
N ALA C 50 -17.75 0.35 1.11
CA ALA C 50 -17.14 1.35 0.23
C ALA C 50 -17.74 2.73 0.49
N GLU C 51 -19.04 2.78 0.80
CA GLU C 51 -19.67 4.06 1.09
C GLU C 51 -19.18 4.62 2.42
N MET C 52 -19.01 3.76 3.42
CA MET C 52 -18.43 4.21 4.69
C MET C 52 -17.03 4.76 4.48
N ARG C 53 -16.17 4.01 3.78
CA ARG C 53 -14.79 4.43 3.57
C ARG C 53 -14.72 5.73 2.78
N GLU C 54 -15.48 5.81 1.68
CA GLU C 54 -15.37 6.96 0.78
C GLU C 54 -15.61 8.26 1.52
N LYS C 55 -16.56 8.29 2.45
CA LYS C 55 -16.79 9.49 3.25
C LYS C 55 -15.70 9.66 4.31
N ARG C 56 -15.22 8.55 4.87
CA ARG C 56 -14.16 8.63 5.87
C ARG C 56 -12.85 9.11 5.26
N TYR C 57 -12.62 8.84 3.97
CA TYR C 57 -11.42 9.34 3.30
C TYR C 57 -11.56 10.82 3.01
N ILE C 58 -12.69 11.24 2.43
CA ILE C 58 -12.92 12.65 2.18
C ILE C 58 -12.87 13.43 3.49
N LYS C 59 -13.34 12.81 4.58
CA LYS C 59 -13.28 13.47 5.88
C LYS C 59 -11.84 13.77 6.27
N SER C 60 -10.94 12.80 6.09
CA SER C 60 -9.53 13.00 6.39
C SER C 60 -8.82 13.85 5.35
N GLY C 61 -9.53 14.36 4.34
CA GLY C 61 -8.92 15.20 3.33
C GLY C 61 -7.96 14.45 2.43
N ILE C 62 -8.38 13.30 1.91
CA ILE C 62 -7.56 12.55 0.98
C ILE C 62 -7.66 13.16 -0.41
N GLY C 63 -8.86 13.54 -0.83
CA GLY C 63 -9.08 14.15 -2.13
C GLY C 63 -8.81 13.23 -3.31
N SER C 64 -8.51 11.95 -3.07
CA SER C 64 -8.24 11.00 -4.13
C SER C 64 -8.99 9.71 -3.83
N SER C 65 -9.68 9.19 -4.84
CA SER C 65 -10.42 7.94 -4.72
C SER C 65 -9.69 6.87 -5.52
N TYR C 66 -9.14 5.88 -4.82
CA TYR C 66 -8.52 4.72 -5.44
C TYR C 66 -9.46 3.52 -5.40
N LEU C 67 -10.75 3.77 -5.57
CA LEU C 67 -11.78 2.75 -5.51
C LEU C 67 -12.19 2.36 -6.93
N PHE C 68 -11.94 1.11 -7.30
CA PHE C 68 -12.34 0.57 -8.59
C PHE C 68 -13.49 -0.41 -8.35
N ARG C 69 -14.58 -0.23 -9.10
CA ARG C 69 -15.79 -1.02 -8.89
C ARG C 69 -15.76 -2.29 -9.73
N ILE C 70 -16.01 -3.42 -9.09
CA ILE C 70 -16.11 -4.71 -9.77
C ILE C 70 -17.52 -4.83 -10.34
N ASP C 71 -18.51 -4.91 -9.45
CA ASP C 71 -19.92 -4.95 -9.84
C ASP C 71 -20.67 -4.21 -8.74
N GLU C 72 -22.00 -4.25 -8.81
CA GLU C 72 -22.84 -3.44 -7.93
C GLU C 72 -22.63 -3.75 -6.45
N ASN C 73 -21.97 -4.86 -6.12
CA ASN C 73 -21.89 -5.32 -4.74
C ASN C 73 -20.50 -5.27 -4.13
N THR C 74 -19.44 -5.19 -4.94
CA THR C 74 -18.08 -5.21 -4.42
C THR C 74 -17.22 -4.22 -5.20
N VAL C 75 -16.27 -3.60 -4.50
CA VAL C 75 -15.33 -2.68 -5.12
C VAL C 75 -13.94 -2.97 -4.56
N ILE C 76 -12.92 -2.74 -5.39
CA ILE C 76 -11.53 -2.87 -4.98
C ILE C 76 -11.05 -1.51 -4.47
N ASP C 77 -10.55 -1.48 -3.23
CA ASP C 77 -10.08 -0.26 -2.59
C ASP C 77 -8.57 -0.35 -2.47
N ALA C 78 -7.86 0.41 -3.30
CA ALA C 78 -6.41 0.43 -3.30
C ALA C 78 -5.86 1.77 -2.81
N THR C 79 -6.58 2.44 -1.91
CA THR C 79 -6.10 3.72 -1.40
C THR C 79 -4.88 3.53 -0.50
N LYS C 80 -4.98 2.61 0.45
CA LYS C 80 -3.89 2.33 1.39
C LYS C 80 -3.17 1.03 1.10
N ARG C 81 -3.89 0.00 0.67
CA ARG C 81 -3.31 -1.30 0.33
C ARG C 81 -3.72 -1.66 -1.09
N GLY C 82 -2.74 -1.83 -1.97
CA GLY C 82 -3.04 -2.15 -3.35
C GLY C 82 -1.79 -2.32 -4.17
N GLY C 83 -1.95 -2.25 -5.49
CA GLY C 83 -0.85 -2.38 -6.42
C GLY C 83 -0.61 -1.08 -7.17
N ILE C 84 0.49 -1.06 -7.93
CA ILE C 84 0.88 0.12 -8.68
C ILE C 84 -0.14 0.48 -9.75
N ALA C 85 -1.07 -0.43 -10.06
CA ALA C 85 -2.16 -0.11 -10.98
C ALA C 85 -3.01 1.04 -10.48
N ARG C 86 -2.90 1.39 -9.19
CA ARG C 86 -3.66 2.48 -8.61
C ARG C 86 -3.21 3.85 -9.08
N PHE C 87 -2.22 3.94 -9.97
CA PHE C 87 -1.62 5.21 -10.36
C PHE C 87 -2.06 5.67 -11.74
N ILE C 88 -3.13 5.10 -12.29
CA ILE C 88 -3.57 5.45 -13.64
C ILE C 88 -4.48 6.68 -13.55
N ASN C 89 -4.11 7.74 -14.25
CA ASN C 89 -4.87 8.98 -14.24
C ASN C 89 -5.93 8.97 -15.34
N HIS C 90 -6.88 9.90 -15.23
CA HIS C 90 -8.02 9.96 -16.13
C HIS C 90 -7.73 10.79 -17.37
N CYS C 91 -8.24 10.32 -18.50
CA CYS C 91 -8.34 11.12 -19.71
C CYS C 91 -9.54 10.65 -20.50
N CYS C 92 -10.02 11.52 -21.39
CA CYS C 92 -11.17 11.20 -22.22
C CYS C 92 -10.80 10.57 -23.55
N GLU C 93 -9.55 10.76 -24.00
CA GLU C 93 -9.00 10.01 -25.13
C GLU C 93 -7.92 9.08 -24.57
N PRO C 94 -8.29 8.00 -23.91
CA PRO C 94 -7.34 7.24 -23.12
C PRO C 94 -6.60 6.19 -23.94
N SER C 95 -5.55 5.62 -23.31
CA SER C 95 -4.76 4.57 -23.92
C SER C 95 -4.99 3.22 -23.24
N CYS C 96 -6.00 3.11 -22.37
CA CYS C 96 -6.24 1.88 -21.64
C CYS C 96 -7.71 1.78 -21.25
N THR C 97 -8.21 0.55 -21.24
CA THR C 97 -9.47 0.20 -20.60
C THR C 97 -9.22 -0.97 -19.66
N ALA C 98 -10.27 -1.40 -18.97
CA ALA C 98 -10.15 -2.47 -18.00
C ALA C 98 -11.41 -3.33 -18.04
N LYS C 99 -11.23 -4.63 -18.13
CA LYS C 99 -12.34 -5.57 -18.16
C LYS C 99 -12.20 -6.55 -17.00
N ILE C 100 -13.28 -7.29 -16.74
CA ILE C 100 -13.36 -8.17 -15.59
C ILE C 100 -13.20 -9.61 -16.08
N ILE C 101 -12.04 -10.20 -15.82
CA ILE C 101 -11.86 -11.63 -15.95
C ILE C 101 -12.18 -12.26 -14.61
N LYS C 102 -12.81 -13.43 -14.64
CA LYS C 102 -13.16 -14.17 -13.43
C LYS C 102 -12.34 -15.44 -13.37
N VAL C 103 -11.64 -15.64 -12.24
CA VAL C 103 -10.85 -16.85 -12.02
C VAL C 103 -11.29 -17.46 -10.70
N ASP C 104 -11.55 -18.77 -10.71
CA ASP C 104 -11.92 -19.50 -9.51
C ASP C 104 -13.08 -18.81 -8.78
N GLY C 105 -14.09 -18.42 -9.55
CA GLY C 105 -15.28 -17.82 -9.00
C GLY C 105 -15.13 -16.42 -8.47
N ARG C 106 -13.97 -15.79 -8.64
CA ARG C 106 -13.70 -14.47 -8.11
C ARG C 106 -13.36 -13.51 -9.25
N LYS C 107 -13.92 -12.30 -9.18
CA LYS C 107 -13.76 -11.33 -10.24
C LYS C 107 -12.48 -10.53 -10.03
N ARG C 108 -11.79 -10.27 -11.14
CA ARG C 108 -10.51 -9.58 -11.12
C ARG C 108 -10.49 -8.51 -12.21
N ILE C 109 -9.77 -7.44 -11.96
CA ILE C 109 -9.73 -6.28 -12.85
C ILE C 109 -8.43 -6.31 -13.63
N VAL C 110 -8.52 -6.45 -14.95
CA VAL C 110 -7.36 -6.49 -15.82
C VAL C 110 -7.41 -5.26 -16.72
N ILE C 111 -6.29 -4.56 -16.83
CA ILE C 111 -6.18 -3.36 -17.65
C ILE C 111 -5.50 -3.73 -18.96
N TYR C 112 -6.19 -3.50 -20.08
CA TYR C 112 -5.62 -3.65 -21.41
C TYR C 112 -5.31 -2.29 -22.00
N ALA C 113 -4.39 -2.28 -22.97
CA ALA C 113 -4.04 -1.06 -23.69
C ALA C 113 -4.97 -0.90 -24.89
N LEU C 114 -5.52 0.31 -25.05
CA LEU C 114 -6.39 0.57 -26.19
C LEU C 114 -5.62 0.64 -27.50
N ARG C 115 -4.38 1.11 -27.45
CA ARG C 115 -3.59 1.32 -28.65
C ARG C 115 -2.13 1.01 -28.32
N ASP C 116 -1.30 1.01 -29.36
CA ASP C 116 0.14 0.92 -29.16
C ASP C 116 0.62 2.05 -28.24
N ILE C 117 1.54 1.72 -27.35
CA ILE C 117 2.10 2.70 -26.42
C ILE C 117 3.62 2.56 -26.42
N GLY C 118 4.31 3.68 -26.49
CA GLY C 118 5.76 3.68 -26.48
C GLY C 118 6.32 3.73 -25.08
N THR C 119 7.64 3.58 -25.01
CA THR C 119 8.34 3.69 -23.73
C THR C 119 8.19 5.10 -23.17
N ASN C 120 8.23 5.20 -21.84
CA ASN C 120 8.20 6.48 -21.14
C ASN C 120 6.92 7.27 -21.44
N GLU C 121 5.84 6.57 -21.79
CA GLU C 121 4.55 7.18 -22.03
C GLU C 121 3.59 6.80 -20.91
N GLU C 122 2.78 7.76 -20.48
CA GLU C 122 1.89 7.55 -19.34
C GLU C 122 0.67 6.76 -19.79
N LEU C 123 0.47 5.59 -19.20
CA LEU C 123 -0.76 4.85 -19.42
C LEU C 123 -1.93 5.65 -18.89
N THR C 124 -3.05 5.59 -19.60
CA THR C 124 -4.15 6.48 -19.34
C THR C 124 -5.46 5.74 -19.62
N TYR C 125 -6.46 5.99 -18.77
CA TYR C 125 -7.69 5.20 -18.79
C TYR C 125 -8.85 6.05 -18.29
N ASP C 126 -9.90 6.15 -19.10
CA ASP C 126 -11.11 6.85 -18.69
C ASP C 126 -11.64 6.25 -17.39
N TYR C 127 -12.26 7.10 -16.57
CA TYR C 127 -12.70 6.70 -15.23
C TYR C 127 -14.14 6.25 -15.18
N LYS C 128 -15.04 6.91 -15.91
CA LYS C 128 -16.44 6.47 -16.03
C LYS C 128 -17.17 6.60 -14.69
N PHE C 129 -17.15 7.81 -14.13
CA PHE C 129 -17.90 8.09 -12.92
C PHE C 129 -19.40 8.00 -13.18
N PRO C 140 -14.34 18.59 -12.97
CA PRO C 140 -12.93 18.94 -13.06
C PRO C 140 -12.23 18.00 -13.98
N CYS C 141 -11.12 18.41 -14.59
CA CYS C 141 -10.41 17.51 -15.47
C CYS C 141 -9.10 18.19 -15.74
N LEU C 142 -8.02 17.44 -15.70
CA LEU C 142 -6.72 17.99 -16.07
C LEU C 142 -6.14 16.85 -16.91
N CYS C 143 -6.47 16.82 -18.21
CA CYS C 143 -5.89 15.82 -19.08
C CYS C 143 -5.13 16.30 -20.32
N GLY C 144 -5.28 17.54 -20.75
CA GLY C 144 -4.50 18.07 -21.86
C GLY C 144 -4.98 17.70 -23.24
N ALA C 145 -5.85 16.70 -23.37
CA ALA C 145 -6.38 16.35 -24.68
C ALA C 145 -7.27 17.48 -25.21
N PRO C 146 -7.24 17.73 -26.52
CA PRO C 146 -8.03 18.86 -27.05
C PRO C 146 -9.52 18.57 -27.08
N SER C 147 -9.92 17.50 -27.77
CA SER C 147 -11.33 17.10 -27.83
C SER C 147 -11.62 16.24 -26.61
N CYS C 148 -11.75 16.91 -25.47
CA CYS C 148 -11.85 16.23 -24.18
C CYS C 148 -13.00 16.81 -23.37
N LYS C 149 -13.57 15.98 -22.51
CA LYS C 149 -14.49 16.46 -21.49
C LYS C 149 -13.71 17.29 -20.48
N GLY C 150 -14.08 18.57 -20.35
CA GLY C 150 -13.46 19.40 -19.34
C GLY C 150 -13.80 19.00 -17.91
N PHE C 151 -14.74 18.07 -17.73
CA PHE C 151 -15.27 17.71 -16.42
C PHE C 151 -14.94 16.26 -16.10
N LEU C 152 -14.48 16.03 -14.87
CA LEU C 152 -14.11 14.69 -14.43
C LEU C 152 -15.26 13.70 -14.61
N ASN C 153 -16.48 14.13 -14.32
CA ASN C 153 -17.65 13.26 -14.42
C ASN C 153 -17.79 12.71 -15.83
N ALA D 2 24.40 -1.11 2.60
CA ALA D 2 24.61 -1.08 4.05
C ALA D 2 23.30 -0.85 4.78
N ASN D 3 22.83 0.40 4.77
CA ASN D 3 21.57 0.74 5.40
C ASN D 3 20.45 0.55 4.43
N LEU D 4 20.65 0.98 3.21
CA LEU D 4 19.63 0.74 2.20
C LEU D 4 19.15 -0.70 2.25
N LEU D 5 20.09 -1.65 2.20
CA LEU D 5 19.76 -3.05 2.31
C LEU D 5 19.03 -3.39 3.60
N LEU D 6 18.99 -2.47 4.56
CA LEU D 6 18.20 -2.63 5.77
C LEU D 6 16.82 -2.00 5.66
N GLN D 7 16.52 -1.31 4.55
CA GLN D 7 15.21 -0.76 4.28
C GLN D 7 14.39 -1.62 3.34
N ASP D 8 15.03 -2.52 2.60
CA ASP D 8 14.37 -3.41 1.67
C ASP D 8 14.17 -4.84 2.20
N PRO D 9 14.85 -5.27 3.27
CA PRO D 9 14.82 -6.70 3.61
C PRO D 9 13.58 -7.07 4.42
N PHE D 10 12.87 -8.09 3.95
CA PHE D 10 11.88 -8.79 4.78
C PHE D 10 12.51 -10.04 5.38
N GLY D 11 13.68 -9.85 5.98
CA GLY D 11 14.52 -10.96 6.37
C GLY D 11 15.42 -11.49 5.28
N VAL D 12 15.15 -11.15 4.01
CA VAL D 12 15.90 -11.67 2.88
C VAL D 12 16.26 -10.51 1.94
N LEU D 13 17.35 -10.71 1.21
CA LEU D 13 17.75 -9.82 0.12
C LEU D 13 18.03 -10.65 -1.12
N LYS D 14 18.06 -9.98 -2.28
CA LYS D 14 18.57 -10.63 -3.48
C LYS D 14 20.06 -10.89 -3.31
N GLU D 15 20.46 -12.15 -3.52
CA GLU D 15 21.85 -12.55 -3.32
C GLU D 15 22.66 -12.52 -4.60
N TYR D 16 22.05 -12.26 -5.76
CA TYR D 16 22.82 -12.14 -6.99
C TYR D 16 22.22 -11.08 -7.91
N PRO D 17 23.05 -10.30 -8.58
CA PRO D 17 22.54 -9.39 -9.60
C PRO D 17 22.01 -10.16 -10.80
N GLU D 18 21.01 -9.57 -11.46
CA GLU D 18 20.31 -10.23 -12.55
C GLU D 18 20.18 -9.41 -13.82
N LYS D 19 20.52 -8.12 -13.80
CA LYS D 19 20.32 -7.23 -14.94
C LYS D 19 21.63 -6.56 -15.30
N LEU D 20 21.97 -6.60 -16.58
CA LEU D 20 23.14 -5.89 -17.09
C LEU D 20 22.81 -4.40 -17.19
N THR D 21 23.53 -3.57 -16.43
CA THR D 21 23.22 -2.16 -16.30
C THR D 21 24.15 -1.27 -17.10
N HIS D 22 25.45 -1.50 -17.01
CA HIS D 22 26.46 -0.61 -17.60
C HIS D 22 27.41 -1.41 -18.47
N THR D 23 27.84 -0.79 -19.57
CA THR D 23 28.86 -1.35 -20.47
C THR D 23 29.97 -0.32 -20.61
N LEU D 24 31.04 -0.49 -19.84
CA LEU D 24 32.16 0.44 -19.89
C LEU D 24 32.90 0.27 -21.23
N GLU D 25 32.95 1.33 -22.02
CA GLU D 25 33.62 1.30 -23.32
C GLU D 25 35.09 1.68 -23.10
N VAL D 26 35.88 0.69 -22.67
CA VAL D 26 37.29 0.93 -22.36
C VAL D 26 38.01 1.33 -23.64
N PRO D 27 38.92 2.32 -23.62
CA PRO D 27 39.62 2.67 -24.87
C PRO D 27 40.49 1.55 -25.40
N VAL D 28 41.18 0.83 -24.51
CA VAL D 28 41.93 -0.34 -24.89
C VAL D 28 41.10 -1.57 -24.55
N ALA D 29 41.54 -2.74 -25.01
CA ALA D 29 40.83 -3.98 -24.75
C ALA D 29 41.08 -4.43 -23.32
N ALA D 30 40.01 -4.53 -22.53
CA ALA D 30 40.11 -5.05 -21.18
C ALA D 30 40.39 -6.55 -21.22
N VAL D 31 41.27 -7.00 -20.33
CA VAL D 31 41.59 -8.42 -20.21
C VAL D 31 41.37 -8.96 -18.81
N CYS D 32 41.35 -8.12 -17.78
CA CYS D 32 41.06 -8.57 -16.42
C CYS D 32 40.44 -7.43 -15.63
N VAL D 33 39.47 -7.76 -14.79
CA VAL D 33 38.75 -6.77 -14.00
C VAL D 33 38.80 -7.20 -12.54
N LYS D 34 38.83 -6.21 -11.64
CA LYS D 34 38.93 -6.49 -10.21
C LYS D 34 38.47 -5.26 -9.45
N PHE D 35 37.35 -5.39 -8.75
CA PHE D 35 36.87 -4.31 -7.90
C PHE D 35 37.82 -4.09 -6.73
N SER D 36 37.82 -2.86 -6.22
CA SER D 36 38.50 -2.55 -4.97
C SER D 36 37.83 -3.33 -3.85
N PRO D 37 38.48 -3.47 -2.69
CA PRO D 37 37.86 -4.25 -1.60
C PRO D 37 36.40 -3.90 -1.37
N ARG D 38 36.10 -2.64 -1.14
CA ARG D 38 34.74 -2.13 -1.23
C ARG D 38 34.44 -1.81 -2.69
N GLY D 39 33.16 -1.62 -3.00
CA GLY D 39 32.77 -1.45 -4.39
C GLY D 39 33.08 -0.09 -4.96
N ASP D 40 34.10 0.59 -4.43
CA ASP D 40 34.36 1.98 -4.81
C ASP D 40 34.95 2.08 -6.22
N TYR D 41 36.04 1.37 -6.47
CA TYR D 41 36.78 1.52 -7.71
C TYR D 41 36.93 0.18 -8.41
N LEU D 42 37.28 0.25 -9.70
CA LEU D 42 37.45 -0.94 -10.54
C LEU D 42 38.76 -0.79 -11.32
N ALA D 43 39.67 -1.74 -11.12
CA ALA D 43 40.92 -1.77 -11.87
C ALA D 43 40.74 -2.67 -13.11
N VAL D 44 41.03 -2.11 -14.28
CA VAL D 44 40.83 -2.80 -15.55
C VAL D 44 42.19 -2.90 -16.23
N GLY D 45 42.78 -4.09 -16.21
CA GLY D 45 44.01 -4.32 -16.95
C GLY D 45 43.73 -4.49 -18.44
N CYS D 46 44.57 -3.89 -19.26
CA CYS D 46 44.35 -3.81 -20.70
C CYS D 46 45.39 -4.60 -21.47
N SER D 47 45.12 -4.75 -22.78
CA SER D 47 45.94 -5.62 -23.63
C SER D 47 47.28 -4.99 -23.97
N ASN D 48 47.36 -3.65 -24.00
CA ASN D 48 48.60 -2.97 -24.33
C ASN D 48 49.50 -2.76 -23.11
N GLY D 49 49.02 -3.07 -21.91
CA GLY D 49 49.75 -2.82 -20.68
C GLY D 49 49.10 -1.81 -19.77
N ALA D 50 48.14 -1.03 -20.26
CA ALA D 50 47.51 0.00 -19.45
C ALA D 50 46.70 -0.60 -18.31
N ILE D 51 46.49 0.20 -17.28
CA ILE D 51 45.63 -0.16 -16.16
C ILE D 51 44.74 1.03 -15.81
N ILE D 52 43.58 1.12 -16.44
CA ILE D 52 42.62 2.17 -16.12
C ILE D 52 41.94 1.82 -14.81
N ILE D 53 41.62 2.85 -14.03
CA ILE D 53 40.89 2.70 -12.78
C ILE D 53 39.65 3.59 -12.86
N TYR D 54 38.48 2.96 -12.82
CA TYR D 54 37.21 3.66 -12.94
C TYR D 54 36.62 3.92 -11.56
N ASP D 55 36.02 5.10 -11.39
CA ASP D 55 35.20 5.39 -10.23
C ASP D 55 33.81 4.81 -10.47
N MET D 56 33.34 4.01 -9.52
CA MET D 56 32.11 3.24 -9.72
C MET D 56 30.84 4.07 -9.56
N ASP D 57 30.93 5.26 -8.99
CA ASP D 57 29.74 6.09 -8.88
C ASP D 57 29.42 6.83 -10.17
N SER D 58 30.38 6.96 -11.08
CA SER D 58 30.17 7.65 -12.34
C SER D 58 30.47 6.80 -13.56
N LEU D 59 31.03 5.59 -13.39
CA LEU D 59 31.41 4.73 -14.49
C LEU D 59 32.46 5.39 -15.38
N LYS D 60 33.18 6.38 -14.86
CA LYS D 60 34.15 7.13 -15.65
C LYS D 60 35.56 6.93 -15.13
N PRO D 61 36.56 6.85 -16.02
CA PRO D 61 37.94 6.69 -15.55
C PRO D 61 38.40 7.90 -14.76
N ILE D 62 39.34 7.66 -13.85
CA ILE D 62 39.87 8.71 -12.99
C ILE D 62 41.39 8.69 -12.97
N ALA D 63 42.00 7.62 -13.48
CA ALA D 63 43.45 7.50 -13.45
C ALA D 63 43.87 6.26 -14.22
N MET D 64 45.15 6.20 -14.55
CA MET D 64 45.76 4.99 -15.10
C MET D 64 47.22 4.96 -14.68
N LEU D 65 47.73 3.76 -14.39
CA LEU D 65 48.97 3.61 -13.65
C LEU D 65 50.18 3.59 -14.57
N GLY D 66 51.29 4.16 -14.09
CA GLY D 66 52.57 4.02 -14.74
C GLY D 66 52.80 4.89 -15.94
N THR D 67 52.09 6.02 -16.06
CA THR D 67 52.14 6.79 -17.30
C THR D 67 53.41 7.62 -17.44
N HIS D 68 54.02 8.04 -16.33
CA HIS D 68 55.32 8.69 -16.40
C HIS D 68 56.46 7.70 -16.21
N SER D 69 56.23 6.62 -15.47
CA SER D 69 57.32 5.72 -15.09
C SER D 69 56.77 4.33 -14.81
N GLY D 70 57.23 3.34 -15.57
CA GLY D 70 57.06 1.95 -15.20
C GLY D 70 55.67 1.36 -15.37
N ALA D 71 54.99 1.68 -16.46
CA ALA D 71 53.75 0.98 -16.81
C ALA D 71 54.13 -0.40 -17.33
N HIS D 72 53.15 -1.13 -17.84
CA HIS D 72 53.40 -2.41 -18.49
C HIS D 72 53.54 -2.22 -19.98
N THR D 73 54.56 -2.86 -20.56
CA THR D 73 54.84 -2.73 -21.97
C THR D 73 54.00 -3.69 -22.80
N ARG D 74 53.56 -4.79 -22.21
CA ARG D 74 52.71 -5.78 -22.89
C ARG D 74 51.50 -6.07 -22.00
N SER D 75 50.60 -6.91 -22.51
CA SER D 75 49.32 -7.16 -21.86
C SER D 75 49.50 -7.54 -20.39
N VAL D 76 48.83 -6.79 -19.51
CA VAL D 76 48.75 -7.14 -18.10
C VAL D 76 47.72 -8.25 -17.94
N GLN D 77 48.02 -9.24 -17.10
CA GLN D 77 47.19 -10.43 -17.01
C GLN D 77 46.56 -10.64 -15.63
N SER D 78 46.86 -9.81 -14.64
CA SER D 78 46.20 -9.93 -13.35
C SER D 78 46.37 -8.64 -12.57
N VAL D 79 45.33 -8.28 -11.83
CA VAL D 79 45.39 -7.16 -10.90
C VAL D 79 44.73 -7.62 -9.61
N CYS D 80 45.24 -7.15 -8.48
CA CYS D 80 44.79 -7.62 -7.18
C CYS D 80 45.02 -6.54 -6.14
N TRP D 81 43.94 -6.07 -5.52
CA TRP D 81 44.04 -5.04 -4.51
C TRP D 81 44.45 -5.66 -3.17
N SER D 82 45.15 -4.86 -2.36
CA SER D 82 45.33 -5.19 -0.97
C SER D 82 44.02 -4.96 -0.21
N ASN D 83 43.94 -5.51 0.99
CA ASN D 83 42.71 -5.40 1.77
C ASN D 83 42.37 -3.95 2.09
N ASP D 84 43.39 -3.08 2.17
CA ASP D 84 43.13 -1.67 2.42
C ASP D 84 42.47 -1.00 1.23
N GLY D 85 42.83 -1.40 0.02
CA GLY D 85 42.52 -0.63 -1.17
C GLY D 85 43.59 0.37 -1.54
N ARG D 86 44.67 0.46 -0.75
CA ARG D 86 45.72 1.44 -1.00
C ARG D 86 46.72 0.95 -2.03
N TYR D 87 47.13 -0.30 -1.95
CA TYR D 87 48.09 -0.87 -2.88
C TYR D 87 47.38 -1.78 -3.88
N LEU D 88 48.05 -2.04 -5.00
CA LEU D 88 47.50 -2.87 -6.05
C LEU D 88 48.63 -3.65 -6.69
N TRP D 89 48.44 -4.97 -6.83
CA TRP D 89 49.43 -5.83 -7.45
C TRP D 89 49.08 -6.03 -8.92
N SER D 90 50.12 -6.22 -9.74
CA SER D 90 49.95 -6.24 -11.18
C SER D 90 50.98 -7.20 -11.77
N SER D 91 50.63 -7.77 -12.93
CA SER D 91 51.47 -8.77 -13.57
C SER D 91 51.09 -8.85 -15.04
N GLY D 92 52.08 -8.86 -15.93
CA GLY D 92 51.84 -8.89 -17.35
C GLY D 92 52.85 -9.73 -18.09
N ARG D 93 52.73 -9.73 -19.42
CA ARG D 93 53.62 -10.50 -20.28
C ARG D 93 54.95 -9.81 -20.51
N ASP D 94 55.15 -8.59 -20.00
CA ASP D 94 56.45 -7.95 -20.02
C ASP D 94 57.39 -8.53 -18.96
N TRP D 95 57.01 -9.62 -18.31
CA TRP D 95 57.80 -10.37 -17.34
C TRP D 95 57.79 -9.69 -15.97
N TYR D 96 57.12 -8.55 -15.82
CA TYR D 96 57.19 -7.77 -14.58
C TYR D 96 56.02 -8.09 -13.66
N ALA D 97 56.29 -8.08 -12.37
CA ALA D 97 55.27 -8.04 -11.33
C ALA D 97 55.35 -6.67 -10.68
N LYS D 98 54.33 -5.84 -10.91
CA LYS D 98 54.32 -4.46 -10.45
C LYS D 98 53.43 -4.32 -9.22
N LEU D 99 53.89 -3.52 -8.26
CA LEU D 99 53.11 -3.16 -7.08
C LEU D 99 52.94 -1.65 -7.07
N TRP D 100 51.71 -1.19 -6.90
CA TRP D 100 51.38 0.21 -7.06
C TRP D 100 50.88 0.80 -5.75
N ASP D 101 51.27 2.04 -5.48
CA ASP D 101 50.78 2.82 -4.36
C ASP D 101 49.81 3.85 -4.93
N MET D 102 48.53 3.73 -4.58
CA MET D 102 47.52 4.61 -5.16
C MET D 102 47.72 6.07 -4.77
N THR D 103 48.57 6.36 -3.78
CA THR D 103 48.93 7.74 -3.52
C THR D 103 49.80 8.30 -4.63
N GLN D 104 50.52 7.44 -5.34
CA GLN D 104 51.35 7.83 -6.48
C GLN D 104 51.02 6.93 -7.65
N PRO D 105 49.83 7.09 -8.25
CA PRO D 105 49.47 6.24 -9.38
C PRO D 105 50.40 6.39 -10.57
N THR D 106 51.19 7.46 -10.60
CA THR D 106 52.00 7.77 -11.77
C THR D 106 53.13 6.78 -11.97
N LYS D 107 53.72 6.27 -10.88
CA LYS D 107 54.93 5.47 -10.98
C LYS D 107 54.78 4.17 -10.22
N CYS D 108 55.49 3.14 -10.68
CA CYS D 108 55.53 1.87 -10.00
C CYS D 108 56.25 2.01 -8.67
N PHE D 109 55.59 1.60 -7.59
CA PHE D 109 56.20 1.67 -6.27
C PHE D 109 57.40 0.73 -6.18
N GLN D 110 57.21 -0.53 -6.55
CA GLN D 110 58.30 -1.49 -6.65
C GLN D 110 57.93 -2.54 -7.68
N GLN D 111 58.91 -2.97 -8.47
CA GLN D 111 58.69 -3.92 -9.54
C GLN D 111 59.76 -5.01 -9.55
N TYR D 112 59.46 -6.11 -10.23
CA TYR D 112 60.40 -7.21 -10.40
C TYR D 112 60.21 -7.97 -11.70
N LYS D 113 61.28 -8.12 -12.48
CA LYS D 113 61.23 -8.76 -13.78
C LYS D 113 61.61 -10.24 -13.61
N PHE D 114 60.65 -11.12 -13.83
CA PHE D 114 60.91 -12.56 -13.80
C PHE D 114 61.69 -12.94 -15.07
N ASP D 115 61.89 -14.24 -15.27
CA ASP D 115 62.58 -14.76 -16.44
C ASP D 115 61.62 -15.18 -17.55
N GLY D 116 60.40 -14.68 -17.52
CA GLY D 116 59.41 -15.03 -18.52
C GLY D 116 58.04 -14.46 -18.18
N PRO D 117 57.09 -14.59 -19.09
CA PRO D 117 55.74 -14.04 -18.83
C PRO D 117 55.10 -14.71 -17.63
N LEU D 118 54.30 -13.94 -16.89
CA LEU D 118 53.57 -14.43 -15.74
C LEU D 118 52.14 -14.80 -16.14
N TRP D 119 51.53 -15.65 -15.33
CA TRP D 119 50.11 -15.97 -15.50
C TRP D 119 49.23 -15.06 -14.65
N SER D 120 49.53 -14.97 -13.35
CA SER D 120 48.74 -14.14 -12.45
C SER D 120 49.59 -13.79 -11.23
N CYS D 121 49.02 -12.97 -10.35
CA CYS D 121 49.72 -12.49 -9.15
C CYS D 121 48.67 -12.30 -8.06
N HIS D 122 48.64 -13.23 -7.11
CA HIS D 122 47.64 -13.23 -6.05
C HIS D 122 48.24 -12.67 -4.77
N VAL D 123 47.59 -11.69 -4.19
CA VAL D 123 48.09 -11.02 -2.99
C VAL D 123 47.72 -11.84 -1.76
N VAL D 124 48.70 -12.04 -0.88
CA VAL D 124 48.46 -12.64 0.43
C VAL D 124 48.49 -11.57 1.52
N ARG D 125 49.47 -10.67 1.46
CA ARG D 125 49.49 -9.44 2.23
C ARG D 125 49.86 -8.31 1.28
N TRP D 126 49.64 -7.07 1.73
CA TRP D 126 50.00 -5.93 0.89
C TRP D 126 51.42 -6.05 0.36
N ASN D 127 52.30 -6.69 1.12
CA ASN D 127 53.70 -6.87 0.74
C ASN D 127 54.03 -8.28 0.27
N VAL D 128 53.15 -9.24 0.50
CA VAL D 128 53.38 -10.64 0.16
C VAL D 128 52.37 -11.05 -0.89
N CYS D 129 52.83 -11.78 -1.92
CA CYS D 129 51.93 -12.23 -2.97
C CYS D 129 52.54 -13.44 -3.66
N ILE D 130 51.66 -14.29 -4.19
CA ILE D 130 52.05 -15.51 -4.89
C ILE D 130 51.97 -15.24 -6.39
N VAL D 131 53.03 -15.61 -7.10
CA VAL D 131 53.12 -15.40 -8.54
C VAL D 131 53.21 -16.75 -9.24
N THR D 132 52.61 -16.81 -10.44
CA THR D 132 52.61 -18.01 -11.26
C THR D 132 53.20 -17.64 -12.63
N VAL D 133 54.12 -18.46 -13.11
CA VAL D 133 54.91 -18.15 -14.30
C VAL D 133 54.57 -19.11 -15.42
N VAL D 134 54.71 -18.61 -16.66
CA VAL D 134 54.47 -19.43 -17.84
C VAL D 134 55.57 -20.49 -17.95
N GLU D 135 55.16 -21.73 -18.23
CA GLU D 135 56.09 -22.81 -18.55
C GLU D 135 57.12 -23.00 -17.45
N GLU D 136 56.63 -23.09 -16.21
CA GLU D 136 57.48 -23.30 -15.05
C GLU D 136 56.87 -24.37 -14.15
N PRO D 137 57.67 -25.32 -13.66
CA PRO D 137 57.08 -26.42 -12.87
C PRO D 137 56.50 -25.96 -11.54
N THR D 138 57.03 -24.88 -10.96
CA THR D 138 56.64 -24.44 -9.64
C THR D 138 56.20 -22.97 -9.68
N ALA D 139 55.41 -22.60 -8.68
CA ALA D 139 55.07 -21.20 -8.47
C ALA D 139 56.17 -20.53 -7.64
N TYR D 140 56.04 -19.21 -7.48
CA TYR D 140 57.01 -18.44 -6.71
C TYR D 140 56.27 -17.54 -5.72
N VAL D 141 56.86 -17.39 -4.54
CA VAL D 141 56.34 -16.50 -3.51
C VAL D 141 57.22 -15.27 -3.48
N LEU D 142 56.60 -14.10 -3.70
CA LEU D 142 57.30 -12.83 -3.90
C LEU D 142 57.04 -11.95 -2.69
N THR D 143 58.09 -11.68 -1.91
CA THR D 143 57.98 -10.97 -0.64
C THR D 143 58.82 -9.69 -0.66
N LEU D 144 58.25 -8.61 -0.14
CA LEU D 144 58.95 -7.33 -0.01
C LEU D 144 59.71 -7.28 1.30
N THR D 145 60.71 -6.39 1.34
CA THR D 145 61.57 -6.22 2.50
C THR D 145 61.39 -4.82 3.08
N ASP D 146 61.73 -4.68 4.36
CA ASP D 146 61.60 -3.37 5.00
C ASP D 146 62.58 -2.36 4.39
N ARG D 147 63.78 -2.82 4.05
CA ARG D 147 64.62 -2.06 3.13
C ARG D 147 64.00 -2.23 1.74
N GLN D 148 63.15 -1.30 1.33
CA GLN D 148 62.06 -1.58 0.40
C GLN D 148 62.46 -1.61 -1.06
N ASN D 149 63.74 -1.44 -1.41
CA ASN D 149 64.11 -1.49 -2.82
C ASN D 149 64.29 -2.93 -3.31
N ALA D 150 64.75 -3.83 -2.45
CA ALA D 150 65.05 -5.19 -2.85
C ALA D 150 63.82 -6.08 -2.71
N PHE D 151 63.96 -7.35 -3.10
CA PHE D 151 62.84 -8.28 -3.17
C PHE D 151 63.32 -9.69 -2.85
N HIS D 152 62.38 -10.51 -2.38
CA HIS D 152 62.58 -11.94 -2.18
C HIS D 152 61.62 -12.71 -3.09
N CYS D 153 62.13 -13.73 -3.76
CA CYS D 153 61.29 -14.64 -4.53
C CYS D 153 61.82 -16.06 -4.36
N PHE D 154 61.00 -16.93 -3.78
CA PHE D 154 61.34 -18.33 -3.58
C PHE D 154 60.36 -19.20 -4.35
N PRO D 155 60.79 -20.38 -4.81
CA PRO D 155 59.83 -21.34 -5.37
C PRO D 155 58.93 -21.89 -4.29
N LEU D 156 57.66 -22.13 -4.68
CA LEU D 156 56.69 -22.71 -3.77
C LEU D 156 56.83 -24.23 -3.83
N LEU D 157 57.86 -24.72 -3.17
CA LEU D 157 58.20 -26.12 -3.16
C LEU D 157 58.86 -26.47 -1.83
N GLU D 158 58.59 -27.68 -1.33
CA GLU D 158 59.32 -28.16 -0.18
C GLU D 158 60.79 -28.34 -0.54
N GLN D 159 61.63 -28.50 0.48
CA GLN D 159 63.08 -28.39 0.28
C GLN D 159 63.47 -29.33 -0.85
N ASP D 160 63.13 -30.62 -0.73
CA ASP D 160 63.45 -31.59 -1.78
C ASP D 160 62.27 -32.40 -2.30
N GLN D 161 61.09 -31.78 -2.38
CA GLN D 161 59.91 -32.47 -2.88
C GLN D 161 60.12 -32.92 -4.32
N ASP D 162 59.55 -34.06 -4.66
CA ASP D 162 59.60 -34.60 -6.02
C ASP D 162 58.25 -34.35 -6.69
N ILE D 163 58.30 -33.71 -7.87
CA ILE D 163 57.10 -33.37 -8.61
C ILE D 163 57.28 -33.82 -10.06
N SER D 164 58.07 -34.88 -10.25
CA SER D 164 58.35 -35.37 -11.60
C SER D 164 57.06 -35.80 -12.29
N GLY D 165 56.76 -35.17 -13.42
CA GLY D 165 55.56 -35.47 -14.16
C GLY D 165 54.29 -34.84 -13.63
N HIS D 166 54.40 -33.90 -12.69
CA HIS D 166 53.23 -33.18 -12.22
C HIS D 166 52.84 -32.03 -13.12
N GLY D 167 53.67 -31.67 -14.08
CA GLY D 167 53.35 -30.62 -15.02
C GLY D 167 53.79 -29.25 -14.56
N TYR D 168 53.32 -28.25 -15.30
CA TYR D 168 53.57 -26.86 -14.95
C TYR D 168 52.56 -26.38 -13.91
N THR D 169 53.01 -25.52 -13.01
CA THR D 169 52.13 -24.89 -12.03
C THR D 169 51.47 -23.70 -12.71
N LEU D 170 50.21 -23.87 -13.10
CA LEU D 170 49.50 -22.86 -13.90
C LEU D 170 48.87 -21.77 -13.04
N VAL D 171 48.14 -22.14 -11.99
CA VAL D 171 47.39 -21.19 -11.19
C VAL D 171 47.57 -21.52 -9.71
N ALA D 172 47.50 -20.49 -8.88
CA ALA D 172 47.55 -20.63 -7.43
C ALA D 172 46.35 -19.90 -6.82
N CYS D 173 46.18 -20.09 -5.52
CA CYS D 173 45.06 -19.48 -4.81
C CYS D 173 45.33 -19.46 -3.31
N PRO D 174 45.56 -18.28 -2.71
CA PRO D 174 45.76 -18.24 -1.26
C PRO D 174 44.48 -18.47 -0.50
N HIS D 175 44.64 -18.94 0.73
CA HIS D 175 43.49 -19.23 1.58
C HIS D 175 42.94 -17.90 2.13
N PRO D 176 41.66 -17.60 1.94
CA PRO D 176 41.16 -16.28 2.36
C PRO D 176 41.23 -16.03 3.85
N THR D 177 41.15 -17.07 4.68
CA THR D 177 41.01 -16.88 6.12
C THR D 177 42.14 -17.47 6.96
N ILE D 178 43.08 -18.20 6.37
CA ILE D 178 44.23 -18.72 7.13
C ILE D 178 45.42 -17.80 6.89
N GLU D 179 45.50 -17.20 5.71
CA GLU D 179 46.56 -16.27 5.34
C GLU D 179 47.92 -16.94 5.23
N SER D 180 48.03 -18.24 5.51
CA SER D 180 49.29 -18.96 5.45
C SER D 180 49.24 -20.17 4.55
N ILE D 181 48.06 -20.61 4.13
CA ILE D 181 47.90 -21.77 3.25
C ILE D 181 47.64 -21.27 1.83
N ILE D 182 48.27 -21.93 0.86
CA ILE D 182 48.08 -21.62 -0.55
C ILE D 182 47.78 -22.92 -1.29
N ILE D 183 46.87 -22.84 -2.25
CA ILE D 183 46.54 -23.96 -3.13
C ILE D 183 47.16 -23.67 -4.49
N THR D 184 47.80 -24.68 -5.08
CA THR D 184 48.38 -24.55 -6.42
C THR D 184 47.89 -25.68 -7.29
N GLY D 185 47.46 -25.35 -8.50
CA GLY D 185 47.01 -26.36 -9.46
C GLY D 185 47.93 -26.45 -10.66
N THR D 186 48.46 -27.64 -10.92
CA THR D 186 49.46 -27.81 -11.97
C THR D 186 48.79 -28.14 -13.30
N SER D 187 49.60 -28.52 -14.29
CA SER D 187 49.11 -28.67 -15.65
C SER D 187 48.47 -30.02 -15.91
N LYS D 188 48.89 -31.07 -15.19
CA LYS D 188 48.39 -32.41 -15.44
C LYS D 188 47.29 -32.82 -14.47
N GLY D 189 46.71 -31.87 -13.75
CA GLY D 189 45.61 -32.15 -12.86
C GLY D 189 46.00 -32.37 -11.42
N TRP D 190 47.20 -31.95 -11.01
CA TRP D 190 47.67 -32.12 -9.64
C TRP D 190 47.33 -30.88 -8.82
N ILE D 191 46.79 -31.11 -7.63
CA ILE D 191 46.44 -30.05 -6.69
C ILE D 191 47.32 -30.20 -5.46
N ASN D 192 47.98 -29.12 -5.06
CA ASN D 192 48.87 -29.11 -3.91
C ASN D 192 48.44 -28.00 -2.95
N ALA D 193 48.90 -28.13 -1.71
CA ALA D 193 48.68 -27.12 -0.68
C ALA D 193 49.97 -26.91 0.08
N PHE D 194 50.31 -25.65 0.33
CA PHE D 194 51.56 -25.29 1.00
C PHE D 194 51.25 -24.41 2.20
N GLN D 195 52.26 -24.21 3.04
CA GLN D 195 52.13 -23.42 4.26
C GLN D 195 53.38 -22.57 4.42
N LEU D 196 53.17 -21.27 4.58
CA LEU D 196 54.27 -20.31 4.66
C LEU D 196 54.61 -19.99 6.10
N ASP D 197 55.88 -19.64 6.33
CA ASP D 197 56.32 -19.24 7.66
C ASP D 197 55.98 -17.78 7.94
N LEU D 198 56.21 -16.90 6.98
CA LEU D 198 55.97 -15.47 7.17
C LEU D 198 56.69 -14.97 8.41
N GLU D 203 61.68 -16.71 7.48
CA GLU D 203 62.54 -17.47 6.57
C GLU D 203 61.70 -18.09 5.47
N ASP D 204 62.26 -19.08 4.75
CA ASP D 204 61.61 -19.67 3.59
C ASP D 204 61.36 -21.17 3.76
N LYS D 205 61.47 -21.69 4.98
CA LYS D 205 61.19 -23.10 5.20
C LYS D 205 59.72 -23.38 5.02
N ILE D 206 59.29 -23.64 3.79
CA ILE D 206 57.90 -23.88 3.46
C ILE D 206 57.70 -25.37 3.26
N ARG D 207 56.49 -25.85 3.59
CA ARG D 207 56.24 -27.28 3.67
C ARG D 207 54.89 -27.60 3.03
N CYS D 208 54.85 -28.69 2.27
CA CYS D 208 53.64 -29.11 1.60
C CYS D 208 52.70 -29.80 2.59
N CYS D 209 51.40 -29.69 2.31
CA CYS D 209 50.37 -30.24 3.20
C CYS D 209 49.31 -31.04 2.46
N TYR D 210 49.40 -31.17 1.14
CA TYR D 210 48.41 -31.94 0.40
C TYR D 210 48.89 -32.15 -1.03
N GLU D 211 48.47 -33.28 -1.61
CA GLU D 211 48.84 -33.61 -2.97
C GLU D 211 47.96 -34.74 -3.51
N GLU D 212 47.13 -34.45 -4.51
CA GLU D 212 46.21 -35.44 -5.05
C GLU D 212 45.91 -35.09 -6.50
N LYS D 213 46.13 -36.05 -7.40
CA LYS D 213 45.76 -35.89 -8.80
C LYS D 213 44.26 -36.09 -8.93
N ILE D 214 43.53 -34.98 -9.13
CA ILE D 214 42.08 -35.00 -9.19
C ILE D 214 41.57 -35.03 -10.62
N ALA D 215 42.44 -34.92 -11.62
CA ALA D 215 42.00 -34.92 -13.00
C ALA D 215 43.19 -35.18 -13.91
N ASN D 216 42.88 -35.46 -15.17
CA ASN D 216 43.87 -35.58 -16.22
C ASN D 216 43.69 -34.42 -17.19
N ALA D 217 43.96 -33.22 -16.69
CA ALA D 217 43.58 -32.00 -17.37
C ALA D 217 44.34 -30.84 -16.74
N ASN D 218 44.41 -29.72 -17.47
CA ASN D 218 45.02 -28.52 -16.93
C ASN D 218 44.11 -27.90 -15.89
N ILE D 219 44.63 -27.69 -14.68
CA ILE D 219 43.92 -26.90 -13.68
C ILE D 219 43.89 -25.46 -14.18
N LYS D 220 42.71 -25.00 -14.61
CA LYS D 220 42.60 -23.66 -15.18
C LYS D 220 42.45 -22.60 -14.10
N GLN D 221 41.89 -22.94 -12.95
CA GLN D 221 41.68 -21.95 -11.89
C GLN D 221 41.28 -22.67 -10.61
N ILE D 222 41.64 -22.05 -9.48
CA ILE D 222 41.25 -22.52 -8.17
C ILE D 222 40.62 -21.35 -7.41
N ILE D 223 39.48 -21.59 -6.78
CA ILE D 223 38.76 -20.56 -6.02
C ILE D 223 38.28 -21.17 -4.72
N ILE D 224 38.17 -20.32 -3.70
CA ILE D 224 37.78 -20.75 -2.35
C ILE D 224 36.69 -19.82 -1.85
N SER D 225 35.58 -20.41 -1.41
CA SER D 225 34.54 -19.63 -0.75
C SER D 225 35.17 -18.79 0.36
N PRO D 226 34.89 -17.48 0.43
CA PRO D 226 35.61 -16.63 1.38
C PRO D 226 35.57 -17.06 2.84
N SER D 227 34.87 -18.15 3.17
CA SER D 227 34.86 -18.67 4.52
C SER D 227 35.52 -20.04 4.64
N GLY D 228 36.23 -20.48 3.61
CA GLY D 228 36.99 -21.72 3.68
C GLY D 228 36.19 -22.99 3.73
N THR D 229 34.86 -22.93 3.64
CA THR D 229 34.06 -24.14 3.73
C THR D 229 34.10 -24.95 2.43
N ARG D 230 34.09 -24.28 1.28
CA ARG D 230 34.02 -24.96 0.00
C ARG D 230 35.06 -24.42 -0.96
N ILE D 231 35.45 -25.27 -1.91
CA ILE D 231 36.47 -24.96 -2.90
C ILE D 231 36.06 -25.59 -4.23
N ALA D 232 36.32 -24.89 -5.33
CA ALA D 232 35.98 -25.39 -6.65
C ALA D 232 37.18 -25.28 -7.57
N ILE D 233 37.23 -26.16 -8.57
CA ILE D 233 38.36 -26.29 -9.48
C ILE D 233 37.85 -26.28 -10.90
N ASN D 234 38.49 -25.50 -11.77
CA ASN D 234 38.20 -25.49 -13.20
C ASN D 234 39.27 -26.27 -13.94
N GLY D 235 38.86 -27.10 -14.89
CA GLY D 235 39.75 -28.02 -15.55
C GLY D 235 39.69 -27.88 -17.06
N SER D 236 40.74 -28.40 -17.71
CA SER D 236 40.79 -28.36 -19.17
C SER D 236 39.66 -29.17 -19.78
N ASP D 237 39.30 -30.29 -19.16
CA ASP D 237 38.06 -30.96 -19.52
C ASP D 237 36.88 -30.08 -19.11
N ARG D 238 35.78 -30.20 -19.84
CA ARG D 238 34.66 -29.27 -19.72
C ARG D 238 34.15 -29.91 -18.44
N THR D 239 34.63 -29.45 -17.28
CA THR D 239 34.01 -29.73 -15.99
C THR D 239 34.60 -28.83 -14.91
N ILE D 240 33.74 -28.28 -14.06
CA ILE D 240 34.13 -27.63 -12.82
C ILE D 240 33.86 -28.63 -11.70
N ARG D 241 34.83 -28.79 -10.80
CA ARG D 241 34.71 -29.69 -9.67
C ARG D 241 34.62 -28.88 -8.38
N GLN D 242 33.65 -29.22 -7.55
CA GLN D 242 33.38 -28.50 -6.31
C GLN D 242 33.55 -29.46 -5.14
N TYR D 243 34.28 -29.02 -4.12
CA TYR D 243 34.61 -29.85 -2.96
C TYR D 243 34.23 -29.12 -1.68
N GLN D 244 34.33 -29.86 -0.58
CA GLN D 244 34.24 -29.31 0.77
C GLN D 244 35.64 -29.32 1.37
N LEU D 245 36.07 -28.18 1.92
CA LEU D 245 37.43 -28.03 2.41
C LEU D 245 37.45 -28.02 3.92
N ILE D 246 38.38 -28.77 4.50
CA ILE D 246 38.62 -28.83 5.94
C ILE D 246 40.10 -28.60 6.16
N VAL D 247 40.44 -27.62 7.01
CA VAL D 247 41.82 -27.31 7.35
C VAL D 247 41.91 -27.18 8.86
N GLU D 248 42.82 -27.96 9.47
CA GLU D 248 42.95 -27.99 10.91
C GLU D 248 44.40 -28.21 11.31
N HIS D 258 49.14 -27.86 9.91
CA HIS D 258 47.70 -28.12 10.00
C HIS D 258 47.35 -29.51 9.45
N SER D 259 46.23 -29.57 8.74
CA SER D 259 45.82 -30.75 7.99
C SER D 259 45.00 -30.23 6.81
N VAL D 260 44.45 -31.16 6.03
CA VAL D 260 43.60 -30.73 4.93
C VAL D 260 42.90 -31.93 4.30
N SER D 261 41.62 -31.76 3.98
CA SER D 261 40.77 -32.83 3.48
C SER D 261 39.73 -32.23 2.57
N ILE D 262 39.62 -32.75 1.35
CA ILE D 262 38.61 -32.30 0.40
C ILE D 262 37.65 -33.45 0.12
N GLU D 263 36.35 -33.14 0.11
CA GLU D 263 35.29 -34.11 -0.09
C GLU D 263 34.42 -33.60 -1.23
N LEU D 264 34.40 -34.33 -2.34
CA LEU D 264 33.64 -33.88 -3.51
C LEU D 264 32.12 -33.80 -3.44
N GLU D 265 31.61 -32.56 -3.48
CA GLU D 265 30.18 -32.29 -3.57
C GLU D 265 29.47 -32.45 -4.91
N HIS D 266 29.83 -31.64 -5.90
CA HIS D 266 29.21 -31.68 -7.21
C HIS D 266 30.25 -31.42 -8.29
N LYS D 267 29.93 -31.86 -9.50
CA LYS D 267 30.59 -31.42 -10.71
C LYS D 267 29.66 -30.51 -11.49
N TYR D 268 30.18 -29.87 -12.53
CA TYR D 268 29.40 -28.96 -13.34
C TYR D 268 29.80 -29.10 -14.80
N GLN D 269 28.82 -29.38 -15.66
CA GLN D 269 29.07 -29.55 -17.07
C GLN D 269 27.89 -29.00 -17.85
N ASP D 270 28.12 -28.70 -19.12
CA ASP D 270 27.06 -28.43 -20.08
C ASP D 270 27.23 -29.46 -21.20
N ILE D 271 26.74 -30.67 -20.97
CA ILE D 271 26.97 -31.77 -21.89
C ILE D 271 26.28 -31.49 -23.22
N ILE D 272 25.14 -30.79 -23.19
CA ILE D 272 24.44 -30.45 -24.44
C ILE D 272 25.26 -29.46 -25.24
N ASN D 273 25.70 -28.38 -24.61
CA ASN D 273 26.42 -27.33 -25.32
C ASN D 273 27.91 -27.62 -25.45
N ARG D 274 28.46 -28.51 -24.62
CA ARG D 274 29.86 -28.90 -24.72
C ARG D 274 30.78 -27.68 -24.81
N LEU D 275 30.96 -27.03 -23.66
CA LEU D 275 31.73 -25.81 -23.57
C LEU D 275 32.69 -25.90 -22.39
N GLN D 276 33.80 -25.16 -22.49
CA GLN D 276 34.72 -25.00 -21.38
C GLN D 276 34.44 -23.69 -20.65
N TRP D 277 34.99 -23.58 -19.44
CA TRP D 277 34.76 -22.42 -18.60
C TRP D 277 36.05 -21.62 -18.48
N ASN D 278 35.96 -20.32 -18.74
CA ASN D 278 37.14 -19.46 -18.66
C ASN D 278 37.44 -19.06 -17.22
N THR D 279 36.42 -18.61 -16.49
CA THR D 279 36.60 -18.15 -15.12
C THR D 279 35.40 -18.56 -14.29
N ILE D 280 35.65 -18.78 -13.00
CA ILE D 280 34.60 -19.12 -12.04
C ILE D 280 34.76 -18.23 -10.82
N PHE D 281 33.65 -17.97 -10.13
CA PHE D 281 33.68 -17.14 -8.93
C PHE D 281 32.59 -17.61 -7.98
N PHE D 282 32.81 -17.34 -6.69
CA PHE D 282 31.94 -17.83 -5.63
C PHE D 282 31.11 -16.71 -5.02
N SER D 283 30.01 -17.11 -4.39
CA SER D 283 29.21 -16.18 -3.61
C SER D 283 29.96 -15.87 -2.31
N ASN D 284 29.32 -15.09 -1.43
CA ASN D 284 30.05 -14.29 -0.43
C ASN D 284 30.70 -15.17 0.62
N HIS D 285 29.90 -15.88 1.42
CA HIS D 285 30.45 -16.50 2.62
C HIS D 285 30.76 -17.98 2.41
N SER D 286 29.74 -18.83 2.49
CA SER D 286 29.92 -20.25 2.24
C SER D 286 29.93 -20.58 0.76
N GLY D 287 29.74 -19.60 -0.12
CA GLY D 287 29.71 -19.84 -1.54
C GLY D 287 28.49 -20.64 -1.95
N GLU D 288 27.30 -20.20 -1.52
CA GLU D 288 26.08 -20.93 -1.85
C GLU D 288 25.82 -20.93 -3.34
N TYR D 289 26.27 -19.90 -4.06
CA TYR D 289 26.08 -19.80 -5.50
C TYR D 289 27.45 -19.78 -6.19
N LEU D 290 27.45 -20.23 -7.44
CA LEU D 290 28.67 -20.34 -8.24
C LEU D 290 28.40 -19.75 -9.61
N VAL D 291 29.24 -18.80 -10.02
CA VAL D 291 29.11 -18.14 -11.32
C VAL D 291 30.30 -18.54 -12.20
N ALA D 292 30.05 -18.60 -13.51
CA ALA D 292 31.08 -19.00 -14.46
C ALA D 292 30.79 -18.38 -15.82
N SER D 293 31.82 -18.35 -16.65
CA SER D 293 31.75 -17.80 -18.00
C SER D 293 32.07 -18.89 -19.02
N ALA D 294 31.33 -18.88 -20.13
CA ALA D 294 31.39 -19.97 -21.11
C ALA D 294 32.28 -19.60 -22.28
N HIS D 295 32.98 -20.61 -22.81
CA HIS D 295 33.85 -20.44 -23.97
C HIS D 295 33.19 -20.86 -25.28
N GLY D 296 32.28 -21.84 -25.24
CA GLY D 296 31.61 -22.33 -26.43
C GLY D 296 31.13 -21.24 -27.35
N SER D 297 30.99 -21.56 -28.64
CA SER D 297 30.55 -20.57 -29.61
C SER D 297 29.07 -20.26 -29.41
N SER D 298 28.72 -18.99 -29.56
CA SER D 298 27.37 -18.48 -29.32
C SER D 298 26.99 -18.54 -27.85
N ALA D 299 27.96 -18.75 -26.95
CA ALA D 299 27.70 -18.79 -25.51
C ALA D 299 28.01 -17.41 -24.96
N HIS D 300 26.99 -16.54 -24.93
CA HIS D 300 27.15 -15.14 -24.59
C HIS D 300 26.62 -14.80 -23.21
N ASP D 301 26.41 -15.80 -22.36
CA ASP D 301 25.76 -15.58 -21.07
C ASP D 301 26.55 -16.25 -19.96
N LEU D 302 26.37 -15.71 -18.75
CA LEU D 302 27.00 -16.25 -17.55
C LEU D 302 26.09 -17.29 -16.92
N TYR D 303 26.65 -18.45 -16.60
CA TYR D 303 25.91 -19.49 -15.90
C TYR D 303 26.08 -19.30 -14.39
N LEU D 304 25.02 -19.54 -13.65
CA LEU D 304 25.07 -19.46 -12.19
C LEU D 304 24.36 -20.67 -11.60
N TRP D 305 25.06 -21.38 -10.71
CA TRP D 305 24.55 -22.60 -10.11
C TRP D 305 24.38 -22.42 -8.60
N GLU D 306 23.43 -23.14 -8.03
CA GLU D 306 23.48 -23.42 -6.61
C GLU D 306 24.59 -24.42 -6.34
N THR D 307 25.14 -24.38 -5.13
CA THR D 307 26.21 -25.32 -4.75
C THR D 307 25.72 -26.45 -3.85
N SER D 308 24.62 -26.26 -3.13
CA SER D 308 24.09 -27.34 -2.32
C SER D 308 23.56 -28.48 -3.19
N SER D 309 22.95 -28.14 -4.34
CA SER D 309 22.38 -29.13 -5.24
C SER D 309 22.89 -28.98 -6.68
N GLY D 310 23.87 -28.12 -6.91
CA GLY D 310 24.53 -28.03 -8.21
C GLY D 310 23.62 -27.81 -9.40
N SER D 311 22.45 -27.22 -9.18
CA SER D 311 21.48 -27.01 -10.25
C SER D 311 21.67 -25.63 -10.87
N LEU D 312 21.47 -25.56 -12.19
CA LEU D 312 21.55 -24.29 -12.91
C LEU D 312 20.34 -23.44 -12.54
N VAL D 313 20.57 -22.40 -11.74
CA VAL D 313 19.47 -21.57 -11.24
C VAL D 313 19.13 -20.43 -12.20
N ARG D 314 20.13 -19.82 -12.83
CA ARG D 314 19.85 -18.68 -13.70
C ARG D 314 20.98 -18.54 -14.71
N VAL D 315 20.71 -17.69 -15.72
CA VAL D 315 21.67 -17.33 -16.75
C VAL D 315 21.62 -15.82 -16.92
N LEU D 316 22.80 -15.18 -16.92
CA LEU D 316 22.90 -13.72 -17.02
C LEU D 316 23.05 -13.34 -18.49
N GLU D 317 21.99 -12.79 -19.07
CA GLU D 317 21.82 -12.70 -20.51
C GLU D 317 22.18 -11.33 -21.09
N GLY D 318 23.03 -10.57 -20.41
CA GLY D 318 23.26 -9.20 -20.83
C GLY D 318 24.07 -9.09 -22.12
N ALA D 319 25.20 -9.79 -22.17
CA ALA D 319 26.19 -9.57 -23.21
C ALA D 319 25.91 -10.40 -24.45
N ASP D 320 26.49 -9.97 -25.57
CA ASP D 320 26.36 -10.64 -26.87
C ASP D 320 27.73 -10.99 -27.44
N GLU D 321 28.65 -11.45 -26.58
CA GLU D 321 29.94 -11.94 -27.03
C GLU D 321 30.47 -12.89 -25.96
N GLU D 322 31.60 -13.54 -26.26
CA GLU D 322 32.25 -14.40 -25.29
C GLU D 322 32.73 -13.58 -24.10
N LEU D 323 32.48 -14.08 -22.89
CA LEU D 323 32.85 -13.39 -21.66
C LEU D 323 34.02 -14.11 -21.00
N LEU D 324 35.01 -13.35 -20.57
CA LEU D 324 36.25 -13.92 -20.07
C LEU D 324 37.13 -13.81 -18.83
N ASP D 325 36.92 -12.78 -18.02
CA ASP D 325 37.17 -12.71 -16.59
C ASP D 325 35.90 -12.28 -15.85
N ILE D 326 35.88 -12.55 -14.55
CA ILE D 326 34.74 -12.21 -13.70
C ILE D 326 35.26 -11.75 -12.35
N ASP D 327 34.61 -10.73 -11.80
CA ASP D 327 34.80 -10.35 -10.41
C ASP D 327 33.45 -9.99 -9.81
N TRP D 328 33.32 -10.21 -8.51
CA TRP D 328 32.03 -10.09 -7.81
C TRP D 328 32.32 -9.40 -6.48
N ASN D 329 31.99 -8.12 -6.39
CA ASN D 329 32.17 -7.37 -5.15
C ASN D 329 30.91 -7.53 -4.31
N PHE D 330 31.07 -8.04 -3.09
CA PHE D 330 29.94 -8.35 -2.23
C PHE D 330 29.44 -7.14 -1.45
N TYR D 331 30.16 -6.02 -1.48
CA TYR D 331 29.64 -4.79 -0.89
C TYR D 331 28.66 -4.11 -1.85
N SER D 332 29.09 -3.86 -3.09
CA SER D 332 28.25 -3.24 -4.09
C SER D 332 27.34 -4.24 -4.80
N MET D 333 27.55 -5.53 -4.61
CA MET D 333 26.78 -6.57 -5.28
C MET D 333 26.64 -6.27 -6.78
N ARG D 334 27.80 -6.32 -7.44
CA ARG D 334 27.89 -6.11 -8.88
C ARG D 334 28.84 -7.14 -9.47
N ILE D 335 28.57 -7.52 -10.72
CA ILE D 335 29.41 -8.46 -11.46
C ILE D 335 30.08 -7.69 -12.59
N ALA D 336 31.38 -7.92 -12.76
CA ALA D 336 32.14 -7.36 -13.87
C ALA D 336 32.67 -8.49 -14.73
N SER D 337 32.54 -8.34 -16.04
CA SER D 337 33.09 -9.32 -16.98
C SER D 337 33.42 -8.60 -18.28
N ASN D 338 34.56 -8.98 -18.87
CA ASN D 338 35.08 -8.35 -20.08
C ASN D 338 34.78 -9.21 -21.30
N GLY D 339 34.40 -8.54 -22.39
CA GLY D 339 34.11 -9.24 -23.63
C GLY D 339 35.37 -9.55 -24.42
N PHE D 340 35.25 -10.56 -25.28
CA PHE D 340 36.39 -11.00 -26.08
C PHE D 340 36.56 -10.15 -27.33
N GLU D 341 35.46 -9.88 -28.04
CA GLU D 341 35.56 -9.19 -29.33
C GLU D 341 35.60 -7.68 -29.16
N SER D 342 34.85 -7.14 -28.20
CA SER D 342 34.78 -5.69 -28.01
C SER D 342 35.83 -5.16 -27.06
N GLY D 343 36.32 -6.00 -26.15
CA GLY D 343 37.23 -5.54 -25.11
C GLY D 343 36.57 -4.77 -24.00
N TRP D 344 35.27 -4.52 -24.07
CA TRP D 344 34.57 -3.72 -23.08
C TRP D 344 34.28 -4.54 -21.83
N VAL D 345 33.87 -3.85 -20.77
CA VAL D 345 33.56 -4.46 -19.49
C VAL D 345 32.05 -4.36 -19.27
N TYR D 346 31.40 -5.51 -19.14
CA TYR D 346 29.97 -5.57 -18.89
C TYR D 346 29.69 -5.65 -17.40
N MET D 347 28.55 -5.12 -16.98
CA MET D 347 28.26 -4.96 -15.57
C MET D 347 26.82 -5.34 -15.26
N TRP D 348 26.65 -6.27 -14.31
CA TRP D 348 25.34 -6.65 -13.81
C TRP D 348 25.17 -6.16 -12.38
N SER D 349 23.98 -5.65 -12.08
CA SER D 349 23.66 -5.12 -10.76
C SER D 349 22.30 -5.65 -10.32
N ILE D 350 21.98 -5.41 -9.05
CA ILE D 350 20.65 -5.66 -8.53
C ILE D 350 19.80 -4.43 -8.79
N VAL D 351 18.70 -4.60 -9.52
CA VAL D 351 17.79 -3.52 -9.84
C VAL D 351 16.45 -3.85 -9.22
N ILE D 352 16.18 -3.29 -8.05
CA ILE D 352 14.91 -3.48 -7.36
C ILE D 352 13.93 -2.43 -7.87
N PRO D 353 12.79 -2.81 -8.43
CA PRO D 353 11.76 -1.83 -8.77
C PRO D 353 11.45 -0.94 -7.58
N PRO D 354 11.01 0.30 -7.81
CA PRO D 354 10.65 1.16 -6.66
C PRO D 354 9.33 0.72 -6.04
N LYS D 355 9.33 0.59 -4.72
CA LYS D 355 8.12 0.23 -3.98
C LYS D 355 7.33 1.50 -3.68
N TRP D 356 6.12 1.58 -4.23
CA TRP D 356 5.26 2.72 -3.91
C TRP D 356 4.82 2.73 -2.45
N SER D 357 4.99 1.62 -1.74
CA SER D 357 4.73 1.59 -0.30
C SER D 357 5.58 2.58 0.46
N ALA D 358 6.55 3.23 -0.19
CA ALA D 358 7.47 4.15 0.46
C ALA D 358 7.18 5.60 0.09
N LEU D 359 5.92 5.93 -0.20
CA LEU D 359 5.52 7.31 -0.39
C LEU D 359 4.74 7.87 0.78
N ALA D 360 4.11 7.01 1.57
CA ALA D 360 3.51 7.38 2.83
C ALA D 360 3.88 6.30 3.84
N PRO D 361 3.87 6.63 5.13
CA PRO D 361 4.30 5.64 6.14
C PRO D 361 3.29 4.52 6.38
N ASP D 362 2.03 4.68 5.96
CA ASP D 362 1.01 3.67 6.20
C ASP D 362 0.48 3.03 4.92
N PHE D 363 1.22 3.14 3.82
CA PHE D 363 0.89 2.39 2.62
C PHE D 363 1.42 0.97 2.73
N GLU D 364 0.79 0.07 1.94
CA GLU D 364 1.28 -1.29 1.79
C GLU D 364 0.99 -1.75 0.38
N GLU D 365 1.99 -2.30 -0.30
CA GLU D 365 1.78 -2.86 -1.62
C GLU D 365 1.54 -4.35 -1.53
N VAL D 366 0.63 -4.85 -2.37
CA VAL D 366 0.23 -6.25 -2.34
C VAL D 366 0.10 -6.73 -3.79
N GLU D 367 0.30 -8.03 -3.97
CA GLU D 367 0.27 -8.63 -5.31
C GLU D 367 -1.12 -9.15 -5.66
N GLU D 368 -1.80 -9.81 -4.74
CA GLU D 368 -3.15 -10.31 -4.96
C GLU D 368 -4.11 -9.62 -4.00
N ASN D 369 -5.37 -9.51 -4.43
CA ASN D 369 -6.40 -8.84 -3.65
C ASN D 369 -6.45 -9.36 -2.22
N ILE D 370 -6.97 -8.53 -1.31
CA ILE D 370 -7.19 -8.90 0.08
C ILE D 370 -8.68 -8.79 0.36
N ASP D 371 -9.24 -9.81 0.99
CA ASP D 371 -10.64 -9.80 1.41
C ASP D 371 -10.69 -9.14 2.79
N TYR D 372 -11.12 -7.89 2.83
CA TYR D 372 -11.15 -7.15 4.08
C TYR D 372 -12.07 -7.80 5.08
N GLN D 373 -11.55 -8.03 6.29
CA GLN D 373 -12.38 -8.50 7.40
C GLN D 373 -13.08 -7.31 8.05
N GLU D 374 -14.39 -7.39 8.16
CA GLU D 374 -15.20 -6.26 8.62
C GLU D 374 -15.25 -6.25 10.14
N LYS D 375 -14.84 -5.12 10.73
CA LYS D 375 -14.97 -4.93 12.16
C LYS D 375 -16.45 -4.80 12.53
N GLU D 376 -16.74 -5.04 13.81
CA GLU D 376 -18.11 -4.89 14.28
C GLU D 376 -18.59 -3.44 14.22
N ASN D 377 -17.66 -2.48 14.20
CA ASN D 377 -18.00 -1.06 14.12
C ASN D 377 -17.90 -0.52 12.69
N GLU D 378 -18.04 -1.39 11.69
CA GLU D 378 -17.83 -0.98 10.30
C GLU D 378 -18.86 0.03 9.82
N PHE D 379 -20.02 0.11 10.47
CA PHE D 379 -21.09 0.99 10.02
C PHE D 379 -21.49 2.00 11.10
N ASP D 380 -20.62 2.19 12.10
CA ASP D 380 -20.88 3.09 13.20
C ASP D 380 -19.86 4.22 13.20
N ILE D 381 -20.28 5.37 13.73
CA ILE D 381 -19.44 6.56 13.77
C ILE D 381 -18.19 6.27 14.60
N GLU D 395 10.37 9.30 25.27
CA GLU D 395 9.65 8.08 25.58
C GLU D 395 10.56 7.09 26.32
N GLU D 396 11.84 7.44 26.43
CA GLU D 396 12.81 6.76 27.28
C GLU D 396 13.22 5.39 26.76
N ILE D 397 13.10 5.15 25.45
CA ILE D 397 13.67 3.94 24.88
C ILE D 397 15.19 4.03 24.98
N ALA D 398 15.84 2.88 25.14
CA ALA D 398 17.30 2.85 25.16
C ALA D 398 17.84 3.35 23.83
N ILE D 399 18.63 4.42 23.88
CA ILE D 399 19.11 5.10 22.69
C ILE D 399 20.63 5.00 22.64
N ASP D 400 21.17 4.87 21.43
CA ASP D 400 22.60 4.92 21.19
C ASP D 400 22.82 5.54 19.83
N LEU D 401 23.55 6.66 19.78
CA LEU D 401 23.70 7.42 18.54
C LEU D 401 25.12 7.40 18.00
N CYS D 402 26.07 6.75 18.67
CA CYS D 402 27.47 6.83 18.26
C CYS D 402 28.07 5.48 17.93
N THR D 403 27.75 4.43 18.68
CA THR D 403 28.44 3.16 18.50
C THR D 403 28.26 2.66 17.07
N PRO D 404 29.33 2.23 16.39
CA PRO D 404 29.20 1.77 15.01
C PRO D 404 28.46 0.43 14.93
N GLU D 405 28.03 0.11 13.72
CA GLU D 405 27.54 -1.21 13.37
C GLU D 405 28.66 -1.93 12.62
N LYS D 406 29.15 -3.02 13.20
CA LYS D 406 30.29 -3.72 12.63
C LYS D 406 29.92 -4.66 11.49
N TYR D 407 28.64 -4.72 11.09
CA TYR D 407 28.23 -5.52 9.96
C TYR D 407 27.04 -4.86 9.29
N ASP D 408 26.95 -5.05 7.97
CA ASP D 408 25.74 -4.71 7.25
C ASP D 408 24.85 -5.94 7.17
N VAL D 409 23.73 -5.82 6.45
CA VAL D 409 22.76 -6.91 6.44
C VAL D 409 23.31 -8.14 5.75
N ARG D 410 24.35 -8.00 4.94
CA ARG D 410 24.93 -9.13 4.22
C ARG D 410 26.10 -9.79 4.96
N GLY D 411 26.63 -9.13 5.98
CA GLY D 411 27.64 -9.74 6.83
C GLY D 411 29.08 -9.43 6.49
N ASN D 412 29.33 -8.44 5.64
CA ASN D 412 30.70 -8.06 5.35
C ASN D 412 31.27 -7.22 6.48
N ASP D 413 32.57 -7.38 6.73
CA ASP D 413 33.22 -6.67 7.83
C ASP D 413 33.40 -5.21 7.45
N ILE D 414 32.32 -4.45 7.60
CA ILE D 414 32.36 -2.99 7.60
C ILE D 414 33.28 -2.56 8.74
N SER D 415 33.60 -1.27 8.80
CA SER D 415 34.39 -0.71 9.90
C SER D 415 35.87 -1.04 9.77
N MET D 416 36.34 -1.25 8.54
CA MET D 416 37.77 -1.36 8.30
C MET D 416 38.19 -0.29 7.29
N PRO D 417 39.32 0.39 7.52
CA PRO D 417 39.68 1.53 6.65
C PRO D 417 39.82 1.10 5.20
N SER D 418 38.96 1.65 4.35
CA SER D 418 39.08 1.52 2.91
C SER D 418 39.64 2.81 2.33
N PHE D 419 40.42 2.67 1.26
CA PHE D 419 41.12 3.81 0.69
C PHE D 419 40.18 4.67 -0.14
N VAL D 420 40.45 5.97 -0.15
CA VAL D 420 39.77 6.92 -1.03
C VAL D 420 40.83 7.62 -1.85
N ILE D 421 40.75 7.47 -3.17
CA ILE D 421 41.73 8.08 -4.08
C ILE D 421 41.40 9.56 -4.16
N PRO D 422 42.25 10.46 -3.64
CA PRO D 422 41.86 11.86 -3.53
C PRO D 422 41.51 12.48 -4.88
N ILE D 423 40.69 13.52 -4.82
CA ILE D 423 40.31 14.25 -6.02
C ILE D 423 41.53 14.98 -6.56
N ASP D 424 41.79 14.81 -7.86
CA ASP D 424 42.97 15.40 -8.49
C ASP D 424 42.69 16.87 -8.76
N TYR D 425 42.81 17.68 -7.70
CA TYR D 425 42.54 19.10 -7.82
C TYR D 425 43.50 19.76 -8.81
N GLU D 426 44.77 19.36 -8.79
CA GLU D 426 45.76 19.97 -9.66
C GLU D 426 45.63 19.51 -11.12
N GLY D 427 44.66 18.66 -11.43
CA GLY D 427 44.42 18.26 -12.80
C GLY D 427 43.25 19.02 -13.40
N VAL D 428 42.30 19.40 -12.55
CA VAL D 428 41.11 20.11 -13.02
C VAL D 428 41.42 21.57 -13.30
N ILE D 429 42.26 22.21 -12.47
CA ILE D 429 42.56 23.62 -12.68
C ILE D 429 43.26 23.85 -14.01
N ILE D 430 43.84 22.82 -14.61
CA ILE D 430 44.35 22.90 -15.98
C ILE D 430 43.25 22.60 -16.98
N GLN D 431 42.39 21.63 -16.66
CA GLN D 431 41.24 21.36 -17.50
C GLN D 431 40.31 22.55 -17.60
N GLN D 432 40.36 23.46 -16.62
CA GLN D 432 39.54 24.67 -16.68
C GLN D 432 39.74 25.40 -18.00
N HIS D 433 40.97 25.46 -18.48
CA HIS D 433 41.27 26.08 -19.77
C HIS D 433 41.06 25.12 -20.94
N TRP D 434 39.98 24.34 -20.89
CA TRP D 434 39.65 23.39 -21.94
C TRP D 434 40.76 22.36 -22.12
N ALA D 435 41.34 21.93 -21.00
CA ALA D 435 42.41 20.93 -20.99
C ALA D 435 43.69 21.51 -21.59
N SER E 12 -60.65 4.45 -12.41
CA SER E 12 -60.34 5.39 -11.33
C SER E 12 -61.62 5.86 -10.67
N THR E 13 -62.64 6.13 -11.48
CA THR E 13 -63.96 6.46 -10.94
C THR E 13 -64.48 5.30 -10.10
N THR E 14 -64.37 4.08 -10.61
CA THR E 14 -64.83 2.91 -9.87
C THR E 14 -64.02 2.72 -8.60
N ARG E 15 -62.69 2.89 -8.68
CA ARG E 15 -61.85 2.77 -7.49
C ARG E 15 -62.14 3.89 -6.50
N ARG E 16 -62.42 5.10 -7.00
CA ARG E 16 -62.74 6.21 -6.11
C ARG E 16 -63.97 5.91 -5.27
N TYR E 17 -65.04 5.44 -5.92
CA TYR E 17 -66.27 5.11 -5.20
C TYR E 17 -66.00 4.09 -4.10
N LEU E 18 -65.41 2.95 -4.46
CA LEU E 18 -65.15 1.89 -3.48
C LEU E 18 -64.30 2.42 -2.33
N ASN E 19 -63.23 3.14 -2.63
CA ASN E 19 -62.33 3.64 -1.59
C ASN E 19 -63.06 4.54 -0.61
N GLU E 20 -63.88 5.46 -1.10
CA GLU E 20 -64.53 6.42 -0.23
C GLU E 20 -65.32 5.66 0.82
N HIS E 21 -66.33 4.89 0.40
CA HIS E 21 -67.25 4.24 1.33
C HIS E 21 -66.85 2.86 1.81
N VAL E 22 -66.68 1.90 0.88
CA VAL E 22 -66.64 0.49 1.26
C VAL E 22 -65.28 0.13 1.85
N THR E 23 -64.21 0.51 1.16
CA THR E 23 -62.89 -0.08 1.40
C THR E 23 -62.53 -0.11 2.89
N LYS E 24 -62.74 1.00 3.58
CA LYS E 24 -62.30 1.12 4.97
C LYS E 24 -62.88 0.00 5.83
N HIS E 25 -64.21 -0.07 5.91
CA HIS E 25 -64.85 -1.04 6.79
C HIS E 25 -64.77 -2.46 6.24
N LEU E 26 -64.59 -2.63 4.94
CA LEU E 26 -64.33 -3.96 4.40
C LEU E 26 -63.02 -4.52 4.94
N LEU E 27 -61.99 -3.67 5.04
CA LEU E 27 -60.71 -4.14 5.55
C LEU E 27 -60.81 -4.50 7.03
N GLU E 28 -61.46 -3.67 7.83
CA GLU E 28 -61.58 -3.96 9.26
C GLU E 28 -62.38 -5.24 9.49
N GLY E 29 -63.49 -5.41 8.77
CA GLY E 29 -64.25 -6.64 8.91
C GLY E 29 -63.48 -7.86 8.45
N MET E 30 -62.68 -7.70 7.41
CA MET E 30 -61.91 -8.83 6.89
C MET E 30 -60.87 -9.29 7.90
N LYS E 31 -60.14 -8.36 8.50
CA LYS E 31 -59.10 -8.73 9.46
C LYS E 31 -59.67 -9.15 10.80
N LEU E 32 -60.99 -9.05 11.01
CA LEU E 32 -61.60 -9.60 12.22
C LEU E 32 -61.71 -11.11 12.13
N ILE E 33 -62.25 -11.63 11.04
CA ILE E 33 -62.33 -13.08 10.84
C ILE E 33 -60.94 -13.68 10.72
N ALA E 34 -59.95 -12.89 10.29
CA ALA E 34 -58.61 -13.42 10.10
C ALA E 34 -57.95 -13.75 11.43
N ARG E 35 -58.23 -12.99 12.48
CA ARG E 35 -57.63 -13.27 13.79
C ARG E 35 -58.32 -14.46 14.45
N GLU E 36 -59.64 -14.40 14.59
CA GLU E 36 -60.44 -15.53 15.03
C GLU E 36 -61.53 -15.79 14.01
N LYS E 37 -61.72 -17.06 13.67
CA LYS E 37 -62.64 -17.43 12.61
C LYS E 37 -63.95 -17.90 13.19
N PRO E 38 -65.10 -17.46 12.68
CA PRO E 38 -66.36 -18.07 13.07
C PRO E 38 -66.64 -19.32 12.24
N GLU E 39 -67.90 -19.69 12.09
CA GLU E 39 -68.28 -20.79 11.22
C GLU E 39 -69.14 -20.35 10.04
N ASP E 40 -69.95 -19.30 10.21
CA ASP E 40 -70.52 -18.59 9.08
C ASP E 40 -69.73 -17.31 8.85
N PRO E 41 -68.55 -17.39 8.24
CA PRO E 41 -67.74 -16.17 8.06
C PRO E 41 -68.37 -15.17 7.11
N LEU E 42 -69.15 -15.65 6.13
CA LEU E 42 -69.89 -14.75 5.26
C LEU E 42 -70.84 -13.88 6.08
N ARG E 43 -71.67 -14.51 6.92
CA ARG E 43 -72.74 -13.77 7.61
C ARG E 43 -72.17 -12.77 8.60
N VAL E 44 -71.14 -13.16 9.37
CA VAL E 44 -70.56 -12.23 10.35
C VAL E 44 -70.12 -10.95 9.66
N LEU E 45 -69.49 -11.07 8.49
CA LEU E 45 -69.13 -9.89 7.72
C LEU E 45 -70.38 -9.12 7.32
N GLY E 46 -71.33 -9.80 6.68
CA GLY E 46 -72.60 -9.16 6.35
C GLY E 46 -73.18 -8.38 7.51
N GLN E 47 -73.16 -8.98 8.71
CA GLN E 47 -73.53 -8.23 9.90
C GLN E 47 -72.62 -7.02 10.09
N PHE E 48 -71.32 -7.21 9.89
CA PHE E 48 -70.36 -6.14 10.14
C PHE E 48 -70.61 -4.94 9.24
N LEU E 49 -70.89 -5.18 7.96
CA LEU E 49 -71.06 -4.09 7.01
C LEU E 49 -72.36 -3.32 7.29
N ILE E 50 -73.46 -4.04 7.54
CA ILE E 50 -74.73 -3.39 7.83
C ILE E 50 -74.58 -2.45 9.02
N ASP E 51 -73.94 -2.92 10.09
CA ASP E 51 -73.77 -2.12 11.29
C ASP E 51 -73.09 -0.78 11.02
N ALA E 52 -72.38 -0.65 9.89
CA ALA E 52 -71.67 0.58 9.60
C ALA E 52 -72.63 1.68 9.17
N SER E 53 -73.41 1.44 8.12
CA SER E 53 -74.31 2.45 7.58
C SER E 53 -75.47 2.71 8.51
N PRO F 5 -58.16 -28.61 -4.41
CA PRO F 5 -59.19 -27.63 -4.76
C PRO F 5 -58.62 -26.46 -5.54
N VAL F 6 -59.38 -25.35 -5.62
CA VAL F 6 -58.83 -24.10 -6.14
C VAL F 6 -58.20 -23.27 -5.02
N ALA F 7 -58.25 -23.74 -3.77
CA ALA F 7 -57.64 -23.01 -2.67
C ALA F 7 -56.15 -23.29 -2.55
N MET F 8 -55.76 -24.58 -2.56
CA MET F 8 -54.36 -24.93 -2.40
C MET F 8 -53.55 -24.69 -3.68
N ILE F 9 -54.22 -24.73 -4.84
CA ILE F 9 -53.55 -24.27 -6.06
C ILE F 9 -53.17 -22.81 -5.94
N GLY F 10 -53.90 -22.04 -5.12
CA GLY F 10 -53.64 -20.64 -4.93
C GLY F 10 -52.88 -20.34 -3.67
N GLY F 11 -51.77 -21.05 -3.45
CA GLY F 11 -51.00 -20.88 -2.24
C GLY F 11 -51.76 -21.36 -1.02
N SER F 12 -51.08 -21.30 0.11
CA SER F 12 -51.67 -21.84 1.34
C SER F 12 -50.94 -21.32 2.57
N THR F 13 -51.55 -20.38 3.27
CA THR F 13 -51.34 -20.17 4.70
C THR F 13 -52.67 -20.47 5.40
N THR F 14 -52.58 -21.07 6.59
CA THR F 14 -53.80 -21.51 7.26
C THR F 14 -54.83 -20.38 7.33
N ARG F 15 -54.39 -19.20 7.75
CA ARG F 15 -55.25 -18.03 7.81
C ARG F 15 -55.44 -17.37 6.46
N ARG F 16 -55.00 -18.03 5.39
CA ARG F 16 -55.36 -17.67 4.03
C ARG F 16 -56.44 -18.58 3.47
N TYR F 17 -57.11 -19.36 4.33
CA TYR F 17 -58.22 -20.20 3.90
C TYR F 17 -59.35 -19.37 3.32
N LEU F 18 -59.42 -18.08 3.65
CA LEU F 18 -60.50 -17.21 3.22
C LEU F 18 -60.84 -17.45 1.76
N ASN F 19 -59.85 -17.83 0.96
CA ASN F 19 -60.10 -18.20 -0.43
C ASN F 19 -61.08 -19.36 -0.53
N GLU F 20 -60.92 -20.36 0.34
CA GLU F 20 -61.84 -21.51 0.34
C GLU F 20 -63.25 -21.08 0.74
N HIS F 21 -63.38 -20.12 1.65
CA HIS F 21 -64.64 -19.84 2.33
C HIS F 21 -65.40 -18.64 1.76
N VAL F 22 -64.77 -17.47 1.62
CA VAL F 22 -65.56 -16.27 1.43
C VAL F 22 -65.15 -15.38 0.27
N THR F 23 -64.02 -15.68 -0.37
CA THR F 23 -63.48 -14.75 -1.36
C THR F 23 -64.33 -14.69 -2.61
N LYS F 24 -64.69 -15.86 -3.17
CA LYS F 24 -65.47 -15.85 -4.40
C LYS F 24 -66.82 -15.18 -4.19
N HIS F 25 -67.52 -15.53 -3.11
CA HIS F 25 -68.78 -14.86 -2.79
C HIS F 25 -68.59 -13.34 -2.76
N LEU F 26 -67.49 -12.88 -2.16
CA LEU F 26 -67.26 -11.44 -2.05
C LEU F 26 -66.94 -10.83 -3.40
N LEU F 27 -65.98 -11.42 -4.13
CA LEU F 27 -65.70 -10.96 -5.49
C LEU F 27 -66.99 -10.90 -6.29
N GLU F 28 -67.78 -11.98 -6.23
CA GLU F 28 -69.08 -12.00 -6.91
C GLU F 28 -69.91 -10.77 -6.55
N GLY F 29 -69.68 -10.20 -5.38
CA GLY F 29 -70.46 -9.06 -4.92
C GLY F 29 -69.99 -7.73 -5.50
N MET F 30 -68.69 -7.43 -5.37
CA MET F 30 -68.19 -6.12 -5.78
C MET F 30 -68.57 -5.81 -7.22
N LYS F 31 -68.33 -6.75 -8.14
CA LYS F 31 -68.66 -6.55 -9.54
C LYS F 31 -70.07 -6.00 -9.69
N LEU F 32 -71.00 -6.52 -8.89
CA LEU F 32 -72.34 -5.95 -8.82
C LEU F 32 -72.28 -4.45 -8.55
N ILE F 33 -71.49 -4.06 -7.54
CA ILE F 33 -71.34 -2.66 -7.16
C ILE F 33 -70.57 -1.92 -8.26
N ASP F 40 -75.10 3.47 -4.21
CA ASP F 40 -75.15 2.04 -3.92
C ASP F 40 -74.50 1.73 -2.57
N PRO F 41 -75.12 2.19 -1.48
CA PRO F 41 -74.55 1.96 -0.14
C PRO F 41 -74.11 0.52 0.11
N LEU F 42 -73.29 0.35 1.16
CA LEU F 42 -72.75 -0.96 1.51
C LEU F 42 -73.84 -2.00 1.73
N ARG F 43 -75.08 -1.57 2.00
CA ARG F 43 -76.14 -2.53 2.31
C ARG F 43 -76.33 -3.52 1.17
N VAL F 44 -76.12 -3.09 -0.07
CA VAL F 44 -76.25 -3.99 -1.21
C VAL F 44 -75.31 -5.18 -1.03
N LEU F 45 -74.05 -4.90 -0.67
CA LEU F 45 -73.08 -5.96 -0.43
C LEU F 45 -73.32 -6.63 0.91
N GLY F 46 -73.54 -5.84 1.96
CA GLY F 46 -73.78 -6.42 3.28
C GLY F 46 -74.87 -7.48 3.27
N GLN F 47 -75.95 -7.22 2.53
CA GLN F 47 -77.02 -8.21 2.44
C GLN F 47 -76.64 -9.36 1.53
N PHE F 48 -76.16 -9.05 0.32
CA PHE F 48 -75.74 -10.10 -0.61
C PHE F 48 -74.74 -11.04 0.04
N LEU F 49 -73.96 -10.54 0.99
CA LEU F 49 -73.03 -11.40 1.72
C LEU F 49 -73.77 -12.43 2.57
N ILE F 50 -75.04 -12.17 2.90
CA ILE F 50 -75.85 -13.13 3.64
C ILE F 50 -76.57 -14.09 2.70
N ASP F 51 -77.02 -13.60 1.55
CA ASP F 51 -77.91 -14.39 0.71
C ASP F 51 -77.27 -15.69 0.25
N ALA F 52 -75.99 -15.65 -0.15
CA ALA F 52 -75.36 -16.84 -0.71
C ALA F 52 -75.37 -18.00 0.26
N SER F 53 -74.92 -17.76 1.49
CA SER F 53 -74.95 -18.79 2.52
C SER F 53 -76.39 -19.11 2.92
N THR G 2 -15.19 6.75 -7.08
CA THR G 2 -15.36 5.40 -7.60
C THR G 2 -14.99 5.35 -9.08
N MET G 3 -14.13 4.39 -9.43
CA MET G 3 -13.69 4.18 -10.80
C MET G 3 -14.41 2.96 -11.37
N GLN G 4 -15.06 3.14 -12.51
CA GLN G 4 -15.76 2.04 -13.17
C GLN G 4 -15.18 1.77 -14.55
N SAM H . -2.13 10.71 -9.32
CA SAM H . -2.75 9.97 -8.22
C SAM H . -1.82 9.90 -7.02
O SAM H . -2.03 9.11 -6.09
OXT SAM H . -0.81 10.60 -6.95
CB SAM H . -3.14 8.59 -8.71
CG SAM H . -4.47 8.55 -9.47
SD SAM H . -5.78 7.75 -8.51
CE SAM H . -6.16 6.29 -9.52
C5' SAM H . -7.27 8.72 -8.85
C4' SAM H . -7.37 10.04 -8.12
O4' SAM H . -6.50 11.00 -8.69
C3' SAM H . -8.79 10.59 -8.20
O3' SAM H . -9.44 10.54 -6.96
C2' SAM H . -8.67 12.01 -8.70
O2' SAM H . -9.06 12.92 -7.68
C1' SAM H . -7.20 12.18 -9.07
N9 SAM H . -7.08 12.34 -10.52
C8 SAM H . -7.01 11.31 -11.43
N7 SAM H . -6.91 11.83 -12.67
C5 SAM H . -6.93 13.17 -12.58
C6 SAM H . -6.87 14.16 -13.55
N6 SAM H . -6.77 13.80 -14.82
N1 SAM H . -6.91 15.48 -13.18
C2 SAM H . -7.02 15.81 -11.84
N3 SAM H . -7.08 14.83 -10.88
C4 SAM H . -7.04 13.52 -11.24
HN1 SAM H . -1.46 11.19 -9.08
HA SAM H . -3.56 10.44 -7.94
HB1 SAM H . -2.35 8.22 -9.36
HB2 SAM H . -3.21 7.92 -7.85
HG1 SAM H . -4.77 9.57 -9.71
HG2 SAM H . -4.33 8.02 -10.42
HE1 SAM H . -5.98 5.39 -8.93
HE2 SAM H . -7.21 6.33 -9.82
HE3 SAM H . -5.53 6.29 -10.41
H5'1 SAM H . -7.32 8.91 -9.92
H5'2 SAM H . -8.14 8.11 -8.59
H4' SAM H . -7.11 9.89 -7.08
H3' SAM H . -9.35 10.01 -8.94
HO3' SAM H . -9.67 11.44 -6.67
H2' SAM H . -9.28 12.14 -9.58
HO2' SAM H . -8.31 13.48 -7.43
H1' SAM H . -6.79 13.05 -8.55
H8 SAM H . -7.02 10.26 -11.18
HN61 SAM H . -6.73 12.82 -15.08
HN62 SAM H . -6.73 14.51 -15.54
H2 SAM H . -7.05 16.86 -11.54
ZN ZN I . -10.39 15.35 -19.88
#